data_2JH3
#
_entry.id   2JH3
#
_cell.length_a   124.780
_cell.length_b   128.690
_cell.length_c   135.080
_cell.angle_alpha   90.00
_cell.angle_beta   90.00
_cell.angle_gamma   90.00
#
_symmetry.space_group_name_H-M   'P 21 21 21'
#
loop_
_entity.id
_entity.type
_entity.pdbx_description
1 polymer 'RIBOSOMAL PROTEIN S2-RELATED PROTEIN'
2 non-polymer 'IRON/SULFUR CLUSTER'
3 water water
#
_entity_poly.entity_id   1
_entity_poly.type   'polypeptide(L)'
_entity_poly.pdbx_seq_one_letter_code
;GALRSLVLIGHGSHHHGESARATQQVAEALRGRGLAGHLPYDEVLEGYWQQEPGLRQVLRTVAYSDVTVVPVFLSEGYVT
ETVLPRELGLGHQGPVPTGGVVRVLGGRRVRYTRPLGAHPGMADAIAAQARDTLPEGTDPADVTLLLLAARPGNAALETH
AQALRERGQFAGVEVVLESREALTPESHAASAVPLSEWPSRVEAGQAVLVPFLTHLGKHAAERLQQALAQAAERFPQAPP
LHVGGPVGEHPAVAEVVLALAAEGREDERGGDIDQAHAEAWAALRHLAERGGRLGEVLLTPYGGLFELRHTLDEGRATLD
LQTVVTPEGLRDLTARDEAGRWRPIRTWRTLPRGWRAVLSPADLRLGLELLYPAVIEESYAHEHRRLHWTPWMSTARRQT
GTLARVQRATPDQVDTVAAQVCASCLRTRLWAGHTLGQTIFSGVPGGLPCAEACTVLLAAVRDEVGREAMGSGD
;
_entity_poly.pdbx_strand_id   A,B,C,D
#
# COMPACT_ATOMS: atom_id res chain seq x y z
N GLY A 1 21.37 33.07 35.03
CA GLY A 1 21.11 32.43 33.69
C GLY A 1 21.59 31.00 33.66
N ALA A 2 21.30 30.32 34.77
CA ALA A 2 21.63 28.91 34.98
C ALA A 2 20.31 28.14 34.84
N LEU A 3 20.05 27.59 33.67
CA LEU A 3 18.67 27.14 33.34
C LEU A 3 18.60 25.61 33.37
N ARG A 4 17.57 25.07 34.03
CA ARG A 4 17.44 23.62 34.02
C ARG A 4 16.02 23.06 33.98
N SER A 5 15.92 21.88 33.35
CA SER A 5 14.62 21.20 33.17
C SER A 5 14.54 19.93 34.04
N LEU A 6 13.36 19.68 34.57
CA LEU A 6 13.13 18.42 35.31
C LEU A 6 12.12 17.65 34.48
N VAL A 7 12.40 16.38 34.23
CA VAL A 7 11.50 15.50 33.53
C VAL A 7 11.11 14.37 34.46
N LEU A 8 9.81 14.27 34.73
CA LEU A 8 9.22 13.12 35.46
C LEU A 8 8.68 12.03 34.53
N ILE A 9 9.05 10.77 34.78
CA ILE A 9 8.67 9.63 33.94
C ILE A 9 7.75 8.68 34.67
N GLY A 10 6.59 8.42 34.07
CA GLY A 10 5.62 7.47 34.63
C GLY A 10 5.46 6.29 33.71
N HIS A 11 4.70 5.34 34.17
CA HIS A 11 4.38 4.14 33.37
C HIS A 11 3.40 4.47 32.16
N GLY A 12 2.29 5.07 32.50
CA GLY A 12 1.19 5.34 31.55
C GLY A 12 0.38 4.10 31.19
N SER A 13 -0.57 4.25 30.25
CA SER A 13 -1.43 3.12 29.82
C SER A 13 -2.09 3.43 28.50
N HIS A 14 -2.38 2.36 27.75
CA HIS A 14 -3.23 2.48 26.59
C HIS A 14 -4.67 2.64 26.99
N HIS A 15 -5.04 2.21 28.20
CA HIS A 15 -6.48 2.13 28.51
C HIS A 15 -6.99 2.83 29.75
N HIS A 16 -6.11 3.09 30.70
CA HIS A 16 -6.56 3.56 32.01
C HIS A 16 -5.81 4.78 32.45
N GLY A 17 -6.51 5.76 32.99
CA GLY A 17 -5.87 7.01 33.43
C GLY A 17 -5.14 7.11 34.78
N GLU A 18 -5.19 6.09 35.65
CA GLU A 18 -4.60 6.27 37.01
C GLU A 18 -3.11 6.24 36.95
N SER A 19 -2.64 5.54 35.93
CA SER A 19 -1.29 5.06 35.80
C SER A 19 -0.35 6.18 35.40
N ALA A 20 -0.98 7.36 35.14
CA ALA A 20 -0.40 8.66 34.79
C ALA A 20 -0.77 9.77 35.75
N ARG A 21 -1.92 9.67 36.41
CA ARG A 21 -2.33 10.69 37.41
C ARG A 21 -1.33 10.96 38.54
N ALA A 22 -0.65 9.94 39.05
CA ALA A 22 0.43 10.16 40.03
C ALA A 22 1.54 11.07 39.52
N THR A 23 2.03 10.75 38.34
CA THR A 23 3.06 11.55 37.72
C THR A 23 2.54 12.98 37.47
N GLN A 24 1.30 13.10 36.98
CA GLN A 24 0.71 14.38 36.67
C GLN A 24 0.47 15.18 37.86
N GLN A 25 0.13 14.50 39.00
CA GLN A 25 -0.12 15.17 40.29
C GLN A 25 1.20 15.80 40.80
N VAL A 26 2.31 15.03 40.79
CA VAL A 26 3.56 15.54 41.28
C VAL A 26 4.03 16.69 40.39
N ALA A 27 3.98 16.49 39.07
CA ALA A 27 4.46 17.51 38.11
C ALA A 27 3.75 18.83 38.31
N GLU A 28 2.44 18.76 38.41
CA GLU A 28 1.64 19.94 38.62
C GLU A 28 1.97 20.61 39.98
N ALA A 29 2.19 19.84 41.06
CA ALA A 29 2.51 20.43 42.36
C ALA A 29 3.84 21.24 42.33
N LEU A 30 4.82 20.67 41.64
CA LEU A 30 6.13 21.21 41.53
C LEU A 30 6.14 22.43 40.60
N ARG A 31 5.31 22.45 39.57
CA ARG A 31 5.19 23.68 38.76
C ARG A 31 4.59 24.84 39.55
N GLY A 32 3.61 24.55 40.39
CA GLY A 32 3.01 25.55 41.28
C GLY A 32 4.06 26.24 42.16
N ARG A 33 4.97 25.45 42.74
CA ARG A 33 6.09 25.95 43.57
C ARG A 33 7.09 26.80 42.77
N GLY A 34 7.37 26.39 41.52
CA GLY A 34 8.30 27.10 40.63
C GLY A 34 7.82 28.51 40.31
N LEU A 35 6.52 28.76 40.43
CA LEU A 35 5.96 30.13 40.31
C LEU A 35 6.08 30.89 41.64
N ALA A 36 5.82 30.20 42.73
CA ALA A 36 6.07 30.77 44.04
C ALA A 36 7.60 31.09 44.28
N GLY A 37 8.43 30.89 43.23
CA GLY A 37 9.90 31.03 43.29
C GLY A 37 10.65 29.86 43.92
N HIS A 38 9.92 28.92 44.51
CA HIS A 38 10.51 27.89 45.33
C HIS A 38 10.75 26.62 44.53
N LEU A 39 11.45 26.73 43.39
CA LEU A 39 11.88 25.52 42.63
C LEU A 39 13.26 25.71 42.01
N PRO A 40 14.18 24.75 42.20
CA PRO A 40 15.47 24.76 41.50
C PRO A 40 15.45 24.32 40.01
N TYR A 41 14.29 24.42 39.35
CA TYR A 41 14.12 23.99 37.94
C TYR A 41 13.28 25.03 37.28
N ASP A 42 13.57 25.30 36.01
CA ASP A 42 12.80 26.31 35.25
C ASP A 42 11.59 25.78 34.48
N GLU A 43 11.43 24.46 34.43
CA GLU A 43 10.29 23.79 33.87
C GLU A 43 10.23 22.35 34.41
N VAL A 44 9.01 21.80 34.37
CA VAL A 44 8.74 20.41 34.77
C VAL A 44 7.91 19.76 33.66
N LEU A 45 8.47 18.72 33.09
CA LEU A 45 7.85 18.02 32.00
C LEU A 45 7.53 16.57 32.40
N GLU A 46 6.71 15.92 31.57
CA GLU A 46 6.27 14.54 31.80
C GLU A 46 6.65 13.66 30.65
N GLY A 47 6.97 12.42 30.95
CA GLY A 47 7.04 11.41 29.93
C GLY A 47 6.53 10.05 30.42
N TYR A 48 6.13 9.20 29.48
CA TYR A 48 5.53 7.92 29.87
C TYR A 48 6.05 6.79 29.00
N TRP A 49 6.06 5.59 29.54
CA TRP A 49 6.40 4.44 28.77
C TRP A 49 5.27 4.11 27.76
N GLN A 50 4.02 4.09 28.23
CA GLN A 50 2.90 3.53 27.48
C GLN A 50 1.91 4.57 26.93
N GLN A 51 2.27 5.85 26.97
CA GLN A 51 1.44 6.90 26.38
C GLN A 51 2.23 8.13 26.07
N GLU A 52 1.63 9.06 25.32
CA GLU A 52 2.29 10.34 25.01
C GLU A 52 2.12 11.31 26.19
N PRO A 53 3.13 12.17 26.45
CA PRO A 53 4.44 12.26 25.81
C PRO A 53 5.23 11.02 26.10
N GLY A 54 5.81 10.44 25.08
CA GLY A 54 6.45 9.15 25.19
C GLY A 54 7.93 9.33 25.49
N LEU A 55 8.58 8.23 25.89
CA LEU A 55 10.02 8.25 26.19
C LEU A 55 10.90 8.65 24.99
N ARG A 56 10.44 8.31 23.79
CA ARG A 56 11.11 8.70 22.56
C ARG A 56 10.94 10.15 22.19
N GLN A 57 10.00 10.83 22.82
CA GLN A 57 9.62 12.18 22.48
C GLN A 57 10.12 13.16 23.52
N VAL A 58 10.11 12.75 24.78
CA VAL A 58 10.24 13.72 25.89
C VAL A 58 11.51 14.60 25.83
N LEU A 59 12.65 14.08 25.38
CA LEU A 59 13.86 14.91 25.43
C LEU A 59 13.89 16.01 24.37
N ARG A 60 13.16 15.79 23.28
CA ARG A 60 12.99 16.80 22.21
C ARG A 60 12.05 17.93 22.67
N THR A 61 11.28 17.69 23.72
CA THR A 61 10.42 18.70 24.23
C THR A 61 11.07 19.61 25.28
N VAL A 62 12.30 19.30 25.72
CA VAL A 62 12.86 20.03 26.86
C VAL A 62 13.52 21.32 26.36
N ALA A 63 13.28 22.37 27.10
CA ALA A 63 13.58 23.68 26.71
C ALA A 63 15.05 24.05 26.92
N TYR A 64 15.70 23.37 27.87
CA TYR A 64 17.07 23.68 28.37
C TYR A 64 18.05 22.56 28.13
N SER A 65 19.33 22.87 28.32
CA SER A 65 20.43 22.02 27.89
C SER A 65 20.95 21.18 29.05
N ASP A 66 20.34 21.39 30.20
CA ASP A 66 20.59 20.64 31.43
C ASP A 66 19.30 20.00 31.91
N VAL A 67 19.27 18.68 31.91
CA VAL A 67 18.01 17.95 32.23
C VAL A 67 18.23 16.86 33.27
N THR A 68 17.29 16.78 34.21
CA THR A 68 17.30 15.72 35.24
C THR A 68 16.03 14.92 34.98
N VAL A 69 16.19 13.62 34.86
CA VAL A 69 15.09 12.71 34.58
C VAL A 69 14.89 11.81 35.81
N VAL A 70 13.74 11.97 36.45
CA VAL A 70 13.37 11.09 37.60
C VAL A 70 12.24 10.11 37.25
N PRO A 71 12.48 8.80 37.40
CA PRO A 71 11.42 7.82 37.31
C PRO A 71 10.44 7.76 38.50
N VAL A 72 9.17 8.11 38.25
CA VAL A 72 8.10 7.99 39.24
C VAL A 72 7.58 6.54 39.21
N PHE A 73 8.46 5.64 39.67
CA PHE A 73 8.21 4.22 39.75
C PHE A 73 8.60 3.81 41.18
N LEU A 74 7.79 2.91 41.75
CA LEU A 74 8.00 2.47 43.11
C LEU A 74 8.64 1.11 43.09
N SER A 75 9.57 0.93 42.16
CA SER A 75 10.37 -0.28 42.09
C SER A 75 11.71 0.15 41.52
N GLU A 76 12.68 -0.75 41.60
CA GLU A 76 13.99 -0.50 41.06
C GLU A 76 14.40 -1.84 40.56
N GLY A 77 14.43 -1.98 39.25
CA GLY A 77 14.43 -3.30 38.67
C GLY A 77 14.56 -3.14 37.17
N TYR A 78 14.15 -4.18 36.47
CA TYR A 78 14.34 -4.24 35.02
C TYR A 78 13.78 -3.06 34.25
N VAL A 79 12.59 -2.63 34.62
CA VAL A 79 11.97 -1.52 33.91
C VAL A 79 12.82 -0.25 34.11
N THR A 80 13.19 0.09 35.35
CA THR A 80 13.89 1.36 35.59
C THR A 80 15.38 1.32 35.18
N GLU A 81 15.98 0.14 35.20
CA GLU A 81 17.39 -0.12 34.90
C GLU A 81 17.67 -0.46 33.40
N THR A 82 16.73 -1.13 32.75
CA THR A 82 16.90 -1.52 31.35
C THR A 82 15.93 -0.86 30.35
N VAL A 83 14.64 -0.93 30.60
CA VAL A 83 13.64 -0.46 29.64
C VAL A 83 13.68 1.04 29.48
N LEU A 84 13.59 1.82 30.57
CA LEU A 84 13.50 3.30 30.42
C LEU A 84 14.75 3.86 29.78
N PRO A 85 15.95 3.44 30.25
CA PRO A 85 17.20 3.88 29.64
C PRO A 85 17.32 3.53 28.16
N ARG A 86 16.89 2.34 27.77
CA ARG A 86 16.87 1.92 26.36
C ARG A 86 15.95 2.78 25.48
N GLU A 87 14.75 3.10 25.96
CA GLU A 87 13.84 3.90 25.18
C GLU A 87 14.27 5.38 25.14
N LEU A 88 14.77 5.85 26.27
CA LEU A 88 15.33 7.19 26.32
C LEU A 88 16.58 7.31 25.50
N GLY A 89 17.27 6.21 25.21
CA GLY A 89 18.53 6.26 24.45
C GLY A 89 19.75 6.58 25.28
N LEU A 90 19.75 6.13 26.54
CA LEU A 90 20.81 6.54 27.48
C LEU A 90 22.08 5.71 27.42
N GLY A 91 22.02 4.54 26.80
CA GLY A 91 23.21 3.66 26.66
C GLY A 91 23.65 3.17 28.03
N HIS A 92 22.73 2.55 28.75
CA HIS A 92 22.94 2.09 30.13
C HIS A 92 22.02 0.94 30.44
N GLN A 93 22.55 -0.05 31.11
CA GLN A 93 21.70 -1.06 31.70
C GLN A 93 22.17 -1.41 33.08
N GLY A 94 21.30 -2.02 33.86
CA GLY A 94 21.62 -2.37 35.27
C GLY A 94 21.59 -1.22 36.28
N PRO A 95 22.03 -1.51 37.50
CA PRO A 95 22.00 -0.62 38.63
C PRO A 95 22.38 0.78 38.32
N VAL A 96 21.50 1.70 38.68
CA VAL A 96 21.79 3.12 38.65
C VAL A 96 22.23 3.53 40.08
N PRO A 97 23.41 4.13 40.18
CA PRO A 97 23.93 4.50 41.50
C PRO A 97 23.32 5.75 41.99
N THR A 98 23.38 5.98 43.30
CA THR A 98 22.92 7.24 43.89
C THR A 98 23.59 8.36 43.12
N GLY A 99 22.85 9.41 42.77
CA GLY A 99 23.45 10.47 41.99
C GLY A 99 23.33 10.38 40.46
N GLY A 100 22.93 9.21 39.96
CA GLY A 100 22.47 9.08 38.58
C GLY A 100 23.52 8.68 37.56
N VAL A 101 23.03 8.48 36.35
CA VAL A 101 23.78 8.22 35.13
C VAL A 101 23.74 9.50 34.30
N VAL A 102 24.93 9.98 33.93
CA VAL A 102 25.07 11.23 33.21
C VAL A 102 25.48 10.93 31.76
N ARG A 103 24.81 11.56 30.79
CA ARG A 103 25.10 11.38 29.37
C ARG A 103 24.98 12.74 28.65
N VAL A 104 25.74 12.88 27.56
CA VAL A 104 25.48 13.98 26.65
C VAL A 104 24.72 13.35 25.50
N LEU A 105 23.45 13.74 25.35
CA LEU A 105 22.71 13.32 24.20
C LEU A 105 21.89 14.45 23.60
N GLY A 106 21.84 14.47 22.26
CA GLY A 106 21.60 15.71 21.51
C GLY A 106 22.60 16.77 21.97
N GLY A 107 22.15 18.01 22.12
CA GLY A 107 22.99 19.01 22.82
C GLY A 107 22.97 18.99 24.36
N ARG A 108 22.11 18.18 24.92
CA ARG A 108 21.78 18.21 26.34
C ARG A 108 22.66 17.30 27.21
N ARG A 109 22.97 17.81 28.40
CA ARG A 109 23.42 17.01 29.51
C ARG A 109 22.22 16.47 30.28
N VAL A 110 22.08 15.16 30.29
CA VAL A 110 20.99 14.46 30.91
C VAL A 110 21.56 13.65 32.07
N ARG A 111 20.94 13.81 33.23
CA ARG A 111 21.17 12.94 34.42
C ARG A 111 19.88 12.16 34.72
N TYR A 112 20.00 10.85 34.66
CA TYR A 112 18.95 9.88 34.94
C TYR A 112 19.14 9.36 36.37
N THR A 113 18.14 9.63 37.22
CA THR A 113 18.27 9.27 38.64
C THR A 113 17.73 7.85 38.93
N ARG A 114 17.96 7.44 40.18
CA ARG A 114 17.33 6.28 40.74
C ARG A 114 15.88 6.59 40.81
N PRO A 115 15.07 5.54 40.83
CA PRO A 115 13.65 5.73 40.95
C PRO A 115 13.12 6.19 42.29
N LEU A 116 11.97 6.84 42.24
CA LEU A 116 11.26 7.37 43.44
C LEU A 116 11.29 6.34 44.53
N GLY A 117 10.97 5.10 44.15
CA GLY A 117 10.83 4.01 45.12
C GLY A 117 12.11 3.71 45.84
N ALA A 118 13.25 4.03 45.26
CA ALA A 118 14.57 3.80 45.91
C ALA A 118 15.01 4.84 46.97
N HIS A 119 14.43 6.02 46.93
CA HIS A 119 14.88 7.08 47.82
C HIS A 119 14.39 6.89 49.29
N PRO A 120 15.33 7.08 50.24
CA PRO A 120 14.96 6.91 51.67
C PRO A 120 13.86 7.81 52.18
N GLY A 121 13.64 8.96 51.53
CA GLY A 121 12.52 9.80 51.78
C GLY A 121 11.15 9.13 51.66
N MET A 122 11.08 7.99 50.98
CA MET A 122 9.81 7.31 50.80
C MET A 122 9.26 6.78 52.12
N ALA A 123 10.10 6.42 53.06
CA ALA A 123 9.67 6.07 54.47
C ALA A 123 8.82 7.16 55.15
N ASP A 124 9.26 8.42 54.99
CA ASP A 124 8.48 9.58 55.46
C ASP A 124 7.14 9.74 54.80
N ALA A 125 7.13 9.53 53.47
CA ALA A 125 5.89 9.61 52.71
C ALA A 125 4.90 8.48 53.14
N ILE A 126 5.44 7.28 53.34
CA ILE A 126 4.66 6.13 53.82
C ILE A 126 4.07 6.42 55.23
N ALA A 127 4.92 6.79 56.19
CA ALA A 127 4.46 7.27 57.52
C ALA A 127 3.42 8.37 57.45
N ALA A 128 3.60 9.31 56.55
CA ALA A 128 2.63 10.40 56.52
C ALA A 128 1.27 9.93 56.06
N GLN A 129 1.24 9.13 55.01
CA GLN A 129 0.02 8.52 54.51
C GLN A 129 -0.61 7.67 55.64
N ALA A 130 0.21 6.93 56.37
CA ALA A 130 -0.30 6.07 57.45
C ALA A 130 -1.03 6.94 58.48
N ARG A 131 -0.36 8.01 58.92
CA ARG A 131 -0.92 8.89 59.95
C ARG A 131 -2.17 9.54 59.47
N ASP A 132 -2.19 9.93 58.21
CA ASP A 132 -3.38 10.60 57.66
C ASP A 132 -4.56 9.65 57.57
N THR A 133 -4.27 8.36 57.48
CA THR A 133 -5.29 7.35 57.29
C THR A 133 -6.01 6.97 58.62
N LEU A 134 -5.31 7.09 59.75
CA LEU A 134 -5.90 6.84 61.09
C LEU A 134 -7.04 7.79 61.48
N PRO A 135 -8.00 7.31 62.31
CA PRO A 135 -9.06 8.18 62.83
C PRO A 135 -8.31 9.20 63.63
N GLU A 136 -8.57 10.48 63.38
CA GLU A 136 -7.48 11.46 63.58
C GLU A 136 -7.12 11.66 65.05
N GLY A 137 -7.94 11.12 65.97
CA GLY A 137 -7.50 10.95 67.35
C GLY A 137 -6.37 9.96 67.60
N THR A 138 -6.19 8.98 66.71
CA THR A 138 -5.46 7.73 67.05
C THR A 138 -3.97 7.91 67.34
N ASP A 139 -3.41 7.07 68.21
CA ASP A 139 -2.00 7.11 68.51
C ASP A 139 -1.29 6.02 67.77
N PRO A 140 -0.38 6.38 66.84
CA PRO A 140 0.46 5.46 66.02
C PRO A 140 1.08 4.26 66.73
N ALA A 141 1.53 4.44 67.96
CA ALA A 141 2.21 3.34 68.66
C ALA A 141 1.22 2.21 69.00
N ASP A 142 -0.08 2.54 68.96
CA ASP A 142 -1.17 1.53 69.00
C ASP A 142 -1.45 0.78 67.66
N VAL A 143 -0.72 1.11 66.57
CA VAL A 143 -1.04 0.63 65.22
C VAL A 143 0.11 -0.15 64.53
N THR A 144 -0.19 -1.33 63.98
CA THR A 144 0.76 -2.03 63.10
C THR A 144 0.55 -1.51 61.68
N LEU A 145 1.71 -1.25 61.06
CA LEU A 145 1.84 -0.61 59.75
C LEU A 145 2.01 -1.72 58.76
N LEU A 146 1.07 -1.88 57.86
CA LEU A 146 1.19 -2.90 56.83
C LEU A 146 1.46 -2.20 55.48
N LEU A 147 2.44 -2.71 54.74
CA LEU A 147 2.87 -2.15 53.46
C LEU A 147 2.57 -3.17 52.36
N LEU A 148 1.67 -2.81 51.44
CA LEU A 148 1.31 -3.69 50.32
C LEU A 148 2.24 -3.55 49.09
N ALA A 149 2.96 -4.62 48.73
CA ALA A 149 3.67 -4.71 47.45
C ALA A 149 2.88 -5.41 46.35
N ALA A 150 3.12 -5.00 45.11
CA ALA A 150 2.40 -5.53 43.94
C ALA A 150 2.79 -6.95 43.64
N ARG A 151 4.08 -7.18 43.71
CA ARG A 151 4.77 -8.42 43.39
C ARG A 151 5.81 -8.66 44.50
N PRO A 152 6.18 -9.92 44.65
CA PRO A 152 7.04 -10.46 45.71
C PRO A 152 8.39 -9.88 45.95
N GLY A 153 9.19 -9.57 44.93
CA GLY A 153 10.60 -9.20 45.18
C GLY A 153 10.91 -7.70 45.30
N ASN A 154 10.06 -6.93 46.00
CA ASN A 154 10.32 -5.48 46.17
C ASN A 154 11.30 -5.16 47.31
N ALA A 155 12.56 -5.40 46.98
CA ALA A 155 13.67 -5.18 47.87
C ALA A 155 13.75 -3.76 48.36
N ALA A 156 13.36 -2.79 47.55
CA ALA A 156 13.40 -1.38 47.99
C ALA A 156 12.40 -1.15 49.10
N LEU A 157 11.21 -1.73 48.97
CA LEU A 157 10.21 -1.56 50.01
C LEU A 157 10.65 -2.20 51.33
N GLU A 158 11.30 -3.35 51.23
CA GLU A 158 11.90 -4.03 52.40
C GLU A 158 12.93 -3.11 53.10
N THR A 159 13.71 -2.39 52.32
CA THR A 159 14.63 -1.41 52.94
C THR A 159 13.87 -0.37 53.74
N HIS A 160 12.84 0.22 53.15
CA HIS A 160 12.01 1.17 53.86
C HIS A 160 11.26 0.60 55.08
N ALA A 161 10.76 -0.63 54.93
CA ALA A 161 10.03 -1.30 56.04
C ALA A 161 10.96 -1.34 57.27
N GLN A 162 12.25 -1.64 57.04
CA GLN A 162 13.21 -1.67 58.16
C GLN A 162 13.54 -0.29 58.77
N ALA A 163 13.67 0.76 57.95
CA ALA A 163 13.83 2.08 58.51
C ALA A 163 12.63 2.51 59.34
N LEU A 164 11.44 2.06 58.99
CA LEU A 164 10.28 2.55 59.70
C LEU A 164 10.14 1.82 61.06
N ARG A 165 10.68 0.61 61.13
CA ARG A 165 10.75 -0.13 62.40
C ARG A 165 11.64 0.67 63.36
N GLU A 166 12.83 1.02 62.89
CA GLU A 166 13.76 1.78 63.72
C GLU A 166 13.20 3.14 64.19
N ARG A 167 12.62 3.93 63.31
CA ARG A 167 11.88 5.10 63.81
C ARG A 167 10.92 4.78 64.99
N GLY A 168 10.17 3.68 64.90
CA GLY A 168 9.35 3.19 66.02
C GLY A 168 8.06 3.92 66.28
N GLN A 169 7.64 4.79 65.39
CA GLN A 169 6.38 5.48 65.63
C GLN A 169 5.17 4.51 65.70
N PHE A 170 5.35 3.31 65.14
CA PHE A 170 4.24 2.35 65.00
C PHE A 170 4.56 1.12 65.80
N ALA A 171 3.51 0.36 66.07
CA ALA A 171 3.60 -0.91 66.83
C ALA A 171 4.47 -1.92 66.16
N GLY A 172 4.40 -2.01 64.84
CA GLY A 172 5.36 -2.81 64.11
C GLY A 172 5.20 -2.51 62.61
N VAL A 173 6.06 -3.13 61.80
CA VAL A 173 6.00 -2.96 60.33
C VAL A 173 6.18 -4.27 59.58
N GLU A 174 5.19 -4.59 58.76
CA GLU A 174 5.22 -5.80 57.88
C GLU A 174 4.84 -5.49 56.41
N VAL A 175 5.52 -6.15 55.47
CA VAL A 175 5.18 -6.16 54.04
C VAL A 175 4.20 -7.30 53.76
N VAL A 176 3.17 -7.05 52.97
CA VAL A 176 2.25 -8.08 52.50
C VAL A 176 2.05 -7.90 50.98
N LEU A 177 1.59 -8.95 50.30
CA LEU A 177 1.55 -8.97 48.84
C LEU A 177 0.16 -8.93 48.27
N GLU A 178 0.03 -8.19 47.16
CA GLU A 178 -1.18 -8.25 46.36
C GLU A 178 -1.49 -9.71 45.99
N SER A 179 -2.77 -10.06 45.85
CA SER A 179 -3.10 -11.44 45.45
C SER A 179 -2.56 -11.81 44.02
N ARG A 180 -1.99 -13.02 43.89
CA ARG A 180 -1.63 -13.57 42.55
C ARG A 180 -2.85 -13.64 41.58
N GLU A 181 -2.56 -13.78 40.28
CA GLU A 181 -3.61 -13.78 39.23
C GLU A 181 -3.19 -14.68 38.06
N SER A 191 9.39 -14.54 50.93
CA SER A 191 8.10 -15.07 51.34
C SER A 191 7.46 -14.19 52.41
N ALA A 192 7.09 -12.97 52.02
CA ALA A 192 6.14 -12.11 52.76
C ALA A 192 4.74 -12.66 52.47
N VAL A 193 3.80 -12.35 53.34
CA VAL A 193 2.60 -13.15 53.39
C VAL A 193 1.64 -12.44 52.47
N PRO A 194 0.72 -13.18 51.85
CA PRO A 194 -0.25 -12.44 51.06
C PRO A 194 -1.08 -11.57 51.97
N LEU A 195 -1.66 -10.54 51.39
CA LEU A 195 -2.60 -9.70 52.12
C LEU A 195 -3.79 -10.47 52.71
N SER A 196 -4.22 -11.55 52.04
CA SER A 196 -5.30 -12.42 52.52
C SER A 196 -4.93 -13.15 53.82
N GLU A 197 -3.67 -13.07 54.24
CA GLU A 197 -3.21 -13.60 55.50
C GLU A 197 -2.72 -12.48 56.46
N TRP A 198 -3.11 -11.25 56.25
CA TRP A 198 -2.47 -10.13 56.99
C TRP A 198 -2.53 -10.20 58.52
N PRO A 199 -3.66 -10.65 59.12
CA PRO A 199 -3.68 -10.71 60.58
C PRO A 199 -2.61 -11.66 61.21
N SER A 200 -2.07 -12.62 60.43
CA SER A 200 -0.95 -13.46 60.86
C SER A 200 0.33 -12.66 61.16
N ARG A 201 0.35 -11.39 60.77
CA ARG A 201 1.53 -10.53 60.95
C ARG A 201 1.25 -9.34 61.84
N VAL A 202 0.18 -9.36 62.59
CA VAL A 202 -0.17 -8.19 63.39
C VAL A 202 -0.42 -8.68 64.80
N GLU A 203 0.30 -8.06 65.74
CA GLU A 203 0.17 -8.36 67.16
C GLU A 203 -0.37 -7.18 67.97
N ALA A 204 -0.49 -6.01 67.36
CA ALA A 204 -1.19 -4.89 67.97
C ALA A 204 -2.70 -5.03 67.84
N GLY A 205 -3.43 -4.19 68.55
CA GLY A 205 -4.87 -4.18 68.50
C GLY A 205 -5.47 -3.40 67.37
N GLN A 206 -4.62 -2.76 66.55
CA GLN A 206 -5.06 -2.12 65.29
C GLN A 206 -3.96 -2.20 64.23
N ALA A 207 -4.41 -1.96 62.99
CA ALA A 207 -3.51 -1.98 61.82
C ALA A 207 -3.90 -0.92 60.81
N VAL A 208 -2.90 -0.44 60.06
CA VAL A 208 -3.12 0.50 58.92
C VAL A 208 -2.37 -0.02 57.64
N LEU A 209 -3.12 -0.10 56.55
CA LEU A 209 -2.55 -0.60 55.33
C LEU A 209 -2.21 0.58 54.41
N VAL A 210 -0.94 0.65 54.04
CA VAL A 210 -0.46 1.57 53.00
C VAL A 210 0.07 0.78 51.78
N PRO A 211 -0.68 0.85 50.69
CA PRO A 211 -0.23 0.40 49.41
C PRO A 211 0.98 1.17 48.86
N PHE A 212 2.08 0.45 48.67
CA PHE A 212 3.34 1.03 48.08
C PHE A 212 3.20 0.99 46.55
N LEU A 213 2.24 1.77 46.05
CA LEU A 213 1.83 1.81 44.65
C LEU A 213 1.72 3.27 44.20
N THR A 214 1.99 3.54 42.92
CA THR A 214 1.71 4.88 42.41
C THR A 214 0.23 5.09 42.35
N HIS A 215 -0.50 4.04 41.99
CA HIS A 215 -1.96 4.13 41.82
C HIS A 215 -2.57 2.79 42.09
N LEU A 216 -3.91 2.79 42.08
CA LEU A 216 -4.67 1.57 42.22
C LEU A 216 -5.81 1.57 41.22
N GLY A 217 -5.64 0.78 40.17
CA GLY A 217 -6.68 0.61 39.18
C GLY A 217 -7.86 -0.12 39.78
N LYS A 218 -8.94 -0.18 39.01
CA LYS A 218 -10.21 -0.72 39.50
C LYS A 218 -10.14 -2.24 39.61
N HIS A 219 -9.41 -2.86 38.70
CA HIS A 219 -9.15 -4.29 38.81
C HIS A 219 -8.43 -4.57 40.13
N ALA A 220 -7.22 -4.02 40.28
CA ALA A 220 -6.40 -4.21 41.50
C ALA A 220 -7.11 -3.80 42.78
N ALA A 221 -8.01 -2.85 42.70
CA ALA A 221 -8.78 -2.42 43.87
C ALA A 221 -9.82 -3.46 44.33
N GLU A 222 -10.54 -4.08 43.38
CA GLU A 222 -11.41 -5.23 43.63
C GLU A 222 -10.67 -6.43 44.22
N ARG A 223 -9.48 -6.70 43.72
CA ARG A 223 -8.63 -7.79 44.22
C ARG A 223 -8.10 -7.55 45.64
N LEU A 224 -7.92 -6.29 46.00
CA LEU A 224 -7.48 -5.89 47.33
C LEU A 224 -8.65 -6.06 48.28
N GLN A 225 -9.84 -5.60 47.86
CA GLN A 225 -11.05 -5.85 48.59
C GLN A 225 -11.36 -7.35 48.80
N GLN A 226 -11.12 -8.11 47.74
CA GLN A 226 -11.26 -9.57 47.74
C GLN A 226 -10.35 -10.22 48.78
N ALA A 227 -9.11 -9.74 48.85
CA ALA A 227 -8.10 -10.34 49.76
C ALA A 227 -8.48 -10.05 51.22
N LEU A 228 -8.95 -8.83 51.43
CA LEU A 228 -9.37 -8.37 52.74
C LEU A 228 -10.60 -9.18 53.27
N ALA A 229 -11.47 -9.62 52.37
CA ALA A 229 -12.63 -10.48 52.70
C ALA A 229 -12.21 -11.86 53.11
N GLN A 230 -11.22 -12.41 52.42
CA GLN A 230 -10.60 -13.65 52.78
C GLN A 230 -9.89 -13.57 54.10
N ALA A 231 -9.07 -12.54 54.33
CA ALA A 231 -8.47 -12.37 55.65
C ALA A 231 -9.54 -12.35 56.76
N ALA A 232 -10.61 -11.59 56.53
CA ALA A 232 -11.63 -11.44 57.58
C ALA A 232 -12.32 -12.79 57.95
N GLU A 233 -12.53 -13.68 56.97
CA GLU A 233 -13.07 -15.04 57.28
C GLU A 233 -12.09 -15.96 57.93
N ARG A 234 -10.87 -15.98 57.44
CA ARG A 234 -9.86 -16.86 57.95
C ARG A 234 -9.47 -16.45 59.34
N PHE A 235 -9.73 -15.18 59.69
CA PHE A 235 -9.21 -14.57 60.93
C PHE A 235 -10.32 -13.73 61.50
N PRO A 236 -11.40 -14.38 61.98
CA PRO A 236 -12.57 -13.67 62.47
C PRO A 236 -12.19 -12.78 63.67
N GLN A 237 -11.12 -13.12 64.36
CA GLN A 237 -10.59 -12.33 65.48
C GLN A 237 -9.67 -11.14 65.10
N ALA A 238 -9.46 -10.92 63.79
CA ALA A 238 -8.53 -9.82 63.33
C ALA A 238 -8.94 -8.48 63.93
N PRO A 239 -7.95 -7.57 64.26
CA PRO A 239 -8.28 -6.21 64.72
C PRO A 239 -8.76 -5.32 63.59
N PRO A 240 -9.22 -4.09 63.93
CA PRO A 240 -9.72 -3.20 62.87
C PRO A 240 -8.55 -2.76 61.94
N LEU A 241 -8.82 -2.73 60.64
CA LEU A 241 -7.82 -2.32 59.62
C LEU A 241 -8.26 -1.03 58.99
N HIS A 242 -7.45 0.01 59.12
CA HIS A 242 -7.66 1.21 58.32
C HIS A 242 -6.89 1.15 56.97
N VAL A 243 -7.62 1.31 55.88
CA VAL A 243 -7.02 1.24 54.57
C VAL A 243 -6.81 2.62 53.90
N GLY A 244 -5.53 2.88 53.65
CA GLY A 244 -5.05 4.11 53.01
C GLY A 244 -5.03 3.88 51.51
N GLY A 245 -5.05 5.00 50.80
CA GLY A 245 -4.82 5.02 49.38
C GLY A 245 -3.34 4.85 49.14
N PRO A 246 -2.95 4.67 47.87
CA PRO A 246 -1.61 4.45 47.39
C PRO A 246 -0.75 5.59 47.75
N VAL A 247 0.47 5.31 48.17
CA VAL A 247 1.34 6.32 48.70
C VAL A 247 1.70 7.33 47.61
N GLY A 248 1.70 6.84 46.36
CA GLY A 248 2.05 7.64 45.19
C GLY A 248 1.15 8.85 45.05
N GLU A 249 -0.01 8.84 45.71
CA GLU A 249 -0.93 9.93 45.56
C GLU A 249 -0.80 10.97 46.71
N HIS A 250 0.12 10.75 47.63
CA HIS A 250 0.29 11.62 48.76
C HIS A 250 1.17 12.89 48.43
N PRO A 251 0.80 14.08 48.92
CA PRO A 251 1.60 15.25 48.51
C PRO A 251 3.06 15.18 48.93
N ALA A 252 3.35 14.31 49.89
CA ALA A 252 4.70 14.20 50.39
C ALA A 252 5.65 13.63 49.35
N VAL A 253 5.13 12.99 48.32
CA VAL A 253 6.05 12.41 47.29
C VAL A 253 6.79 13.49 46.52
N ALA A 254 6.24 14.69 46.44
CA ALA A 254 6.91 15.79 45.69
C ALA A 254 8.23 16.14 46.31
N GLU A 255 8.27 16.13 47.64
CA GLU A 255 9.52 16.39 48.35
C GLU A 255 10.56 15.32 48.15
N VAL A 256 10.13 14.07 47.98
CA VAL A 256 11.09 13.01 47.71
C VAL A 256 11.71 13.15 46.30
N VAL A 257 10.88 13.43 45.33
CA VAL A 257 11.32 13.69 43.94
C VAL A 257 12.39 14.78 43.88
N LEU A 258 12.12 15.88 44.58
CA LEU A 258 13.08 17.00 44.72
C LEU A 258 14.42 16.58 45.32
N ALA A 259 14.36 15.77 46.37
CA ALA A 259 15.55 15.22 47.00
C ALA A 259 16.30 14.33 46.09
N LEU A 260 15.61 13.49 45.33
CA LEU A 260 16.25 12.67 44.30
C LEU A 260 16.91 13.48 43.19
N ALA A 261 16.21 14.46 42.67
CA ALA A 261 16.76 15.36 41.66
C ALA A 261 18.05 16.05 42.12
N ALA A 262 18.09 16.44 43.39
CA ALA A 262 19.21 17.19 43.93
C ALA A 262 20.43 16.32 44.17
N GLU A 263 20.25 15.12 44.73
CA GLU A 263 21.38 14.17 44.96
C GLU A 263 22.26 14.04 43.75
N GLY A 264 23.54 14.33 43.88
CA GLY A 264 24.48 14.05 42.82
C GLY A 264 24.59 15.15 41.80
N ARG A 265 23.81 16.24 41.86
CA ARG A 265 24.09 17.30 40.90
C ARG A 265 25.49 17.86 41.24
N GLU A 266 26.52 17.27 40.55
CA GLU A 266 28.03 17.45 40.58
C GLU A 266 28.39 18.90 40.62
N ASP A 267 27.46 19.63 40.14
CA ASP A 267 27.47 20.83 40.20
C ASP A 267 26.24 21.72 40.36
N GLU A 268 26.46 23.02 40.52
CA GLU A 268 25.36 23.94 40.68
C GLU A 268 25.37 24.98 39.57
N ARG A 269 26.02 24.67 38.45
CA ARG A 269 26.16 25.63 37.36
C ARG A 269 24.79 25.91 36.64
N GLY A 270 24.21 24.88 36.02
CA GLY A 270 22.97 25.01 35.24
C GLY A 270 23.25 24.99 33.75
N GLY A 271 22.22 25.17 32.92
CA GLY A 271 22.39 25.13 31.46
C GLY A 271 21.94 26.37 30.72
N ASP A 272 21.75 26.20 29.44
CA ASP A 272 21.31 27.25 28.55
C ASP A 272 20.05 26.87 27.81
N ILE A 273 19.50 27.72 26.95
CA ILE A 273 18.32 27.39 26.16
C ILE A 273 18.77 26.53 25.01
N ASP A 274 18.01 25.48 24.73
CA ASP A 274 18.28 24.68 23.55
C ASP A 274 17.71 25.45 22.35
N GLN A 275 18.54 25.79 21.36
CA GLN A 275 18.13 26.71 20.28
C GLN A 275 17.19 26.11 19.30
N ALA A 276 17.34 24.83 19.01
CA ALA A 276 16.40 24.14 18.13
C ALA A 276 15.00 24.15 18.71
N HIS A 277 14.89 23.73 19.99
CA HIS A 277 13.59 23.82 20.68
C HIS A 277 13.13 25.25 20.67
N ALA A 278 14.00 26.22 20.99
CA ALA A 278 13.52 27.58 21.04
C ALA A 278 13.00 28.08 19.67
N GLU A 279 13.65 27.68 18.59
CA GLU A 279 13.18 28.04 17.25
C GLU A 279 11.77 27.59 16.93
N ALA A 280 11.47 26.33 17.30
CA ALA A 280 10.17 25.74 16.99
C ALA A 280 9.07 26.48 17.73
N TRP A 281 9.37 26.93 18.95
CA TRP A 281 8.35 27.69 19.67
C TRP A 281 8.24 29.11 19.17
N ALA A 282 9.32 29.67 18.62
CA ALA A 282 9.19 30.97 17.91
C ALA A 282 8.28 30.84 16.69
N ALA A 283 8.40 29.74 15.97
CA ALA A 283 7.51 29.49 14.84
C ALA A 283 6.02 29.37 15.28
N LEU A 284 5.84 28.70 16.38
CA LEU A 284 4.47 28.50 16.88
C LEU A 284 3.86 29.83 17.30
N ARG A 285 4.60 30.64 18.08
CA ARG A 285 4.14 32.00 18.47
C ARG A 285 3.72 32.85 17.26
N HIS A 286 4.49 32.77 16.20
CA HIS A 286 4.13 33.45 14.98
C HIS A 286 2.80 32.99 14.39
N LEU A 287 2.67 31.69 14.26
CA LEU A 287 1.41 31.11 13.89
C LEU A 287 0.24 31.48 14.79
N ALA A 288 0.46 31.44 16.11
CA ALA A 288 -0.60 31.78 17.10
C ALA A 288 -1.13 33.22 17.01
N GLU A 289 -0.25 34.28 16.80
CA GLU A 289 -0.73 35.70 16.72
C GLU A 289 -1.55 35.93 15.46
N ARG A 290 -1.38 35.08 14.43
CA ARG A 290 -2.21 35.20 13.27
C ARG A 290 -3.43 34.34 13.31
N GLY A 291 -3.56 33.42 14.27
CA GLY A 291 -4.68 32.54 14.28
C GLY A 291 -4.23 31.39 13.40
N GLY A 292 -4.48 30.17 13.80
CA GLY A 292 -4.12 29.03 12.95
C GLY A 292 -4.84 27.83 13.43
N ARG A 293 -4.65 26.74 12.71
CA ARG A 293 -5.21 25.45 13.03
C ARG A 293 -4.12 24.41 13.12
N LEU A 294 -4.16 23.58 14.16
CA LEU A 294 -3.17 22.55 14.42
C LEU A 294 -3.93 21.28 14.66
N GLY A 295 -3.86 20.30 13.74
CA GLY A 295 -4.67 19.07 13.90
C GLY A 295 -6.12 19.45 13.98
N GLU A 296 -6.77 19.08 15.09
CA GLU A 296 -8.16 19.32 15.33
C GLU A 296 -8.44 20.51 16.25
N VAL A 297 -7.44 21.38 16.40
CA VAL A 297 -7.52 22.55 17.26
C VAL A 297 -7.39 23.87 16.53
N LEU A 298 -8.27 24.79 16.92
CA LEU A 298 -8.34 26.16 16.41
C LEU A 298 -7.68 27.06 17.48
N LEU A 299 -6.63 27.79 17.08
CA LEU A 299 -5.86 28.67 17.97
C LEU A 299 -6.11 30.13 17.51
N THR A 300 -6.71 30.97 18.40
CA THR A 300 -7.23 32.31 18.08
C THR A 300 -6.56 33.30 19.08
N PRO A 301 -6.01 34.42 18.60
CA PRO A 301 -5.62 35.48 19.57
C PRO A 301 -6.90 35.97 20.24
N TYR A 302 -6.84 36.18 21.55
CA TYR A 302 -7.98 36.57 22.37
C TYR A 302 -7.45 37.77 23.21
N GLY A 303 -7.41 38.94 22.59
CA GLY A 303 -6.73 40.13 23.13
C GLY A 303 -5.31 39.81 23.37
N GLY A 304 -4.84 39.97 24.59
CA GLY A 304 -3.53 39.43 24.96
C GLY A 304 -3.36 38.00 25.46
N LEU A 305 -4.42 37.22 25.44
CA LEU A 305 -4.31 35.81 25.73
C LEU A 305 -4.57 35.05 24.38
N PHE A 306 -4.73 33.74 24.52
CA PHE A 306 -5.03 32.91 23.38
C PHE A 306 -6.22 32.05 23.70
N GLU A 307 -7.05 31.80 22.71
CA GLU A 307 -8.15 30.81 22.90
C GLU A 307 -7.90 29.56 22.05
N LEU A 308 -8.05 28.39 22.65
CA LEU A 308 -8.08 27.12 21.91
C LEU A 308 -9.46 26.45 22.01
N ARG A 309 -9.91 25.81 20.93
CA ARG A 309 -11.13 24.99 20.96
C ARG A 309 -11.01 23.98 19.84
N HIS A 310 -11.93 23.02 19.79
CA HIS A 310 -11.92 22.04 18.72
C HIS A 310 -12.35 22.76 17.44
N THR A 311 -11.71 22.46 16.30
CA THR A 311 -12.18 23.00 15.06
C THR A 311 -13.67 22.73 14.70
N LEU A 312 -14.24 21.61 15.11
CA LEU A 312 -15.64 21.34 14.92
C LEU A 312 -16.57 22.31 15.70
N ASP A 313 -16.03 22.89 16.78
CA ASP A 313 -16.71 23.85 17.60
C ASP A 313 -16.44 25.31 17.16
N GLU A 314 -15.73 25.56 16.01
CA GLU A 314 -15.68 26.90 15.47
C GLU A 314 -17.05 27.55 15.43
N GLY A 315 -17.20 28.83 15.82
CA GLY A 315 -18.51 29.50 15.77
C GLY A 315 -19.48 29.18 16.92
N ARG A 316 -19.14 28.23 17.74
CA ARG A 316 -20.07 27.78 18.73
C ARG A 316 -20.11 28.79 19.88
N ALA A 317 -21.31 29.03 20.40
CA ALA A 317 -21.48 29.97 21.48
C ALA A 317 -20.55 29.66 22.67
N THR A 318 -19.84 30.71 23.11
CA THR A 318 -18.82 30.59 24.13
C THR A 318 -19.36 29.97 25.41
N LEU A 319 -20.60 30.34 25.75
CA LEU A 319 -21.26 29.83 26.94
C LEU A 319 -21.73 28.37 26.85
N ASP A 320 -21.73 27.78 25.66
CA ASP A 320 -22.10 26.39 25.42
C ASP A 320 -20.83 25.50 25.62
N LEU A 321 -19.67 26.12 25.84
CA LEU A 321 -18.43 25.39 26.04
C LEU A 321 -17.95 25.40 27.50
N GLN A 322 -17.28 24.33 27.94
CA GLN A 322 -16.65 24.32 29.27
C GLN A 322 -15.29 25.04 29.13
N THR A 323 -15.07 26.07 29.92
CA THR A 323 -13.82 26.87 29.86
C THR A 323 -12.85 26.39 30.86
N VAL A 324 -11.60 26.25 30.43
CA VAL A 324 -10.48 26.06 31.33
C VAL A 324 -9.44 27.08 31.07
N VAL A 325 -8.56 27.26 32.04
CA VAL A 325 -7.64 28.40 31.95
C VAL A 325 -6.22 27.98 32.30
N THR A 326 -5.95 26.67 32.46
CA THR A 326 -4.62 26.15 32.81
C THR A 326 -4.25 25.06 31.79
N PRO A 327 -2.98 24.88 31.50
CA PRO A 327 -2.52 23.74 30.64
C PRO A 327 -2.97 22.40 31.13
N GLU A 328 -2.98 22.26 32.46
CA GLU A 328 -3.35 20.98 33.06
C GLU A 328 -4.84 20.69 32.93
N GLY A 329 -5.66 21.71 33.07
CA GLY A 329 -7.08 21.57 32.79
C GLY A 329 -7.42 21.16 31.36
N LEU A 330 -6.77 21.82 30.42
CA LEU A 330 -6.88 21.47 29.00
C LEU A 330 -6.48 20.03 28.75
N ARG A 331 -5.35 19.60 29.32
CA ARG A 331 -4.86 18.22 29.28
C ARG A 331 -5.88 17.16 29.82
N ASP A 332 -6.44 17.46 30.98
CA ASP A 332 -7.49 16.63 31.56
C ASP A 332 -8.73 16.56 30.63
N LEU A 333 -9.17 17.67 30.07
CA LEU A 333 -10.37 17.65 29.28
C LEU A 333 -10.21 16.94 27.91
N THR A 334 -9.00 16.82 27.44
CA THR A 334 -8.70 16.18 26.15
C THR A 334 -8.07 14.79 26.32
N ALA A 335 -8.03 14.31 27.57
CA ALA A 335 -7.44 13.03 27.88
C ALA A 335 -8.32 11.83 27.43
N ARG A 336 -9.61 12.04 27.26
CA ARG A 336 -10.50 10.97 26.84
C ARG A 336 -11.32 11.44 25.65
N ASP A 337 -11.75 10.46 24.84
CA ASP A 337 -12.62 10.68 23.71
C ASP A 337 -14.07 10.80 24.15
N GLU A 338 -14.95 11.06 23.20
CA GLU A 338 -16.36 11.28 23.51
C GLU A 338 -17.09 10.06 24.07
N ALA A 339 -16.47 8.88 23.99
CA ALA A 339 -17.03 7.66 24.66
C ALA A 339 -16.44 7.48 26.06
N GLY A 340 -15.48 8.35 26.44
CA GLY A 340 -14.79 8.30 27.71
C GLY A 340 -13.61 7.35 27.69
N ARG A 341 -13.15 6.97 26.52
CA ARG A 341 -12.05 6.07 26.38
C ARG A 341 -10.74 6.89 26.35
N TRP A 342 -9.69 6.34 26.98
CA TRP A 342 -8.40 6.99 27.09
C TRP A 342 -7.83 7.22 25.72
N ARG A 343 -7.09 8.32 25.58
CA ARG A 343 -6.36 8.63 24.36
C ARG A 343 -4.83 8.62 24.56
N PRO A 344 -4.19 7.43 24.47
CA PRO A 344 -2.74 7.34 24.70
C PRO A 344 -1.91 8.00 23.63
N ILE A 345 -2.46 8.07 22.40
CA ILE A 345 -1.86 8.74 21.31
C ILE A 345 -2.71 9.96 20.94
N ARG A 346 -2.18 11.15 21.25
CA ARG A 346 -3.01 12.36 21.29
C ARG A 346 -3.25 12.93 19.90
N THR A 347 -2.47 12.51 18.91
CA THR A 347 -2.73 12.86 17.50
C THR A 347 -3.83 12.01 16.79
N TRP A 348 -4.46 11.10 17.51
CA TRP A 348 -5.60 10.39 16.98
C TRP A 348 -6.73 11.36 16.75
N ARG A 349 -7.45 11.16 15.65
CA ARG A 349 -8.61 11.99 15.26
C ARG A 349 -9.83 11.71 16.14
N THR A 350 -9.64 11.89 17.45
CA THR A 350 -10.63 11.53 18.46
C THR A 350 -10.71 12.56 19.56
N LEU A 351 -10.28 13.81 19.30
CA LEU A 351 -10.28 14.87 20.29
C LEU A 351 -11.75 15.13 20.54
N PRO A 352 -12.15 15.25 21.79
CA PRO A 352 -13.52 15.57 22.11
C PRO A 352 -13.88 17.06 21.89
N ARG A 353 -15.16 17.27 21.60
CA ARG A 353 -15.78 18.54 21.50
C ARG A 353 -16.22 19.04 22.87
N GLY A 354 -16.53 20.32 22.93
CA GLY A 354 -17.25 20.88 24.06
C GLY A 354 -16.50 21.76 25.06
N TRP A 355 -15.28 22.07 24.73
CA TRP A 355 -14.36 22.76 25.62
C TRP A 355 -13.76 24.00 24.99
N ARG A 356 -13.27 24.93 25.79
CA ARG A 356 -12.41 26.05 25.29
C ARG A 356 -11.32 26.40 26.31
N ALA A 357 -10.08 26.58 25.87
CA ALA A 357 -9.04 26.92 26.79
C ALA A 357 -8.67 28.34 26.56
N VAL A 358 -8.55 29.13 27.64
CA VAL A 358 -8.03 30.50 27.51
C VAL A 358 -6.73 30.57 28.26
N LEU A 359 -5.62 30.74 27.52
CA LEU A 359 -4.26 30.68 28.06
C LEU A 359 -3.47 31.99 27.86
N SER A 360 -2.70 32.35 28.90
CA SER A 360 -1.79 33.42 28.80
C SER A 360 -0.65 33.02 27.88
N PRO A 361 0.06 34.02 27.34
CA PRO A 361 1.22 33.63 26.59
C PRO A 361 2.25 32.76 27.29
N ALA A 362 2.42 32.95 28.60
CA ALA A 362 3.39 32.19 29.32
C ALA A 362 2.95 30.74 29.38
N ASP A 363 1.65 30.46 29.33
CA ASP A 363 1.11 29.08 29.46
C ASP A 363 0.93 28.41 28.09
N LEU A 364 1.06 29.13 26.99
CA LEU A 364 0.76 28.55 25.66
C LEU A 364 1.55 27.32 25.33
N ARG A 365 2.86 27.37 25.56
CA ARG A 365 3.74 26.28 25.24
C ARG A 365 3.39 25.03 26.03
N LEU A 366 3.30 25.14 27.36
CA LEU A 366 2.87 23.96 28.17
C LEU A 366 1.52 23.46 27.76
N GLY A 367 0.56 24.34 27.52
CA GLY A 367 -0.69 23.99 26.98
C GLY A 367 -0.69 23.13 25.75
N LEU A 368 0.06 23.57 24.78
CA LEU A 368 0.21 22.87 23.52
C LEU A 368 1.06 21.64 23.61
N GLU A 369 2.09 21.63 24.46
CA GLU A 369 2.87 20.46 24.71
C GLU A 369 2.13 19.34 25.44
N LEU A 370 1.26 19.65 26.39
CA LEU A 370 0.48 18.62 26.99
C LEU A 370 -0.70 18.12 26.06
N LEU A 371 -1.22 19.00 25.21
CA LEU A 371 -2.35 18.70 24.35
C LEU A 371 -1.93 17.81 23.18
N TYR A 372 -0.82 18.21 22.56
CA TYR A 372 -0.28 17.50 21.43
C TYR A 372 1.26 17.33 21.56
N PRO A 373 1.71 16.42 22.42
CA PRO A 373 3.14 16.20 22.67
C PRO A 373 3.97 15.96 21.44
N ALA A 374 5.06 16.75 21.33
CA ALA A 374 6.08 16.63 20.32
C ALA A 374 5.71 17.08 18.94
N VAL A 375 4.45 17.46 18.73
CA VAL A 375 3.98 17.83 17.43
C VAL A 375 4.65 19.13 16.95
N ILE A 376 4.76 20.14 17.80
CA ILE A 376 5.36 21.41 17.36
C ILE A 376 6.84 21.26 16.90
N GLU A 377 7.62 20.58 17.71
CA GLU A 377 9.04 20.35 17.51
C GLU A 377 9.30 19.46 16.28
N GLU A 378 8.54 18.40 16.13
CA GLU A 378 8.66 17.49 14.97
C GLU A 378 8.27 18.10 13.70
N SER A 379 7.14 18.83 13.72
CA SER A 379 6.69 19.53 12.54
C SER A 379 7.72 20.59 12.07
N TYR A 380 8.29 21.33 13.04
CA TYR A 380 9.30 22.35 12.80
C TYR A 380 10.52 21.73 12.16
N ALA A 381 10.98 20.66 12.76
CA ALA A 381 12.15 19.94 12.27
C ALA A 381 11.94 19.35 10.86
N HIS A 382 10.74 18.85 10.59
CA HIS A 382 10.46 18.32 9.27
C HIS A 382 10.51 19.39 8.19
N GLU A 383 9.91 20.57 8.43
CA GLU A 383 9.97 21.71 7.50
C GLU A 383 11.41 22.22 7.19
N HIS A 384 12.27 22.12 8.19
CA HIS A 384 13.68 22.37 8.05
C HIS A 384 14.47 21.17 7.56
N ARG A 385 13.76 20.17 7.08
CA ARG A 385 14.39 19.00 6.44
C ARG A 385 15.36 18.24 7.36
N ARG A 386 15.05 18.14 8.64
CA ARG A 386 15.99 17.43 9.49
C ARG A 386 15.32 16.60 10.58
N LEU A 387 14.16 16.05 10.32
CA LEU A 387 13.55 15.21 11.31
C LEU A 387 14.10 13.82 11.13
N HIS A 388 14.74 13.23 12.15
CA HIS A 388 15.26 11.86 11.97
C HIS A 388 14.25 10.84 12.43
N TRP A 389 14.07 9.82 11.60
CA TRP A 389 13.03 8.88 11.83
C TRP A 389 13.77 7.60 12.17
N THR A 390 13.08 6.70 12.85
CA THR A 390 13.65 5.41 13.24
C THR A 390 12.92 4.30 12.45
N PRO A 391 13.65 3.46 11.71
CA PRO A 391 13.00 2.39 10.95
C PRO A 391 12.34 1.36 11.83
N TRP A 392 11.29 0.74 11.33
CA TRP A 392 10.55 -0.26 12.06
C TRP A 392 11.43 -1.31 12.73
N MET A 393 12.39 -1.89 12.01
CA MET A 393 13.12 -3.03 12.59
C MET A 393 13.95 -2.63 13.82
N SER A 394 14.45 -1.42 13.81
CA SER A 394 15.08 -0.88 14.96
C SER A 394 14.17 -0.72 16.26
N THR A 395 12.96 -0.16 16.10
CA THR A 395 11.98 -0.22 17.17
C THR A 395 11.73 -1.62 17.64
N ALA A 396 11.40 -2.53 16.71
CA ALA A 396 11.01 -3.90 17.06
C ALA A 396 12.12 -4.62 17.87
N ARG A 397 13.36 -4.42 17.42
CA ARG A 397 14.55 -5.03 18.05
C ARG A 397 14.81 -4.53 19.48
N ARG A 398 14.42 -3.30 19.85
CA ARG A 398 14.60 -2.88 21.25
C ARG A 398 13.72 -3.66 22.23
N GLN A 399 12.59 -4.20 21.74
CA GLN A 399 11.54 -4.74 22.59
C GLN A 399 11.91 -6.12 23.14
N THR A 400 11.32 -6.42 24.31
CA THR A 400 11.60 -7.61 25.17
C THR A 400 10.24 -8.11 25.75
N GLY A 401 10.17 -9.35 26.24
CA GLY A 401 8.96 -9.87 26.83
C GLY A 401 8.04 -10.39 25.76
N THR A 402 6.74 -10.36 26.07
CA THR A 402 5.70 -10.71 25.10
C THR A 402 5.76 -9.82 23.83
N LEU A 403 6.17 -8.56 23.99
CA LEU A 403 6.30 -7.63 22.86
C LEU A 403 7.40 -7.96 21.85
N ALA A 404 8.43 -8.71 22.24
CA ALA A 404 9.53 -9.01 21.28
C ALA A 404 9.03 -9.78 20.05
N ARG A 405 7.93 -10.45 20.25
CA ARG A 405 7.21 -11.12 19.19
C ARG A 405 6.96 -10.22 17.97
N VAL A 406 6.94 -8.88 18.14
CA VAL A 406 6.86 -7.98 16.95
C VAL A 406 7.97 -8.22 15.94
N GLN A 407 9.11 -8.74 16.43
CA GLN A 407 10.26 -9.09 15.62
C GLN A 407 10.01 -10.17 14.52
N ARG A 408 8.89 -10.84 14.59
CA ARG A 408 8.54 -11.91 13.69
C ARG A 408 7.64 -11.42 12.57
N ALA A 409 7.04 -10.23 12.73
CA ALA A 409 6.14 -9.69 11.72
C ALA A 409 6.87 -9.45 10.40
N THR A 410 6.28 -9.88 9.30
CA THR A 410 6.84 -9.61 7.97
C THR A 410 6.58 -8.19 7.54
N PRO A 411 7.38 -7.67 6.57
CA PRO A 411 6.99 -6.35 6.04
C PRO A 411 5.53 -6.17 5.70
N ASP A 412 4.91 -7.17 5.07
CA ASP A 412 3.51 -7.04 4.73
C ASP A 412 2.61 -7.06 5.92
N GLN A 413 3.01 -7.79 6.94
CA GLN A 413 2.22 -7.82 8.13
C GLN A 413 2.26 -6.46 8.81
N VAL A 414 3.43 -5.88 8.91
CA VAL A 414 3.44 -4.53 9.52
C VAL A 414 2.72 -3.50 8.67
N ASP A 415 2.85 -3.55 7.33
CA ASP A 415 2.17 -2.64 6.45
C ASP A 415 0.66 -2.77 6.53
N THR A 416 0.19 -3.98 6.72
CA THR A 416 -1.21 -4.24 6.83
C THR A 416 -1.83 -3.73 8.14
N VAL A 417 -1.11 -3.95 9.25
CA VAL A 417 -1.56 -3.47 10.54
C VAL A 417 -1.44 -1.94 10.62
N ALA A 418 -0.35 -1.37 10.15
CA ALA A 418 -0.20 0.07 10.17
C ALA A 418 -1.30 0.75 9.37
N ALA A 419 -1.72 0.21 8.23
CA ALA A 419 -2.82 0.84 7.45
C ALA A 419 -4.10 0.89 8.28
N GLN A 420 -4.32 -0.14 9.07
CA GLN A 420 -5.53 -0.22 9.91
C GLN A 420 -5.44 0.65 11.16
N VAL A 421 -4.31 0.61 11.86
CA VAL A 421 -4.14 1.40 13.09
C VAL A 421 -3.92 2.89 12.83
N CYS A 422 -3.01 3.18 11.93
CA CYS A 422 -2.62 4.55 11.66
C CYS A 422 -3.71 5.40 10.99
N ALA A 423 -4.73 4.72 10.41
CA ALA A 423 -5.88 5.42 9.88
C ALA A 423 -6.61 6.28 10.85
N SER A 424 -6.47 5.95 12.14
CA SER A 424 -7.04 6.78 13.19
C SER A 424 -6.24 8.01 13.54
N CYS A 425 -5.01 8.09 13.04
CA CYS A 425 -4.04 9.05 13.45
C CYS A 425 -3.95 10.22 12.49
N LEU A 426 -3.71 11.42 12.98
CA LEU A 426 -3.35 12.58 12.11
C LEU A 426 -2.00 12.50 11.37
N ARG A 427 -1.09 11.78 11.97
CA ARG A 427 0.29 11.78 11.52
C ARG A 427 0.49 10.94 10.27
N THR A 428 1.62 11.23 9.60
CA THR A 428 2.09 10.55 8.37
C THR A 428 3.39 9.79 8.72
N ARG A 429 3.35 8.46 8.54
CA ARG A 429 4.46 7.53 8.93
C ARG A 429 5.65 7.63 8.03
N LEU A 430 6.52 8.57 8.34
CA LEU A 430 7.76 8.79 7.61
C LEU A 430 8.66 7.55 7.62
N TRP A 431 8.55 6.81 8.71
CA TRP A 431 9.39 5.65 8.95
C TRP A 431 9.00 4.50 8.03
N ALA A 432 7.81 4.56 7.47
CA ALA A 432 7.31 3.53 6.55
C ALA A 432 7.41 3.98 5.07
N GLY A 433 8.10 5.08 4.82
CA GLY A 433 8.24 5.62 3.44
C GLY A 433 7.10 6.49 2.96
N HIS A 434 6.17 6.79 3.84
CA HIS A 434 5.14 7.76 3.46
C HIS A 434 5.77 9.12 3.53
N THR A 435 5.42 10.02 2.65
CA THR A 435 6.04 11.36 2.67
C THR A 435 5.02 12.42 3.06
N LEU A 436 5.49 13.54 3.59
CA LEU A 436 4.67 14.67 4.04
C LEU A 436 5.32 15.96 3.49
N GLY A 437 4.66 16.57 2.52
CA GLY A 437 5.22 17.69 1.84
C GLY A 437 5.04 19.02 2.54
N GLN A 438 4.00 19.13 3.35
CA GLN A 438 3.59 20.37 4.04
C GLN A 438 3.06 20.02 5.43
N THR A 439 3.52 20.76 6.44
CA THR A 439 3.04 20.57 7.79
C THR A 439 2.12 21.69 8.24
N ILE A 440 1.69 21.59 9.52
CA ILE A 440 1.01 22.68 10.14
C ILE A 440 1.63 24.03 9.94
N PHE A 441 2.94 24.05 9.92
CA PHE A 441 3.65 25.32 9.67
C PHE A 441 3.55 25.89 8.25
N SER A 442 3.17 25.06 7.28
CA SER A 442 2.79 25.52 5.94
C SER A 442 1.29 25.76 5.78
N GLY A 443 0.56 25.80 6.86
CA GLY A 443 -0.87 26.04 6.81
C GLY A 443 -1.73 24.82 6.54
N VAL A 444 -1.17 23.62 6.65
CA VAL A 444 -1.95 22.39 6.52
C VAL A 444 -2.27 21.79 7.90
N PRO A 445 -3.50 21.96 8.38
CA PRO A 445 -3.84 21.51 9.78
C PRO A 445 -3.59 20.02 10.10
N GLY A 446 -3.85 19.14 9.11
CA GLY A 446 -3.57 17.75 9.21
C GLY A 446 -2.23 17.26 8.75
N GLY A 447 -1.23 18.14 8.57
CA GLY A 447 0.10 17.70 8.16
C GLY A 447 0.99 17.58 9.36
N LEU A 448 1.10 16.36 9.92
CA LEU A 448 1.93 16.14 11.08
C LEU A 448 2.81 14.93 10.83
N PRO A 449 4.10 15.03 11.07
CA PRO A 449 4.92 13.80 10.91
C PRO A 449 4.93 12.80 12.03
N CYS A 450 5.10 11.52 11.67
CA CYS A 450 5.32 10.42 12.58
C CYS A 450 6.72 9.89 12.32
N ALA A 451 7.60 10.00 13.34
CA ALA A 451 9.00 9.70 13.17
C ALA A 451 9.32 8.27 13.58
N GLU A 452 8.35 7.55 14.20
CA GLU A 452 8.66 6.23 14.77
C GLU A 452 7.35 5.53 15.14
N ALA A 453 7.27 4.23 14.88
CA ALA A 453 6.19 3.44 15.31
C ALA A 453 5.98 3.57 16.81
N CYS A 454 4.72 3.86 17.17
CA CYS A 454 4.27 4.07 18.58
C CYS A 454 3.86 2.79 19.37
N THR A 455 3.66 2.93 20.67
CA THR A 455 3.36 1.73 21.48
C THR A 455 2.02 1.10 21.10
N VAL A 456 1.07 1.90 20.59
CA VAL A 456 -0.24 1.35 20.21
C VAL A 456 -0.10 0.47 18.95
N LEU A 457 0.69 0.92 17.98
CA LEU A 457 0.94 0.13 16.78
C LEU A 457 1.76 -1.12 17.09
N LEU A 458 2.77 -1.00 17.98
CA LEU A 458 3.57 -2.19 18.38
C LEU A 458 2.66 -3.25 19.01
N ALA A 459 1.79 -2.85 19.90
CA ALA A 459 0.84 -3.84 20.49
C ALA A 459 -0.12 -4.49 19.47
N ALA A 460 -0.55 -3.69 18.50
CA ALA A 460 -1.45 -4.22 17.42
C ALA A 460 -0.69 -5.24 16.55
N VAL A 461 0.59 -4.97 16.28
CA VAL A 461 1.38 -5.90 15.51
C VAL A 461 1.65 -7.15 16.32
N ARG A 462 1.96 -6.98 17.61
CA ARG A 462 2.03 -8.17 18.51
C ARG A 462 0.76 -9.05 18.42
N ASP A 463 -0.44 -8.49 18.51
CA ASP A 463 -1.66 -9.28 18.43
C ASP A 463 -1.82 -9.96 17.08
N GLU A 464 -1.43 -9.28 16.02
CA GLU A 464 -1.53 -9.88 14.69
C GLU A 464 -0.63 -11.10 14.55
N VAL A 465 0.64 -10.96 14.84
CA VAL A 465 1.55 -12.09 14.86
C VAL A 465 0.94 -13.25 15.75
N GLY A 466 0.46 -12.90 16.95
CA GLY A 466 -0.16 -13.84 17.86
C GLY A 466 -1.37 -14.58 17.31
N ARG A 467 -2.20 -13.91 16.52
CA ARG A 467 -3.40 -14.49 15.95
C ARG A 467 -2.99 -15.41 14.79
N GLU A 468 -1.93 -15.03 14.05
CA GLU A 468 -1.31 -15.86 12.99
C GLU A 468 -0.06 -16.61 13.51
N GLY B 1 -4.96 27.25 -44.92
CA GLY B 1 -4.68 26.99 -43.47
C GLY B 1 -5.70 26.06 -42.86
N ALA B 2 -6.29 25.21 -43.69
CA ALA B 2 -7.22 24.17 -43.24
C ALA B 2 -6.44 22.86 -43.01
N LEU B 3 -6.40 22.42 -41.75
CA LEU B 3 -5.43 21.43 -41.32
C LEU B 3 -6.14 20.14 -40.93
N ARG B 4 -5.61 18.98 -41.39
CA ARG B 4 -6.20 17.68 -41.04
C ARG B 4 -5.14 16.70 -40.52
N SER B 5 -5.64 15.82 -39.63
CA SER B 5 -4.89 14.69 -39.08
C SER B 5 -5.46 13.39 -39.61
N LEU B 6 -4.56 12.52 -40.06
CA LEU B 6 -4.89 11.14 -40.37
C LEU B 6 -4.30 10.25 -39.28
N VAL B 7 -5.15 9.39 -38.72
CA VAL B 7 -4.79 8.41 -37.70
C VAL B 7 -5.11 7.02 -38.25
N LEU B 8 -4.10 6.17 -38.34
CA LEU B 8 -4.22 4.77 -38.62
C LEU B 8 -4.20 3.95 -37.35
N ILE B 9 -5.14 3.03 -37.28
CA ILE B 9 -5.32 2.15 -36.13
C ILE B 9 -5.01 0.67 -36.44
N GLY B 10 -4.08 0.09 -35.71
CA GLY B 10 -3.81 -1.36 -35.83
C GLY B 10 -4.15 -2.11 -34.57
N HIS B 11 -3.95 -3.42 -34.60
CA HIS B 11 -4.29 -4.28 -33.50
C HIS B 11 -3.21 -4.15 -32.36
N GLY B 12 -1.95 -4.20 -32.78
CA GLY B 12 -0.79 -4.30 -31.89
C GLY B 12 -0.75 -5.57 -31.01
N SER B 13 0.22 -5.63 -30.11
CA SER B 13 0.36 -6.79 -29.27
C SER B 13 1.18 -6.49 -27.99
N HIS B 14 0.98 -7.26 -26.93
CA HIS B 14 1.83 -7.18 -25.76
C HIS B 14 3.14 -7.88 -26.02
N HIS B 15 3.17 -8.81 -26.98
CA HIS B 15 4.34 -9.71 -27.14
C HIS B 15 5.03 -9.79 -28.50
N HIS B 16 4.33 -9.41 -29.59
CA HIS B 16 4.86 -9.61 -30.98
C HIS B 16 4.89 -8.31 -31.79
N GLY B 17 5.94 -8.11 -32.57
CA GLY B 17 6.05 -6.92 -33.39
C GLY B 17 5.33 -6.92 -34.71
N GLU B 18 4.89 -8.10 -35.17
CA GLU B 18 4.29 -8.25 -36.51
C GLU B 18 3.00 -7.47 -36.66
N SER B 19 2.15 -7.53 -35.61
CA SER B 19 0.72 -7.05 -35.61
C SER B 19 0.54 -5.54 -35.67
N ALA B 20 1.68 -4.87 -35.86
CA ALA B 20 1.78 -3.44 -35.98
C ALA B 20 2.59 -3.05 -37.20
N ARG B 21 3.25 -4.00 -37.90
CA ARG B 21 4.23 -3.63 -38.97
C ARG B 21 3.45 -3.05 -40.11
N ALA B 22 2.35 -3.72 -40.45
CA ALA B 22 1.50 -3.25 -41.52
C ALA B 22 1.05 -1.81 -41.34
N THR B 23 0.63 -1.46 -40.10
CA THR B 23 0.16 -0.10 -39.84
C THR B 23 1.39 0.85 -39.91
N GLN B 24 2.52 0.44 -39.37
CA GLN B 24 3.74 1.31 -39.36
C GLN B 24 4.28 1.57 -40.78
N GLN B 25 4.33 0.51 -41.56
CA GLN B 25 4.72 0.56 -42.97
C GLN B 25 3.87 1.49 -43.79
N VAL B 26 2.55 1.35 -43.63
CA VAL B 26 1.62 2.21 -44.34
C VAL B 26 1.74 3.66 -43.88
N ALA B 27 1.94 3.89 -42.58
CA ALA B 27 1.91 5.27 -42.08
C ALA B 27 3.14 6.00 -42.60
N GLU B 28 4.24 5.27 -42.65
CA GLU B 28 5.49 5.85 -43.08
C GLU B 28 5.52 6.22 -44.58
N ALA B 29 5.04 5.31 -45.42
CA ALA B 29 4.81 5.59 -46.84
C ALA B 29 3.98 6.84 -47.03
N LEU B 30 2.87 6.94 -46.31
CA LEU B 30 2.00 8.11 -46.44
C LEU B 30 2.69 9.37 -45.96
N ARG B 31 3.53 9.28 -44.94
CA ARG B 31 4.32 10.45 -44.49
C ARG B 31 5.34 10.92 -45.58
N GLY B 32 5.92 9.96 -46.32
CA GLY B 32 6.71 10.18 -47.54
C GLY B 32 5.94 11.01 -48.54
N ARG B 33 4.82 10.47 -49.04
CA ARG B 33 3.92 11.20 -49.95
C ARG B 33 3.69 12.65 -49.48
N GLY B 34 3.63 12.84 -48.17
CA GLY B 34 3.37 14.14 -47.56
C GLY B 34 4.49 15.15 -47.78
N LEU B 35 5.74 14.69 -47.74
CA LEU B 35 6.92 15.56 -47.97
C LEU B 35 6.97 16.02 -49.42
N ALA B 36 6.69 15.10 -50.35
CA ALA B 36 6.56 15.40 -51.76
C ALA B 36 5.34 16.28 -52.06
N GLY B 37 4.61 16.71 -51.03
CA GLY B 37 3.41 17.50 -51.23
C GLY B 37 2.33 16.75 -51.96
N HIS B 38 2.22 15.44 -51.70
CA HIS B 38 1.20 14.60 -52.37
C HIS B 38 0.26 13.88 -51.41
N LEU B 39 0.00 14.50 -50.24
CA LEU B 39 -0.90 13.93 -49.24
C LEU B 39 -1.88 15.00 -48.79
N PRO B 40 -3.18 14.72 -48.86
CA PRO B 40 -4.17 15.67 -48.38
C PRO B 40 -4.33 15.78 -46.84
N TYR B 41 -3.26 15.47 -46.06
CA TYR B 41 -3.28 15.52 -44.59
C TYR B 41 -1.96 16.07 -44.09
N ASP B 42 -1.99 16.79 -42.97
CA ASP B 42 -0.79 17.46 -42.48
C ASP B 42 0.00 16.61 -41.46
N GLU B 43 -0.57 15.49 -41.05
CA GLU B 43 0.16 14.51 -40.23
C GLU B 43 -0.51 13.16 -40.31
N VAL B 44 0.27 12.12 -40.05
CA VAL B 44 -0.17 10.75 -39.98
C VAL B 44 0.29 10.15 -38.63
N LEU B 45 -0.64 9.97 -37.71
CA LEU B 45 -0.38 9.35 -36.42
C LEU B 45 -0.81 7.91 -36.48
N GLU B 46 -0.41 7.16 -35.45
CA GLU B 46 -0.82 5.76 -35.28
C GLU B 46 -1.43 5.49 -33.87
N GLY B 47 -2.31 4.49 -33.81
CA GLY B 47 -2.80 3.96 -32.56
C GLY B 47 -3.07 2.48 -32.64
N TYR B 48 -2.98 1.85 -31.48
CA TYR B 48 -3.12 0.42 -31.41
C TYR B 48 -4.03 0.05 -30.29
N TRP B 49 -4.75 -1.05 -30.46
CA TRP B 49 -5.60 -1.54 -29.38
C TRP B 49 -4.67 -2.02 -28.21
N GLN B 50 -3.66 -2.85 -28.56
CA GLN B 50 -2.89 -3.60 -27.59
C GLN B 50 -1.45 -3.13 -27.31
N GLN B 51 -1.10 -1.93 -27.71
CA GLN B 51 0.16 -1.33 -27.30
C GLN B 51 0.08 0.17 -27.46
N GLU B 52 1.12 0.87 -26.98
CA GLU B 52 1.23 2.29 -27.16
C GLU B 52 1.79 2.49 -28.50
N PRO B 53 1.40 3.54 -29.20
CA PRO B 53 0.39 4.53 -28.86
C PRO B 53 -1.02 3.94 -28.84
N GLY B 54 -1.77 4.20 -27.77
CA GLY B 54 -2.98 3.39 -27.50
C GLY B 54 -4.19 4.09 -28.05
N LEU B 55 -5.27 3.37 -28.25
CA LEU B 55 -6.58 4.00 -28.67
C LEU B 55 -7.02 5.13 -27.77
N ARG B 56 -6.82 4.95 -26.45
CA ARG B 56 -7.21 5.93 -25.47
C ARG B 56 -6.34 7.20 -25.49
N GLN B 57 -5.12 7.10 -26.01
CA GLN B 57 -4.20 8.21 -26.13
C GLN B 57 -4.28 8.93 -27.46
N VAL B 58 -4.79 8.28 -28.49
CA VAL B 58 -4.60 8.81 -29.86
C VAL B 58 -5.08 10.28 -30.08
N LEU B 59 -6.26 10.56 -29.57
CA LEU B 59 -6.86 11.84 -29.79
C LEU B 59 -6.17 12.94 -29.02
N ARG B 60 -5.63 12.65 -27.83
CA ARG B 60 -4.82 13.66 -27.19
C ARG B 60 -3.48 13.94 -27.88
N THR B 61 -3.11 13.17 -28.90
CA THR B 61 -1.86 13.45 -29.57
C THR B 61 -2.04 14.13 -30.93
N VAL B 62 -3.26 14.21 -31.43
CA VAL B 62 -3.53 14.84 -32.70
C VAL B 62 -3.25 16.35 -32.61
N ALA B 63 -2.65 16.91 -33.66
CA ALA B 63 -2.22 18.31 -33.69
C ALA B 63 -3.30 19.30 -34.14
N TYR B 64 -4.32 18.79 -34.80
CA TYR B 64 -5.35 19.61 -35.45
C TYR B 64 -6.74 19.17 -35.02
N SER B 65 -7.74 20.03 -35.30
CA SER B 65 -9.12 19.81 -34.87
C SER B 65 -9.97 18.99 -35.84
N ASP B 66 -9.48 18.71 -37.03
CA ASP B 66 -10.13 17.77 -37.97
C ASP B 66 -9.34 16.45 -38.07
N VAL B 67 -9.94 15.35 -37.64
CA VAL B 67 -9.27 14.06 -37.66
C VAL B 67 -10.06 12.93 -38.39
N THR B 68 -9.34 12.14 -39.16
CA THR B 68 -9.91 10.97 -39.75
C THR B 68 -9.21 9.74 -39.20
N VAL B 69 -9.98 8.73 -38.80
CA VAL B 69 -9.43 7.53 -38.22
C VAL B 69 -9.77 6.35 -39.13
N VAL B 70 -8.75 5.68 -39.65
CA VAL B 70 -8.88 4.52 -40.52
C VAL B 70 -8.36 3.27 -39.84
N PRO B 71 -9.23 2.28 -39.61
CA PRO B 71 -8.83 0.97 -39.15
C PRO B 71 -8.09 0.09 -40.14
N VAL B 72 -6.86 -0.25 -39.82
CA VAL B 72 -6.02 -1.07 -40.69
C VAL B 72 -6.31 -2.46 -40.28
N PHE B 73 -7.51 -2.88 -40.62
CA PHE B 73 -8.04 -4.15 -40.25
C PHE B 73 -8.71 -4.73 -41.53
N LEU B 74 -8.51 -6.01 -41.79
CA LEU B 74 -9.08 -6.68 -42.98
C LEU B 74 -10.38 -7.42 -42.69
N SER B 75 -10.80 -7.41 -41.42
CA SER B 75 -12.11 -7.92 -41.05
C SER B 75 -12.99 -6.77 -40.56
N GLU B 76 -14.25 -7.09 -40.40
CA GLU B 76 -15.22 -6.08 -40.07
C GLU B 76 -16.10 -6.81 -39.08
N GLY B 77 -15.99 -6.44 -37.83
CA GLY B 77 -16.55 -7.26 -36.77
C GLY B 77 -16.54 -6.56 -35.44
N TYR B 78 -16.49 -7.35 -34.37
CA TYR B 78 -16.63 -6.91 -32.97
C TYR B 78 -15.61 -5.81 -32.68
N VAL B 79 -14.38 -6.05 -33.12
CA VAL B 79 -13.29 -5.13 -32.85
C VAL B 79 -13.44 -3.80 -33.60
N THR B 80 -13.54 -3.87 -34.93
CA THR B 80 -13.77 -2.63 -35.66
C THR B 80 -15.16 -1.99 -35.36
N GLU B 81 -16.18 -2.80 -35.06
CA GLU B 81 -17.54 -2.23 -34.85
C GLU B 81 -17.90 -1.80 -33.40
N THR B 82 -17.29 -2.46 -32.44
CA THR B 82 -17.57 -2.19 -31.05
C THR B 82 -16.34 -1.72 -30.24
N VAL B 83 -15.27 -2.51 -30.21
CA VAL B 83 -14.12 -2.20 -29.38
C VAL B 83 -13.51 -0.85 -29.73
N LEU B 84 -13.11 -0.68 -30.99
CA LEU B 84 -12.36 0.50 -31.36
C LEU B 84 -13.10 1.81 -31.11
N PRO B 85 -14.36 1.93 -31.60
CA PRO B 85 -15.12 3.17 -31.33
C PRO B 85 -15.35 3.40 -29.82
N ARG B 86 -15.66 2.33 -29.11
CA ARG B 86 -15.81 2.38 -27.66
C ARG B 86 -14.56 2.95 -26.95
N GLU B 87 -13.38 2.47 -27.31
CA GLU B 87 -12.14 2.95 -26.73
C GLU B 87 -11.81 4.38 -27.21
N LEU B 88 -12.13 4.65 -28.47
CA LEU B 88 -11.97 6.00 -29.02
C LEU B 88 -13.00 6.98 -28.43
N GLY B 89 -14.07 6.47 -27.79
CA GLY B 89 -15.11 7.31 -27.21
C GLY B 89 -16.11 7.87 -28.23
N LEU B 90 -16.28 7.20 -29.37
CA LEU B 90 -17.12 7.74 -30.46
C LEU B 90 -18.62 7.54 -30.27
N GLY B 91 -19.00 6.69 -29.32
CA GLY B 91 -20.41 6.38 -29.13
C GLY B 91 -21.07 5.84 -30.39
N HIS B 92 -20.65 4.65 -30.79
CA HIS B 92 -21.22 3.96 -31.95
C HIS B 92 -21.01 2.46 -31.77
N GLN B 93 -21.99 1.67 -32.18
CA GLN B 93 -21.89 0.22 -32.11
C GLN B 93 -22.51 -0.30 -33.39
N GLY B 94 -22.09 -1.49 -33.82
CA GLY B 94 -22.58 -2.09 -35.05
C GLY B 94 -21.97 -1.55 -36.34
N PRO B 95 -22.44 -2.06 -37.51
CA PRO B 95 -21.79 -1.78 -38.80
C PRO B 95 -21.59 -0.31 -39.10
N VAL B 96 -20.47 -0.02 -39.75
CA VAL B 96 -20.03 1.32 -40.03
C VAL B 96 -20.41 1.51 -41.49
N PRO B 97 -21.31 2.47 -41.77
CA PRO B 97 -21.72 2.70 -43.13
C PRO B 97 -20.61 3.30 -43.97
N THR B 98 -20.85 3.36 -45.26
CA THR B 98 -19.95 4.04 -46.18
C THR B 98 -19.95 5.52 -45.83
N GLY B 99 -18.79 6.15 -45.89
CA GLY B 99 -18.65 7.53 -45.44
C GLY B 99 -18.24 7.64 -43.96
N GLY B 100 -18.28 6.50 -43.25
CA GLY B 100 -17.87 6.43 -41.84
C GLY B 100 -18.90 6.90 -40.81
N VAL B 101 -18.40 7.14 -39.60
CA VAL B 101 -19.16 7.65 -38.45
C VAL B 101 -18.53 8.99 -38.11
N VAL B 102 -19.35 10.04 -37.97
CA VAL B 102 -18.80 11.38 -37.72
C VAL B 102 -19.21 11.88 -36.34
N ARG B 103 -18.25 12.39 -35.58
CA ARG B 103 -18.54 12.89 -34.27
C ARG B 103 -17.75 14.13 -33.97
N VAL B 104 -18.35 15.01 -33.19
CA VAL B 104 -17.59 16.10 -32.62
C VAL B 104 -17.39 15.69 -31.18
N LEU B 105 -16.15 15.42 -30.81
CA LEU B 105 -15.84 15.08 -29.42
C LEU B 105 -14.59 15.82 -28.91
N GLY B 106 -14.80 16.48 -27.78
CA GLY B 106 -14.00 17.64 -27.41
C GLY B 106 -14.45 18.79 -28.30
N GLY B 107 -13.47 19.50 -28.85
CA GLY B 107 -13.75 20.40 -29.97
C GLY B 107 -12.95 19.86 -31.13
N ARG B 108 -13.14 18.59 -31.43
CA ARG B 108 -12.51 18.01 -32.59
C ARG B 108 -13.57 17.29 -33.37
N ARG B 109 -13.52 17.44 -34.69
CA ARG B 109 -14.35 16.67 -35.59
C ARG B 109 -13.56 15.45 -36.02
N VAL B 110 -14.10 14.27 -35.74
CA VAL B 110 -13.45 13.00 -36.01
C VAL B 110 -14.33 12.13 -36.92
N ARG B 111 -13.80 11.64 -38.02
CA ARG B 111 -14.49 10.60 -38.77
C ARG B 111 -13.76 9.28 -38.70
N TYR B 112 -14.48 8.30 -38.23
CA TYR B 112 -14.03 6.99 -38.13
C TYR B 112 -14.53 6.19 -39.33
N THR B 113 -13.59 5.73 -40.17
CA THR B 113 -13.95 5.07 -41.48
C THR B 113 -14.29 3.58 -41.38
N ARG B 114 -14.89 3.03 -42.44
CA ARG B 114 -15.05 1.55 -42.54
C ARG B 114 -13.65 0.94 -42.52
N PRO B 115 -13.50 -0.35 -42.11
CA PRO B 115 -12.14 -0.87 -42.11
C PRO B 115 -11.56 -0.98 -43.51
N LEU B 116 -10.24 -1.04 -43.55
CA LEU B 116 -9.49 -1.22 -44.79
C LEU B 116 -10.04 -2.37 -45.63
N GLY B 117 -10.24 -3.53 -45.00
CA GLY B 117 -10.74 -4.73 -45.68
C GLY B 117 -12.09 -4.56 -46.37
N ALA B 118 -12.87 -3.56 -45.94
CA ALA B 118 -14.18 -3.24 -46.53
C ALA B 118 -14.11 -2.62 -47.91
N HIS B 119 -13.04 -1.87 -48.19
CA HIS B 119 -13.01 -1.04 -49.36
C HIS B 119 -12.70 -1.85 -50.63
N PRO B 120 -13.39 -1.53 -51.74
CA PRO B 120 -13.17 -2.26 -53.04
C PRO B 120 -11.74 -2.22 -53.59
N GLY B 121 -11.07 -1.07 -53.50
CA GLY B 121 -9.63 -0.95 -53.73
C GLY B 121 -8.82 -2.14 -53.29
N MET B 122 -9.28 -2.90 -52.30
CA MET B 122 -8.52 -4.06 -51.86
C MET B 122 -8.37 -5.11 -52.97
N ALA B 123 -9.30 -5.13 -53.94
CA ALA B 123 -9.14 -6.01 -55.13
C ALA B 123 -7.81 -5.77 -55.83
N ASP B 124 -7.57 -4.50 -56.11
CA ASP B 124 -6.34 -4.09 -56.77
C ASP B 124 -5.10 -4.48 -55.97
N ALA B 125 -5.16 -4.38 -54.66
CA ALA B 125 -3.97 -4.61 -53.85
C ALA B 125 -3.63 -6.08 -53.84
N ILE B 126 -4.66 -6.91 -53.77
CA ILE B 126 -4.53 -8.36 -53.90
C ILE B 126 -3.94 -8.78 -55.27
N ALA B 127 -4.48 -8.20 -56.34
CA ALA B 127 -4.04 -8.50 -57.70
C ALA B 127 -2.59 -8.11 -57.90
N ALA B 128 -2.23 -6.97 -57.33
CA ALA B 128 -0.87 -6.44 -57.41
C ALA B 128 0.07 -7.32 -56.61
N GLN B 129 -0.33 -7.68 -55.40
CA GLN B 129 0.44 -8.67 -54.65
C GLN B 129 0.61 -9.97 -55.48
N ALA B 130 -0.49 -10.48 -56.04
CA ALA B 130 -0.42 -11.71 -56.85
C ALA B 130 0.51 -11.55 -58.06
N ARG B 131 0.35 -10.50 -58.83
CA ARG B 131 1.27 -10.21 -59.95
C ARG B 131 2.74 -10.07 -59.57
N ASP B 132 3.02 -9.52 -58.40
CA ASP B 132 4.38 -9.50 -57.81
C ASP B 132 4.90 -10.86 -57.36
N THR B 133 4.05 -11.76 -56.87
CA THR B 133 4.47 -13.09 -56.37
C THR B 133 4.83 -14.07 -57.52
N LEU B 134 4.38 -13.74 -58.73
CA LEU B 134 4.64 -14.60 -59.88
C LEU B 134 6.03 -14.37 -60.51
N PRO B 135 6.66 -15.44 -61.02
CA PRO B 135 7.78 -15.34 -61.97
C PRO B 135 7.63 -14.20 -62.98
N GLU B 136 8.59 -13.26 -63.27
CA GLU B 136 8.17 -12.04 -64.13
C GLU B 136 7.58 -12.57 -65.45
N GLY B 137 8.34 -13.51 -65.92
CA GLY B 137 7.99 -14.65 -66.77
C GLY B 137 6.50 -14.77 -67.02
N THR B 138 5.76 -15.13 -65.98
CA THR B 138 4.39 -15.64 -66.15
C THR B 138 3.37 -14.71 -66.78
N ASP B 139 2.45 -15.32 -67.51
CA ASP B 139 1.23 -14.67 -67.94
C ASP B 139 0.18 -15.00 -66.87
N PRO B 140 -0.38 -13.95 -66.23
CA PRO B 140 -1.50 -14.01 -65.27
C PRO B 140 -2.63 -15.01 -65.55
N ALA B 141 -3.10 -15.05 -66.80
CA ALA B 141 -4.30 -15.85 -67.16
C ALA B 141 -4.14 -17.37 -66.98
N ASP B 142 -2.91 -17.83 -66.81
CA ASP B 142 -2.60 -19.24 -66.64
C ASP B 142 -2.76 -19.75 -65.19
N VAL B 143 -2.78 -18.80 -64.24
CA VAL B 143 -2.73 -19.10 -62.81
C VAL B 143 -4.10 -18.98 -62.09
N THR B 144 -4.42 -19.94 -61.22
CA THR B 144 -5.57 -19.84 -60.32
C THR B 144 -5.25 -19.03 -59.04
N LEU B 145 -5.89 -17.88 -58.89
CA LEU B 145 -5.65 -16.98 -57.75
C LEU B 145 -6.31 -17.53 -56.51
N LEU B 146 -5.51 -17.93 -55.53
CA LEU B 146 -6.02 -18.39 -54.22
C LEU B 146 -5.93 -17.29 -53.14
N LEU B 147 -7.01 -17.12 -52.38
CA LEU B 147 -7.13 -16.07 -51.37
C LEU B 147 -7.37 -16.68 -50.00
N LEU B 148 -6.37 -16.59 -49.12
CA LEU B 148 -6.44 -17.20 -47.78
C LEU B 148 -7.07 -16.26 -46.76
N ALA B 149 -8.24 -16.65 -46.25
CA ALA B 149 -8.91 -15.91 -45.20
C ALA B 149 -8.79 -16.62 -43.86
N ALA B 150 -8.65 -15.80 -42.82
CA ALA B 150 -8.48 -16.27 -41.44
C ALA B 150 -9.75 -16.94 -40.91
N ARG B 151 -10.90 -16.52 -41.44
CA ARG B 151 -12.20 -16.97 -40.97
C ARG B 151 -13.24 -17.08 -42.09
N PRO B 152 -14.27 -17.90 -41.85
CA PRO B 152 -15.42 -17.93 -42.75
C PRO B 152 -16.29 -16.72 -42.51
N GLY B 153 -17.08 -16.32 -43.52
CA GLY B 153 -18.00 -15.19 -43.37
C GLY B 153 -17.39 -13.81 -43.62
N ASN B 154 -16.22 -13.80 -44.28
CA ASN B 154 -15.62 -12.55 -44.71
C ASN B 154 -16.30 -12.12 -46.00
N ALA B 155 -17.48 -11.53 -45.83
CA ALA B 155 -18.28 -11.03 -46.93
C ALA B 155 -17.49 -10.11 -47.83
N ALA B 156 -16.74 -9.18 -47.20
CA ALA B 156 -15.95 -8.18 -47.94
C ALA B 156 -14.94 -8.85 -48.86
N LEU B 157 -14.31 -9.91 -48.39
CA LEU B 157 -13.38 -10.62 -49.24
C LEU B 157 -14.13 -11.19 -50.50
N GLU B 158 -15.24 -11.89 -50.25
CA GLU B 158 -16.06 -12.44 -51.34
C GLU B 158 -16.26 -11.41 -52.44
N THR B 159 -16.61 -10.20 -52.03
CA THR B 159 -16.79 -9.07 -52.95
C THR B 159 -15.54 -8.79 -53.82
N HIS B 160 -14.35 -8.79 -53.20
CA HIS B 160 -13.09 -8.55 -53.91
C HIS B 160 -12.75 -9.75 -54.78
N ALA B 161 -13.07 -10.96 -54.31
CA ALA B 161 -12.86 -12.16 -55.12
C ALA B 161 -13.68 -12.11 -56.42
N GLN B 162 -14.98 -11.82 -56.27
CA GLN B 162 -15.90 -11.72 -57.40
C GLN B 162 -15.46 -10.64 -58.38
N ALA B 163 -15.03 -9.48 -57.85
CA ALA B 163 -14.54 -8.38 -58.68
C ALA B 163 -13.27 -8.76 -59.46
N LEU B 164 -12.40 -9.56 -58.84
CA LEU B 164 -11.22 -10.15 -59.49
C LEU B 164 -11.58 -11.17 -60.60
N ARG B 165 -12.63 -11.97 -60.37
CA ARG B 165 -13.24 -12.83 -61.40
C ARG B 165 -13.72 -12.02 -62.59
N GLU B 166 -14.67 -11.13 -62.36
CA GLU B 166 -15.19 -10.31 -63.45
C GLU B 166 -14.06 -9.55 -64.17
N ARG B 167 -12.95 -9.29 -63.39
CA ARG B 167 -11.80 -8.57 -63.99
C ARG B 167 -11.10 -9.61 -64.93
N GLY B 168 -11.06 -10.90 -64.61
CA GLY B 168 -10.55 -11.92 -65.53
C GLY B 168 -9.08 -11.95 -65.91
N GLN B 169 -8.17 -11.31 -65.08
CA GLN B 169 -6.73 -11.34 -65.47
C GLN B 169 -6.16 -12.66 -65.01
N PHE B 170 -6.87 -13.48 -64.22
CA PHE B 170 -6.33 -14.78 -63.73
C PHE B 170 -7.24 -15.92 -64.20
N ALA B 171 -6.74 -17.16 -64.09
CA ALA B 171 -7.54 -18.35 -64.46
C ALA B 171 -8.87 -18.39 -63.73
N GLY B 172 -8.78 -18.28 -62.42
CA GLY B 172 -9.95 -18.23 -61.58
C GLY B 172 -9.55 -17.88 -60.16
N VAL B 173 -10.44 -17.19 -59.47
CA VAL B 173 -10.21 -16.72 -58.12
C VAL B 173 -10.97 -17.65 -57.16
N GLU B 174 -10.28 -18.36 -56.28
CA GLU B 174 -10.95 -19.11 -55.21
C GLU B 174 -10.45 -18.80 -53.77
N VAL B 175 -11.40 -18.80 -52.82
CA VAL B 175 -11.13 -18.53 -51.39
C VAL B 175 -10.89 -19.82 -50.57
N VAL B 176 -9.78 -19.86 -49.83
CA VAL B 176 -9.44 -20.93 -48.90
C VAL B 176 -9.38 -20.42 -47.44
N LEU B 177 -9.33 -21.35 -46.50
CA LEU B 177 -9.41 -21.03 -45.09
C LEU B 177 -8.19 -21.52 -44.34
N GLU B 178 -7.73 -20.67 -43.42
CA GLU B 178 -6.73 -21.03 -42.43
C GLU B 178 -7.25 -22.19 -41.56
N SER B 179 -6.31 -23.02 -41.13
CA SER B 179 -6.61 -24.19 -40.32
C SER B 179 -6.94 -23.81 -38.87
N ARG B 180 -7.88 -24.88 -38.27
CA ARG B 180 -8.75 -25.29 -37.01
C ARG B 180 -8.52 -24.61 -35.56
N GLU B 181 -7.95 -25.05 -34.48
CA GLU B 181 -7.86 -24.00 -33.47
C GLU B 181 -9.23 -23.65 -32.89
N SER B 191 -19.41 -22.64 -48.60
CA SER B 191 -18.91 -23.02 -47.28
C SER B 191 -17.37 -22.89 -47.15
N ALA B 192 -16.36 -22.10 -47.84
CA ALA B 192 -15.09 -22.31 -48.52
C ALA B 192 -14.36 -23.53 -47.96
N VAL B 193 -13.38 -24.01 -48.71
CA VAL B 193 -12.52 -25.16 -48.29
C VAL B 193 -11.30 -24.68 -47.50
N PRO B 194 -10.69 -25.56 -46.68
CA PRO B 194 -9.38 -25.28 -46.11
C PRO B 194 -8.23 -25.32 -47.12
N LEU B 195 -7.13 -24.66 -46.74
CA LEU B 195 -5.90 -24.63 -47.53
C LEU B 195 -5.40 -26.05 -47.78
N SER B 196 -5.41 -26.87 -46.74
CA SER B 196 -5.03 -28.29 -46.87
C SER B 196 -5.78 -28.97 -48.05
N GLU B 197 -7.07 -28.64 -48.23
CA GLU B 197 -7.85 -29.14 -49.35
C GLU B 197 -7.81 -28.14 -50.55
N TRP B 198 -6.62 -27.78 -51.07
CA TRP B 198 -6.55 -26.64 -52.02
C TRP B 198 -6.58 -26.92 -53.54
N PRO B 199 -5.91 -27.98 -54.04
CA PRO B 199 -6.03 -28.28 -55.48
C PRO B 199 -7.48 -28.56 -55.96
N SER B 200 -8.34 -29.00 -55.03
CA SER B 200 -9.79 -29.12 -55.26
C SER B 200 -10.48 -27.85 -55.78
N ARG B 201 -9.81 -26.69 -55.67
CA ARG B 201 -10.36 -25.41 -56.15
C ARG B 201 -9.51 -24.82 -57.28
N VAL B 202 -8.72 -25.67 -57.93
CA VAL B 202 -7.75 -25.23 -58.93
C VAL B 202 -7.95 -25.92 -60.30
N GLU B 203 -8.42 -25.28 -61.39
CA GLU B 203 -8.48 -25.91 -62.75
C GLU B 203 -7.26 -25.60 -63.61
N ALA B 204 -6.28 -24.95 -63.05
CA ALA B 204 -5.25 -24.33 -63.88
C ALA B 204 -3.92 -25.04 -63.70
N GLY B 205 -2.90 -24.57 -64.43
CA GLY B 205 -1.60 -25.21 -64.47
C GLY B 205 -0.66 -24.75 -63.37
N GLN B 206 -0.90 -23.53 -62.87
CA GLN B 206 -0.22 -22.96 -61.69
C GLN B 206 -1.25 -22.29 -60.73
N ALA B 207 -0.81 -22.05 -59.50
CA ALA B 207 -1.57 -21.32 -58.50
C ALA B 207 -0.71 -20.23 -57.84
N VAL B 208 -1.37 -19.22 -57.27
CA VAL B 208 -0.69 -18.21 -56.42
C VAL B 208 -1.53 -18.00 -55.17
N LEU B 209 -0.95 -18.20 -53.97
CA LEU B 209 -1.62 -17.91 -52.70
C LEU B 209 -1.32 -16.47 -52.20
N VAL B 210 -2.39 -15.66 -52.06
CA VAL B 210 -2.35 -14.33 -51.43
C VAL B 210 -3.20 -14.25 -50.12
N PRO B 211 -2.54 -14.23 -48.93
CA PRO B 211 -3.26 -14.16 -47.64
C PRO B 211 -3.96 -12.82 -47.41
N PHE B 212 -5.26 -12.87 -47.05
CA PHE B 212 -6.02 -11.63 -46.81
C PHE B 212 -5.84 -11.31 -45.30
N LEU B 213 -4.59 -11.00 -44.97
CA LEU B 213 -4.08 -10.84 -43.61
C LEU B 213 -3.26 -9.54 -43.55
N THR B 214 -3.31 -8.82 -42.42
CA THR B 214 -2.47 -7.61 -42.27
C THR B 214 -1.01 -8.08 -42.12
N HIS B 215 -0.85 -9.24 -41.50
CA HIS B 215 0.42 -9.83 -41.13
C HIS B 215 0.20 -11.29 -40.82
N LEU B 216 1.31 -12.03 -40.81
CA LEU B 216 1.35 -13.42 -40.46
C LEU B 216 2.32 -13.59 -39.29
N GLY B 217 1.80 -14.01 -38.12
CA GLY B 217 2.68 -14.32 -36.97
C GLY B 217 3.58 -15.54 -37.19
N LYS B 218 4.58 -15.73 -36.33
CA LYS B 218 5.43 -16.93 -36.41
C LYS B 218 4.60 -18.24 -36.24
N HIS B 219 3.70 -18.27 -35.27
CA HIS B 219 2.95 -19.48 -34.99
C HIS B 219 1.89 -19.71 -36.09
N ALA B 220 1.29 -18.62 -36.58
CA ALA B 220 0.31 -18.72 -37.66
C ALA B 220 1.00 -19.05 -38.99
N ALA B 221 2.25 -18.61 -39.16
CA ALA B 221 2.98 -18.93 -40.37
C ALA B 221 3.41 -20.39 -40.38
N GLU B 222 3.61 -20.96 -39.20
CA GLU B 222 3.87 -22.42 -39.07
C GLU B 222 2.69 -23.27 -39.52
N ARG B 223 1.48 -22.83 -39.15
CA ARG B 223 0.24 -23.49 -39.62
C ARG B 223 0.13 -23.43 -41.16
N LEU B 224 0.35 -22.25 -41.74
CA LEU B 224 0.36 -22.09 -43.20
C LEU B 224 1.25 -23.15 -43.87
N GLN B 225 2.31 -23.59 -43.20
CA GLN B 225 3.19 -24.63 -43.77
C GLN B 225 2.69 -26.07 -43.58
N GLN B 226 2.22 -26.38 -42.38
CA GLN B 226 1.58 -27.68 -42.11
C GLN B 226 0.38 -27.92 -43.04
N ALA B 227 -0.37 -26.88 -43.34
CA ALA B 227 -1.52 -26.98 -44.24
C ALA B 227 -1.08 -27.32 -45.65
N LEU B 228 -0.04 -26.63 -46.13
CA LEU B 228 0.52 -26.87 -47.46
C LEU B 228 1.14 -28.26 -47.58
N ALA B 229 1.48 -28.86 -46.44
CA ALA B 229 2.01 -30.23 -46.37
C ALA B 229 0.90 -31.30 -46.34
N GLN B 230 -0.08 -31.20 -45.41
CA GLN B 230 -1.21 -32.15 -45.41
C GLN B 230 -1.89 -32.09 -46.81
N ALA B 231 -1.63 -30.96 -47.58
CA ALA B 231 -2.08 -30.80 -48.97
C ALA B 231 -1.14 -31.44 -50.00
N ALA B 232 0.17 -31.27 -49.84
CA ALA B 232 1.15 -31.91 -50.75
C ALA B 232 1.04 -33.46 -50.71
N GLU B 233 0.89 -33.96 -49.46
CA GLU B 233 0.68 -35.37 -49.26
C GLU B 233 -0.60 -35.82 -50.01
N ARG B 234 -1.75 -35.17 -49.79
CA ARG B 234 -3.05 -35.54 -50.36
C ARG B 234 -3.29 -35.22 -51.87
N PHE B 235 -2.35 -34.52 -52.53
CA PHE B 235 -2.43 -34.19 -54.02
C PHE B 235 -1.05 -33.97 -54.62
N PRO B 236 -0.21 -35.04 -54.78
CA PRO B 236 1.21 -34.90 -55.19
C PRO B 236 1.44 -34.72 -56.70
N GLN B 237 0.37 -34.75 -57.48
CA GLN B 237 0.48 -34.33 -58.86
C GLN B 237 -0.19 -32.95 -58.99
N ALA B 238 -0.18 -32.16 -57.92
CA ALA B 238 -0.80 -30.83 -57.92
C ALA B 238 0.13 -29.81 -58.58
N PRO B 239 -0.44 -28.67 -59.04
CA PRO B 239 0.43 -27.73 -59.75
C PRO B 239 1.44 -26.97 -58.86
N PRO B 240 2.43 -26.31 -59.50
CA PRO B 240 3.17 -25.24 -58.84
C PRO B 240 2.27 -24.18 -58.17
N LEU B 241 2.51 -23.98 -56.86
CA LEU B 241 1.89 -22.93 -56.05
C LEU B 241 2.93 -21.85 -55.73
N HIS B 242 2.62 -20.61 -56.06
CA HIS B 242 3.45 -19.47 -55.73
C HIS B 242 2.89 -18.74 -54.50
N VAL B 243 3.52 -18.99 -53.36
CA VAL B 243 3.08 -18.43 -52.07
C VAL B 243 3.54 -16.97 -51.92
N GLY B 244 2.56 -16.08 -51.76
CA GLY B 244 2.81 -14.69 -51.45
C GLY B 244 2.82 -14.41 -49.94
N GLY B 245 3.35 -13.23 -49.60
CA GLY B 245 3.22 -12.69 -48.25
C GLY B 245 1.91 -11.93 -48.11
N PRO B 246 1.54 -11.59 -46.85
CA PRO B 246 0.24 -10.98 -46.56
C PRO B 246 -0.04 -9.72 -47.37
N VAL B 247 -1.27 -9.54 -47.83
CA VAL B 247 -1.59 -8.37 -48.64
C VAL B 247 -1.41 -7.09 -47.81
N GLY B 248 -1.55 -7.24 -46.49
CA GLY B 248 -1.21 -6.19 -45.55
C GLY B 248 0.19 -5.58 -45.67
N GLU B 249 1.18 -6.35 -46.13
CA GLU B 249 2.52 -5.82 -46.36
C GLU B 249 2.75 -5.18 -47.75
N HIS B 250 1.73 -5.14 -48.63
CA HIS B 250 1.94 -4.65 -49.98
C HIS B 250 1.75 -3.16 -50.04
N PRO B 251 2.61 -2.44 -50.76
CA PRO B 251 2.53 -0.99 -50.98
C PRO B 251 1.21 -0.45 -51.52
N ALA B 252 0.50 -1.33 -52.22
CA ALA B 252 -0.88 -1.12 -52.70
C ALA B 252 -1.87 -0.68 -51.60
N VAL B 253 -1.70 -1.22 -50.39
CA VAL B 253 -2.63 -0.86 -49.31
C VAL B 253 -2.72 0.66 -49.08
N ALA B 254 -1.66 1.39 -49.39
CA ALA B 254 -1.65 2.83 -49.13
C ALA B 254 -2.70 3.61 -49.90
N GLU B 255 -2.95 3.27 -51.17
CA GLU B 255 -4.00 3.95 -51.94
C GLU B 255 -5.37 3.62 -51.36
N VAL B 256 -5.61 2.37 -50.99
CA VAL B 256 -6.89 1.99 -50.38
C VAL B 256 -7.14 2.88 -49.13
N VAL B 257 -6.12 2.99 -48.27
CA VAL B 257 -6.19 3.85 -47.08
C VAL B 257 -6.56 5.28 -47.46
N LEU B 258 -5.90 5.84 -48.46
CA LEU B 258 -6.24 7.20 -48.89
C LEU B 258 -7.70 7.34 -49.37
N ALA B 259 -8.19 6.27 -49.99
CA ALA B 259 -9.54 6.31 -50.56
C ALA B 259 -10.57 6.15 -49.46
N LEU B 260 -10.32 5.26 -48.49
CA LEU B 260 -11.23 5.20 -47.34
C LEU B 260 -11.30 6.55 -46.63
N ALA B 261 -10.17 7.25 -46.54
CA ALA B 261 -10.14 8.52 -45.82
C ALA B 261 -10.91 9.67 -46.53
N ALA B 262 -10.90 9.66 -47.87
CA ALA B 262 -11.65 10.63 -48.70
C ALA B 262 -13.14 10.28 -48.74
N GLU B 263 -13.43 8.99 -48.67
CA GLU B 263 -14.79 8.45 -48.73
C GLU B 263 -15.77 9.20 -47.82
N GLY B 264 -16.48 10.15 -48.42
CA GLY B 264 -17.48 10.92 -47.74
C GLY B 264 -17.04 12.27 -47.24
N ARG B 265 -15.77 12.66 -47.38
CA ARG B 265 -15.37 13.94 -46.76
C ARG B 265 -16.31 15.06 -47.29
N GLU B 266 -17.20 15.45 -46.36
CA GLU B 266 -18.34 16.33 -46.51
C GLU B 266 -18.03 17.69 -47.13
N ASP B 267 -16.90 18.23 -46.72
CA ASP B 267 -16.53 19.54 -47.24
C ASP B 267 -15.07 19.90 -47.11
N GLU B 268 -14.75 20.99 -47.79
CA GLU B 268 -13.37 21.46 -48.06
C GLU B 268 -12.49 22.10 -46.98
N ARG B 269 -13.06 22.73 -45.97
CA ARG B 269 -12.20 23.33 -44.95
C ARG B 269 -11.76 22.22 -43.96
N GLY B 270 -10.46 22.20 -43.70
CA GLY B 270 -9.92 21.34 -42.69
C GLY B 270 -10.06 22.13 -41.38
N GLY B 271 -9.46 21.66 -40.27
CA GLY B 271 -9.60 22.35 -39.01
C GLY B 271 -8.50 23.36 -38.70
N ASP B 272 -8.35 23.59 -37.40
CA ASP B 272 -7.36 24.50 -36.81
C ASP B 272 -6.36 23.68 -36.00
N ILE B 273 -5.26 24.31 -35.67
CA ILE B 273 -4.35 23.72 -34.71
C ILE B 273 -5.07 23.65 -33.35
N ASP B 274 -4.75 22.60 -32.65
CA ASP B 274 -5.20 22.38 -31.30
C ASP B 274 -4.19 23.10 -30.41
N GLN B 275 -4.62 24.20 -29.79
CA GLN B 275 -3.70 25.08 -29.06
C GLN B 275 -3.11 24.43 -27.81
N ALA B 276 -3.88 23.57 -27.17
CA ALA B 276 -3.39 22.90 -25.97
C ALA B 276 -2.24 21.93 -26.33
N HIS B 277 -2.42 21.12 -27.37
CA HIS B 277 -1.28 20.36 -27.98
C HIS B 277 -0.07 21.25 -28.30
N ALA B 278 -0.31 22.33 -29.03
CA ALA B 278 0.75 23.23 -29.47
C ALA B 278 1.54 23.77 -28.30
N GLU B 279 0.81 24.16 -27.27
CA GLU B 279 1.44 24.76 -26.09
C GLU B 279 2.38 23.76 -25.40
N ALA B 280 1.94 22.50 -25.34
CA ALA B 280 2.72 21.40 -24.75
C ALA B 280 4.04 21.19 -25.51
N TRP B 281 3.97 21.20 -26.84
CA TRP B 281 5.13 20.98 -27.73
C TRP B 281 6.06 22.17 -27.75
N ALA B 282 5.50 23.33 -27.53
CA ALA B 282 6.36 24.52 -27.37
C ALA B 282 7.15 24.39 -26.06
N ALA B 283 6.51 23.94 -25.00
CA ALA B 283 7.22 23.67 -23.75
C ALA B 283 8.38 22.67 -23.93
N LEU B 284 8.11 21.64 -24.69
CA LEU B 284 9.13 20.67 -25.10
C LEU B 284 10.32 21.26 -25.91
N ARG B 285 10.09 22.06 -26.95
CA ARG B 285 11.21 22.74 -27.69
C ARG B 285 12.11 23.50 -26.74
N HIS B 286 11.48 24.25 -25.84
CA HIS B 286 12.17 24.98 -24.83
C HIS B 286 13.09 24.07 -24.05
N LEU B 287 12.56 22.97 -23.48
CA LEU B 287 13.37 22.03 -22.74
C LEU B 287 14.49 21.50 -23.61
N ALA B 288 14.18 21.24 -24.88
CA ALA B 288 15.13 20.56 -25.79
C ALA B 288 16.30 21.45 -26.06
N GLU B 289 16.00 22.73 -26.34
CA GLU B 289 16.97 23.77 -26.56
C GLU B 289 17.88 24.04 -25.38
N ARG B 290 17.39 23.81 -24.18
CA ARG B 290 18.20 23.80 -22.98
C ARG B 290 19.04 22.55 -22.82
N GLY B 291 18.61 21.47 -23.46
CA GLY B 291 19.09 20.15 -23.10
C GLY B 291 18.33 19.84 -21.81
N GLY B 292 17.81 18.64 -21.71
CA GLY B 292 17.13 18.21 -20.50
C GLY B 292 16.93 16.72 -20.69
N ARG B 293 16.19 16.16 -19.76
CA ARG B 293 16.01 14.74 -19.64
C ARG B 293 14.54 14.40 -19.48
N LEU B 294 14.13 13.29 -20.10
CA LEU B 294 12.79 12.90 -20.17
C LEU B 294 12.82 11.42 -20.02
N GLY B 295 12.35 10.89 -18.89
CA GLY B 295 12.31 9.45 -18.68
C GLY B 295 13.74 8.98 -18.68
N GLU B 296 14.03 8.01 -19.51
CA GLU B 296 15.38 7.43 -19.64
C GLU B 296 16.13 8.05 -20.86
N VAL B 297 15.68 9.18 -21.36
CA VAL B 297 16.29 9.79 -22.54
C VAL B 297 16.95 11.16 -22.23
N LEU B 298 18.13 11.39 -22.81
CA LEU B 298 18.82 12.65 -22.78
C LEU B 298 18.71 13.39 -24.11
N LEU B 299 18.28 14.64 -24.00
CA LEU B 299 18.05 15.53 -25.17
C LEU B 299 19.13 16.58 -25.17
N THR B 300 19.80 16.73 -26.32
CA THR B 300 20.96 17.63 -26.41
C THR B 300 20.81 18.36 -27.75
N PRO B 301 20.98 19.70 -27.78
CA PRO B 301 21.15 20.31 -29.11
C PRO B 301 22.43 19.78 -29.79
N TYR B 302 22.33 19.53 -31.09
CA TYR B 302 23.45 19.05 -31.94
C TYR B 302 23.54 19.98 -33.21
N GLY B 303 24.33 21.05 -33.14
CA GLY B 303 24.24 22.08 -34.21
C GLY B 303 22.85 22.66 -34.23
N GLY B 304 22.25 22.70 -35.39
CA GLY B 304 20.84 23.11 -35.47
C GLY B 304 19.89 21.94 -35.30
N LEU B 305 20.40 20.78 -34.89
CA LEU B 305 19.60 19.57 -34.81
C LEU B 305 19.50 19.20 -33.31
N PHE B 306 18.87 18.06 -33.03
CA PHE B 306 18.82 17.52 -31.68
C PHE B 306 19.30 16.11 -31.66
N GLU B 307 20.09 15.75 -30.65
CA GLU B 307 20.46 14.38 -30.38
C GLU B 307 19.64 13.75 -29.18
N LEU B 308 19.12 12.56 -29.38
CA LEU B 308 18.56 11.74 -28.25
C LEU B 308 19.47 10.55 -28.05
N ARG B 309 19.73 10.17 -26.79
CA ARG B 309 20.27 8.88 -26.46
C ARG B 309 19.74 8.48 -25.07
N HIS B 310 20.00 7.25 -24.69
CA HIS B 310 19.72 6.77 -23.35
C HIS B 310 20.60 7.51 -22.36
N THR B 311 19.99 7.85 -21.23
CA THR B 311 20.72 8.52 -20.19
C THR B 311 21.88 7.70 -19.67
N LEU B 312 21.77 6.37 -19.62
CA LEU B 312 22.93 5.55 -19.19
C LEU B 312 24.14 5.72 -20.13
N ASP B 313 23.82 6.14 -21.36
CA ASP B 313 24.81 6.30 -22.47
C ASP B 313 25.36 7.71 -22.57
N GLU B 314 25.07 8.55 -21.56
CA GLU B 314 25.69 9.88 -21.48
C GLU B 314 27.21 9.73 -21.50
N GLY B 315 27.86 10.54 -22.30
CA GLY B 315 29.33 10.53 -22.38
C GLY B 315 29.96 9.48 -23.29
N ARG B 316 29.13 8.61 -23.85
CA ARG B 316 29.59 7.41 -24.47
C ARG B 316 29.94 7.73 -25.92
N ALA B 317 31.09 7.25 -26.34
CA ALA B 317 31.57 7.54 -27.71
C ALA B 317 30.59 7.11 -28.79
N THR B 318 30.40 7.98 -29.76
CA THR B 318 29.58 7.74 -30.92
C THR B 318 29.89 6.47 -31.68
N LEU B 319 31.17 6.14 -31.79
CA LEU B 319 31.52 4.86 -32.41
C LEU B 319 30.87 3.67 -31.77
N ASP B 320 30.61 3.75 -30.47
CA ASP B 320 29.87 2.68 -29.73
C ASP B 320 28.41 2.56 -30.10
N LEU B 321 27.84 3.66 -30.60
CA LEU B 321 26.41 3.84 -30.79
C LEU B 321 25.98 3.65 -32.22
N GLN B 322 24.78 3.10 -32.37
CA GLN B 322 24.06 3.01 -33.61
C GLN B 322 23.23 4.25 -33.78
N THR B 323 23.40 4.93 -34.92
CA THR B 323 22.81 6.23 -35.12
C THR B 323 21.64 6.09 -36.08
N VAL B 324 20.52 6.76 -35.80
CA VAL B 324 19.37 6.82 -36.72
C VAL B 324 19.01 8.27 -36.88
N VAL B 325 18.26 8.61 -37.94
CA VAL B 325 17.96 10.01 -38.25
C VAL B 325 16.49 10.28 -38.62
N THR B 326 15.66 9.26 -38.52
CA THR B 326 14.23 9.42 -38.64
C THR B 326 13.47 8.97 -37.35
N PRO B 327 12.31 9.59 -37.08
CA PRO B 327 11.39 9.14 -35.99
C PRO B 327 11.07 7.68 -36.07
N GLU B 328 10.87 7.17 -37.29
CA GLU B 328 10.56 5.78 -37.47
C GLU B 328 11.71 4.83 -37.11
N GLY B 329 12.94 5.22 -37.44
CA GLY B 329 14.07 4.40 -37.03
C GLY B 329 14.29 4.39 -35.51
N LEU B 330 14.01 5.53 -34.87
CA LEU B 330 14.08 5.63 -33.39
C LEU B 330 13.07 4.69 -32.75
N ARG B 331 11.85 4.71 -33.26
CA ARG B 331 10.78 3.88 -32.79
C ARG B 331 11.17 2.39 -32.91
N ASP B 332 11.70 2.00 -34.08
CA ASP B 332 12.12 0.62 -34.28
C ASP B 332 13.27 0.24 -33.34
N LEU B 333 14.27 1.10 -33.15
CA LEU B 333 15.41 0.76 -32.28
C LEU B 333 14.99 0.63 -30.77
N THR B 334 13.85 1.23 -30.41
CA THR B 334 13.43 1.28 -29.01
C THR B 334 12.22 0.40 -28.75
N ALA B 335 11.78 -0.39 -29.72
CA ALA B 335 10.60 -1.23 -29.62
C ALA B 335 10.76 -2.50 -28.81
N ARG B 336 12.00 -2.90 -28.55
CA ARG B 336 12.32 -4.07 -27.81
C ARG B 336 13.36 -3.72 -26.77
N ASP B 337 13.32 -4.42 -25.64
CA ASP B 337 14.29 -4.25 -24.62
C ASP B 337 15.56 -5.04 -24.92
N GLU B 338 16.53 -4.95 -24.02
CA GLU B 338 17.85 -5.55 -24.24
C GLU B 338 17.79 -7.05 -24.37
N ALA B 339 16.70 -7.69 -23.90
CA ALA B 339 16.57 -9.18 -24.02
C ALA B 339 15.84 -9.54 -25.35
N GLY B 340 15.47 -8.51 -26.13
CA GLY B 340 14.68 -8.66 -27.35
C GLY B 340 13.19 -8.77 -27.19
N ARG B 341 12.69 -8.51 -25.99
CA ARG B 341 11.26 -8.61 -25.71
C ARG B 341 10.61 -7.30 -26.09
N TRP B 342 9.41 -7.42 -26.64
CA TRP B 342 8.58 -6.27 -27.07
C TRP B 342 8.29 -5.40 -25.82
N ARG B 343 8.18 -4.12 -26.08
CA ARG B 343 7.87 -3.03 -25.11
C ARG B 343 6.53 -2.39 -25.51
N PRO B 344 5.41 -3.02 -25.15
CA PRO B 344 4.11 -2.46 -25.43
C PRO B 344 3.81 -1.16 -24.71
N ILE B 345 4.29 -1.03 -23.47
CA ILE B 345 4.24 0.20 -22.68
C ILE B 345 5.61 0.82 -22.68
N ARG B 346 5.70 1.93 -23.38
CA ARG B 346 6.96 2.59 -23.67
C ARG B 346 7.51 3.42 -22.51
N THR B 347 6.74 3.59 -21.44
CA THR B 347 7.21 4.25 -20.24
C THR B 347 7.78 3.24 -19.25
N TRP B 348 7.78 1.96 -19.57
CA TRP B 348 8.51 1.01 -18.78
C TRP B 348 10.02 1.33 -18.76
N ARG B 349 10.64 1.10 -17.60
CA ARG B 349 12.07 1.39 -17.39
C ARG B 349 12.98 0.28 -18.01
N THR B 350 12.77 0.07 -19.31
CA THR B 350 13.33 -1.08 -20.01
C THR B 350 13.93 -0.59 -21.38
N LEU B 351 14.14 0.70 -21.49
CA LEU B 351 14.57 1.27 -22.79
C LEU B 351 15.98 0.76 -22.98
N PRO B 352 16.28 0.23 -24.19
CA PRO B 352 17.60 -0.38 -24.40
C PRO B 352 18.69 0.70 -24.58
N ARG B 353 19.91 0.33 -24.27
CA ARG B 353 21.07 1.20 -24.56
C ARG B 353 21.57 0.92 -25.98
N GLY B 354 22.55 1.71 -26.39
CA GLY B 354 23.33 1.44 -27.59
C GLY B 354 23.01 2.32 -28.79
N TRP B 355 22.05 3.25 -28.68
CA TRP B 355 21.54 3.98 -29.85
C TRP B 355 21.73 5.52 -29.68
N ARG B 356 21.60 6.27 -30.77
CA ARG B 356 21.45 7.69 -30.78
C ARG B 356 20.64 8.09 -32.01
N ALA B 357 19.79 9.10 -31.87
CA ALA B 357 19.03 9.67 -32.95
C ALA B 357 19.43 11.10 -33.08
N VAL B 358 19.58 11.54 -34.35
CA VAL B 358 19.85 12.93 -34.66
C VAL B 358 18.67 13.31 -35.52
N LEU B 359 17.91 14.25 -34.98
CA LEU B 359 16.63 14.63 -35.57
C LEU B 359 16.63 16.12 -35.87
N SER B 360 16.07 16.45 -37.03
CA SER B 360 15.80 17.82 -37.37
C SER B 360 14.70 18.37 -36.43
N PRO B 361 14.66 19.70 -36.24
CA PRO B 361 13.56 20.30 -35.47
C PRO B 361 12.18 19.96 -35.95
N ALA B 362 11.98 19.85 -37.25
CA ALA B 362 10.69 19.51 -37.74
C ALA B 362 10.29 18.09 -37.37
N ASP B 363 11.30 17.24 -37.13
CA ASP B 363 11.13 15.79 -36.85
C ASP B 363 11.10 15.42 -35.36
N LEU B 364 11.53 16.31 -34.49
CA LEU B 364 11.55 16.14 -33.05
C LEU B 364 10.22 15.69 -32.39
N ARG B 365 9.12 16.36 -32.77
CA ARG B 365 7.78 16.02 -32.26
C ARG B 365 7.42 14.59 -32.61
N LEU B 366 7.44 14.22 -33.89
CA LEU B 366 7.13 12.82 -34.23
C LEU B 366 8.14 11.84 -33.60
N GLY B 367 9.41 12.23 -33.50
CA GLY B 367 10.41 11.41 -32.86
C GLY B 367 9.98 11.00 -31.43
N LEU B 368 9.68 12.02 -30.64
CA LEU B 368 9.26 11.83 -29.23
C LEU B 368 7.87 11.22 -29.05
N GLU B 369 6.93 11.56 -29.94
CA GLU B 369 5.59 10.95 -29.85
C GLU B 369 5.65 9.45 -30.15
N LEU B 370 6.51 9.04 -31.09
CA LEU B 370 6.63 7.62 -31.35
C LEU B 370 7.47 6.94 -30.23
N LEU B 371 8.41 7.68 -29.60
CA LEU B 371 9.33 7.13 -28.58
C LEU B 371 8.58 6.86 -27.22
N TYR B 372 7.84 7.89 -26.83
CA TYR B 372 7.09 8.03 -25.61
C TYR B 372 5.70 8.63 -25.89
N PRO B 373 4.77 7.79 -26.41
CA PRO B 373 3.42 8.20 -26.72
C PRO B 373 2.70 8.76 -25.52
N ALA B 374 2.04 9.90 -25.77
CA ALA B 374 1.21 10.68 -24.83
C ALA B 374 1.90 11.41 -23.69
N VAL B 375 3.20 11.19 -23.51
CA VAL B 375 3.90 11.67 -22.33
C VAL B 375 4.03 13.20 -22.28
N ILE B 376 4.27 13.82 -23.43
CA ILE B 376 4.52 15.23 -23.48
C ILE B 376 3.23 15.98 -23.18
N GLU B 377 2.16 15.54 -23.81
CA GLU B 377 0.83 16.14 -23.64
C GLU B 377 0.23 15.90 -22.21
N GLU B 378 0.34 14.67 -21.71
CA GLU B 378 -0.10 14.32 -20.35
C GLU B 378 0.67 15.10 -19.30
N SER B 379 1.99 15.11 -19.44
CA SER B 379 2.82 15.82 -18.49
C SER B 379 2.53 17.31 -18.42
N TYR B 380 2.48 17.97 -19.57
CA TYR B 380 2.07 19.38 -19.63
C TYR B 380 0.71 19.68 -19.00
N ALA B 381 -0.31 18.87 -19.33
CA ALA B 381 -1.63 18.98 -18.74
C ALA B 381 -1.62 18.84 -17.22
N HIS B 382 -0.85 17.91 -16.69
CA HIS B 382 -0.76 17.72 -15.25
C HIS B 382 -0.05 18.87 -14.57
N GLU B 383 1.06 19.26 -15.17
CA GLU B 383 1.83 20.41 -14.70
C GLU B 383 0.89 21.61 -14.57
N HIS B 384 -0.12 21.71 -15.44
CA HIS B 384 -1.07 22.84 -15.46
C HIS B 384 -2.39 22.51 -14.84
N ARG B 385 -2.36 21.52 -13.96
CA ARG B 385 -3.48 21.16 -13.11
C ARG B 385 -4.69 20.83 -13.93
N ARG B 386 -4.52 20.23 -15.10
CA ARG B 386 -5.71 19.89 -15.83
C ARG B 386 -5.70 18.54 -16.52
N LEU B 387 -5.03 17.53 -15.98
CA LEU B 387 -5.15 16.22 -16.58
C LEU B 387 -6.34 15.39 -16.03
N HIS B 388 -7.35 15.10 -16.88
CA HIS B 388 -8.47 14.21 -16.51
C HIS B 388 -8.00 12.75 -16.48
N TRP B 389 -8.07 12.13 -15.33
CA TRP B 389 -7.77 10.72 -15.18
C TRP B 389 -9.09 9.92 -15.19
N THR B 390 -9.00 8.64 -15.58
CA THR B 390 -10.15 7.75 -15.69
C THR B 390 -10.07 6.75 -14.57
N PRO B 391 -11.17 6.62 -13.81
CA PRO B 391 -11.25 5.69 -12.69
C PRO B 391 -11.14 4.27 -13.14
N TRP B 392 -10.52 3.45 -12.32
CA TRP B 392 -10.44 2.06 -12.57
C TRP B 392 -11.82 1.48 -12.96
N MET B 393 -12.89 1.84 -12.26
CA MET B 393 -14.21 1.16 -12.57
C MET B 393 -14.76 1.49 -13.94
N SER B 394 -14.55 2.72 -14.34
CA SER B 394 -14.86 3.17 -15.65
C SER B 394 -14.09 2.39 -16.75
N THR B 395 -12.77 2.26 -16.63
CA THR B 395 -11.96 1.46 -17.54
C THR B 395 -12.45 0.00 -17.61
N ALA B 396 -12.59 -0.57 -16.42
CA ALA B 396 -13.06 -1.92 -16.22
C ALA B 396 -14.47 -2.19 -16.82
N ARG B 397 -15.37 -1.22 -16.66
CA ARG B 397 -16.71 -1.42 -17.17
C ARG B 397 -16.77 -1.40 -18.69
N ARG B 398 -15.88 -0.68 -19.35
CA ARG B 398 -15.80 -0.73 -20.81
C ARG B 398 -15.46 -2.09 -21.38
N GLN B 399 -14.77 -2.93 -20.62
CA GLN B 399 -14.21 -4.14 -21.24
C GLN B 399 -15.27 -5.21 -21.52
N THR B 400 -15.06 -5.92 -22.63
CA THR B 400 -15.91 -7.00 -23.03
C THR B 400 -15.06 -8.26 -23.29
N GLY B 401 -15.72 -9.37 -23.60
CA GLY B 401 -15.07 -10.67 -23.63
C GLY B 401 -14.40 -11.09 -22.33
N THR B 402 -13.27 -11.78 -22.47
CA THR B 402 -12.52 -12.28 -21.31
C THR B 402 -12.11 -11.17 -20.33
N LEU B 403 -11.77 -10.02 -20.89
CA LEU B 403 -11.32 -8.84 -20.15
C LEU B 403 -12.36 -8.24 -19.19
N ALA B 404 -13.64 -8.52 -19.44
CA ALA B 404 -14.73 -8.08 -18.51
C ALA B 404 -14.64 -8.74 -17.14
N ARG B 405 -13.94 -9.85 -17.05
CA ARG B 405 -13.46 -10.46 -15.82
C ARG B 405 -12.84 -9.49 -14.80
N VAL B 406 -12.24 -8.39 -15.29
CA VAL B 406 -11.54 -7.43 -14.42
C VAL B 406 -12.51 -6.69 -13.56
N GLN B 407 -13.78 -6.75 -13.96
CA GLN B 407 -14.85 -6.18 -13.17
C GLN B 407 -15.08 -6.91 -11.83
N ARG B 408 -14.51 -8.12 -11.66
CA ARG B 408 -14.67 -8.94 -10.43
C ARG B 408 -13.67 -8.59 -9.34
N ALA B 409 -12.60 -7.90 -9.75
CA ALA B 409 -11.44 -7.63 -8.91
C ALA B 409 -11.83 -6.73 -7.77
N THR B 410 -11.36 -7.07 -6.58
CA THR B 410 -11.55 -6.18 -5.46
C THR B 410 -10.61 -4.98 -5.56
N PRO B 411 -10.94 -3.86 -4.88
CA PRO B 411 -10.05 -2.70 -4.82
C PRO B 411 -8.63 -3.04 -4.34
N ASP B 412 -8.53 -4.06 -3.48
CA ASP B 412 -7.27 -4.48 -2.96
C ASP B 412 -6.56 -5.52 -3.83
N GLN B 413 -7.30 -6.31 -4.59
CA GLN B 413 -6.68 -7.06 -5.68
C GLN B 413 -6.09 -6.13 -6.80
N VAL B 414 -6.78 -5.05 -7.16
CA VAL B 414 -6.17 -4.19 -8.17
C VAL B 414 -4.97 -3.44 -7.58
N ASP B 415 -5.03 -3.09 -6.31
CA ASP B 415 -3.90 -2.46 -5.65
C ASP B 415 -2.69 -3.38 -5.64
N THR B 416 -2.92 -4.66 -5.45
CA THR B 416 -1.85 -5.63 -5.27
C THR B 416 -1.19 -5.94 -6.60
N VAL B 417 -2.00 -6.15 -7.63
CA VAL B 417 -1.50 -6.35 -8.99
C VAL B 417 -0.76 -5.13 -9.51
N ALA B 418 -1.36 -3.97 -9.39
CA ALA B 418 -0.77 -2.68 -9.80
C ALA B 418 0.64 -2.47 -9.23
N ALA B 419 0.75 -2.68 -7.90
CA ALA B 419 2.03 -2.54 -7.20
C ALA B 419 3.10 -3.42 -7.81
N GLN B 420 2.72 -4.59 -8.30
CA GLN B 420 3.65 -5.47 -8.99
C GLN B 420 3.92 -5.04 -10.47
N VAL B 421 2.88 -4.76 -11.24
CA VAL B 421 3.02 -4.42 -12.70
C VAL B 421 3.63 -3.03 -12.90
N CYS B 422 3.04 -2.06 -12.22
CA CYS B 422 3.40 -0.67 -12.44
C CYS B 422 4.77 -0.29 -11.90
N ALA B 423 5.33 -1.20 -11.07
CA ALA B 423 6.71 -1.06 -10.56
C ALA B 423 7.75 -0.93 -11.67
N SER B 424 7.47 -1.43 -12.86
CA SER B 424 8.38 -1.32 -14.02
C SER B 424 8.17 -0.06 -14.79
N CYS B 425 7.14 0.70 -14.44
CA CYS B 425 6.73 1.84 -15.18
C CYS B 425 7.29 3.10 -14.57
N LEU B 426 7.58 4.04 -15.45
CA LEU B 426 8.03 5.35 -15.01
C LEU B 426 6.91 6.22 -14.47
N ARG B 427 5.68 5.93 -14.87
CA ARG B 427 4.57 6.76 -14.59
C ARG B 427 4.00 6.54 -13.17
N THR B 428 3.29 7.56 -12.71
CA THR B 428 2.60 7.58 -11.40
C THR B 428 1.12 7.53 -11.61
N ARG B 429 0.49 6.53 -10.97
CA ARG B 429 -0.92 6.26 -11.20
C ARG B 429 -1.93 7.13 -10.44
N LEU B 430 -2.33 8.18 -11.12
CA LEU B 430 -3.16 9.24 -10.62
C LEU B 430 -4.55 8.73 -10.31
N TRP B 431 -5.02 7.82 -11.14
CA TRP B 431 -6.34 7.22 -11.06
C TRP B 431 -6.46 6.30 -9.82
N ALA B 432 -5.33 5.90 -9.26
CA ALA B 432 -5.26 5.12 -8.05
C ALA B 432 -4.98 5.99 -6.80
N GLY B 433 -4.99 7.31 -6.93
CA GLY B 433 -4.78 8.17 -5.81
C GLY B 433 -3.34 8.46 -5.46
N HIS B 434 -2.40 7.99 -6.28
CA HIS B 434 -1.00 8.37 -6.10
C HIS B 434 -0.82 9.75 -6.69
N THR B 435 0.01 10.57 -6.09
CA THR B 435 0.07 11.96 -6.53
C THR B 435 1.45 12.17 -7.09
N LEU B 436 1.50 13.14 -8.00
CA LEU B 436 2.70 13.49 -8.70
C LEU B 436 2.82 14.98 -8.61
N GLY B 437 3.75 15.44 -7.79
CA GLY B 437 3.85 16.88 -7.50
C GLY B 437 4.68 17.70 -8.48
N GLN B 438 5.50 17.00 -9.26
CA GLN B 438 6.41 17.64 -10.25
C GLN B 438 6.57 16.63 -11.39
N THR B 439 6.71 17.18 -12.56
CA THR B 439 6.86 16.45 -13.83
C THR B 439 8.16 16.76 -14.56
N ILE B 440 8.30 16.17 -15.76
CA ILE B 440 9.42 16.40 -16.63
C ILE B 440 9.57 17.88 -17.00
N PHE B 441 8.46 18.61 -16.91
CA PHE B 441 8.43 20.05 -17.16
C PHE B 441 8.71 20.86 -15.89
N SER B 442 8.81 20.23 -14.73
CA SER B 442 9.39 20.94 -13.60
C SER B 442 10.68 20.33 -13.13
N GLY B 443 11.43 19.79 -14.07
CA GLY B 443 12.82 19.43 -13.82
C GLY B 443 13.07 18.01 -13.30
N VAL B 444 12.03 17.18 -13.29
CA VAL B 444 12.14 15.82 -12.72
C VAL B 444 12.05 14.78 -13.90
N PRO B 445 13.20 14.11 -14.25
CA PRO B 445 13.16 13.22 -15.45
C PRO B 445 12.11 12.08 -15.39
N GLY B 446 11.92 11.52 -14.21
CA GLY B 446 10.99 10.44 -14.03
C GLY B 446 9.59 10.87 -13.57
N GLY B 447 9.29 12.17 -13.69
CA GLY B 447 7.96 12.70 -13.34
C GLY B 447 6.94 12.62 -14.47
N LEU B 448 6.30 11.47 -14.61
CA LEU B 448 5.33 11.21 -15.66
C LEU B 448 4.00 10.74 -15.05
N PRO B 449 2.87 11.38 -15.39
CA PRO B 449 1.59 10.88 -14.92
C PRO B 449 1.05 9.69 -15.69
N CYS B 450 0.29 8.83 -14.99
CA CYS B 450 -0.56 7.85 -15.64
C CYS B 450 -1.98 8.26 -15.36
N ALA B 451 -2.72 8.49 -16.45
CA ALA B 451 -4.09 8.91 -16.39
C ALA B 451 -5.10 7.78 -16.47
N GLU B 452 -4.70 6.59 -16.80
CA GLU B 452 -5.63 5.45 -16.89
C GLU B 452 -4.89 4.12 -16.91
N ALA B 453 -5.50 3.11 -16.34
CA ALA B 453 -4.99 1.76 -16.39
C ALA B 453 -4.90 1.28 -17.83
N CYS B 454 -3.72 0.77 -18.14
CA CYS B 454 -3.30 0.40 -19.48
C CYS B 454 -3.65 -1.08 -19.73
N THR B 455 -3.49 -1.53 -20.96
CA THR B 455 -3.84 -2.89 -21.38
C THR B 455 -3.00 -3.94 -20.69
N VAL B 456 -1.77 -3.60 -20.35
CA VAL B 456 -0.89 -4.57 -19.71
C VAL B 456 -1.39 -4.80 -18.29
N LEU B 457 -1.71 -3.70 -17.59
CA LEU B 457 -2.27 -3.84 -16.26
C LEU B 457 -3.64 -4.61 -16.25
N LEU B 458 -4.52 -4.33 -17.20
CA LEU B 458 -5.81 -4.98 -17.27
C LEU B 458 -5.70 -6.47 -17.44
N ALA B 459 -4.77 -6.94 -18.27
CA ALA B 459 -4.49 -8.37 -18.50
C ALA B 459 -3.90 -9.09 -17.28
N ALA B 460 -3.10 -8.38 -16.50
CA ALA B 460 -2.56 -8.88 -15.27
C ALA B 460 -3.66 -9.05 -14.24
N VAL B 461 -4.57 -8.07 -14.17
CA VAL B 461 -5.70 -8.11 -13.23
C VAL B 461 -6.67 -9.27 -13.66
N ARG B 462 -6.86 -9.46 -14.95
CA ARG B 462 -7.66 -10.55 -15.46
C ARG B 462 -7.00 -11.87 -15.01
N ASP B 463 -5.70 -12.01 -15.20
CA ASP B 463 -5.01 -13.17 -14.68
C ASP B 463 -5.14 -13.42 -13.18
N GLU B 464 -5.05 -12.41 -12.35
CA GLU B 464 -5.17 -12.63 -10.91
C GLU B 464 -6.56 -13.16 -10.49
N VAL B 465 -7.61 -12.65 -11.12
CA VAL B 465 -8.99 -13.08 -10.87
C VAL B 465 -9.13 -14.59 -11.18
N GLY B 466 -8.58 -15.03 -12.31
CA GLY B 466 -8.43 -16.49 -12.61
C GLY B 466 -7.57 -17.26 -11.58
N ARG B 467 -6.30 -16.88 -11.41
CA ARG B 467 -5.46 -17.51 -10.39
C ARG B 467 -6.19 -17.53 -9.03
N GLU B 468 -6.60 -16.35 -8.54
CA GLU B 468 -7.26 -16.22 -7.23
C GLU B 468 -8.76 -16.44 -7.35
N GLY C 1 -43.27 22.21 -13.61
CA GLY C 1 -44.07 22.11 -12.36
C GLY C 1 -45.01 20.94 -12.59
N ALA C 2 -44.51 20.05 -13.45
CA ALA C 2 -44.85 18.63 -13.49
C ALA C 2 -43.52 17.87 -13.19
N LEU C 3 -43.13 17.87 -11.93
CA LEU C 3 -41.76 17.46 -11.59
C LEU C 3 -41.83 16.15 -10.81
N ARG C 4 -40.86 15.27 -11.06
CA ARG C 4 -40.90 13.94 -10.48
C ARG C 4 -39.53 13.48 -10.05
N SER C 5 -39.51 12.77 -8.93
CA SER C 5 -38.29 12.14 -8.43
C SER C 5 -38.38 10.64 -8.60
N LEU C 6 -37.28 10.04 -9.07
CA LEU C 6 -37.09 8.58 -9.00
C LEU C 6 -36.13 8.24 -7.90
N VAL C 7 -36.55 7.36 -6.99
CA VAL C 7 -35.67 6.74 -5.93
C VAL C 7 -35.40 5.26 -6.18
N LEU C 8 -34.12 4.89 -6.18
CA LEU C 8 -33.71 3.50 -6.29
C LEU C 8 -33.19 2.95 -4.99
N ILE C 9 -33.71 1.81 -4.56
CA ILE C 9 -33.36 1.26 -3.26
C ILE C 9 -32.49 0.02 -3.45
N GLY C 10 -31.32 0.03 -2.86
CA GLY C 10 -30.42 -1.08 -2.85
C GLY C 10 -30.24 -1.69 -1.45
N HIS C 11 -29.51 -2.80 -1.39
CA HIS C 11 -29.37 -3.48 -0.08
C HIS C 11 -28.36 -2.65 0.78
N GLY C 12 -27.23 -2.31 0.22
CA GLY C 12 -26.14 -1.70 0.97
C GLY C 12 -25.49 -2.65 2.00
N SER C 13 -24.47 -2.14 2.71
CA SER C 13 -23.75 -2.98 3.66
C SER C 13 -22.90 -2.12 4.62
N HIS C 14 -22.75 -2.64 5.83
CA HIS C 14 -21.82 -2.04 6.78
C HIS C 14 -20.41 -2.18 6.41
N HIS C 15 -20.09 -3.19 5.58
CA HIS C 15 -18.72 -3.64 5.35
C HIS C 15 -18.22 -3.76 3.90
N HIS C 16 -19.11 -4.01 2.93
CA HIS C 16 -18.73 -4.35 1.58
C HIS C 16 -19.33 -3.35 0.63
N GLY C 17 -18.50 -2.76 -0.20
CA GLY C 17 -18.96 -1.78 -1.16
C GLY C 17 -19.73 -2.33 -2.36
N GLU C 18 -19.55 -3.61 -2.71
CA GLU C 18 -20.11 -4.13 -4.00
C GLU C 18 -21.61 -4.05 -3.95
N SER C 19 -22.11 -4.20 -2.75
CA SER C 19 -23.53 -4.31 -2.45
C SER C 19 -24.38 -3.07 -2.68
N ALA C 20 -23.71 -1.95 -2.94
CA ALA C 20 -24.30 -0.64 -3.36
C ALA C 20 -24.00 -0.36 -4.81
N ARG C 21 -23.06 -1.10 -5.39
CA ARG C 21 -22.52 -0.75 -6.72
C ARG C 21 -23.53 -0.80 -7.85
N ALA C 22 -24.46 -1.75 -7.80
CA ALA C 22 -25.49 -1.88 -8.81
C ALA C 22 -26.43 -0.74 -8.77
N THR C 23 -26.85 -0.33 -7.57
CA THR C 23 -27.70 0.79 -7.45
C THR C 23 -26.99 2.08 -7.93
N GLN C 24 -25.74 2.29 -7.50
CA GLN C 24 -25.03 3.49 -7.85
C GLN C 24 -24.75 3.60 -9.33
N GLN C 25 -24.41 2.49 -9.97
CA GLN C 25 -24.23 2.37 -11.44
C GLN C 25 -25.48 2.77 -12.20
N VAL C 26 -26.61 2.15 -11.90
CA VAL C 26 -27.87 2.48 -12.54
C VAL C 26 -28.33 3.92 -12.33
N ALA C 27 -28.21 4.42 -11.10
CA ALA C 27 -28.50 5.84 -10.80
C ALA C 27 -27.71 6.79 -11.68
N GLU C 28 -26.42 6.57 -11.83
CA GLU C 28 -25.60 7.45 -12.59
C GLU C 28 -25.92 7.37 -14.08
N ALA C 29 -26.27 6.17 -14.55
CA ALA C 29 -26.61 6.00 -15.95
C ALA C 29 -27.90 6.75 -16.24
N LEU C 30 -28.88 6.67 -15.35
CA LEU C 30 -30.09 7.40 -15.58
C LEU C 30 -29.90 8.98 -15.51
N ARG C 31 -29.07 9.46 -14.59
CA ARG C 31 -28.78 10.92 -14.54
C ARG C 31 -28.15 11.39 -15.85
N GLY C 32 -27.22 10.57 -16.36
CA GLY C 32 -26.59 10.73 -17.67
C GLY C 32 -27.63 10.99 -18.77
N ARG C 33 -28.65 10.16 -18.84
CA ARG C 33 -29.80 10.41 -19.73
C ARG C 33 -30.57 11.70 -19.46
N GLY C 34 -30.68 12.06 -18.18
CA GLY C 34 -31.23 13.31 -17.76
C GLY C 34 -30.39 14.47 -18.30
N LEU C 35 -29.06 14.37 -18.24
CA LEU C 35 -28.21 15.44 -18.79
C LEU C 35 -28.47 15.62 -20.30
N ALA C 36 -28.76 14.49 -20.95
CA ALA C 36 -28.96 14.42 -22.39
C ALA C 36 -30.36 14.82 -22.80
N GLY C 37 -31.29 14.85 -21.83
CA GLY C 37 -32.70 15.22 -22.08
C GLY C 37 -33.65 14.04 -22.36
N HIS C 38 -33.22 12.82 -22.06
CA HIS C 38 -34.07 11.63 -22.27
C HIS C 38 -34.43 10.90 -20.96
N LEU C 39 -34.75 11.67 -19.93
CA LEU C 39 -35.21 11.07 -18.71
C LEU C 39 -36.55 11.63 -18.32
N PRO C 40 -37.55 10.75 -18.07
CA PRO C 40 -38.84 11.21 -17.59
C PRO C 40 -38.87 11.58 -16.10
N TYR C 41 -37.67 11.77 -15.51
CA TYR C 41 -37.52 12.24 -14.13
C TYR C 41 -36.64 13.46 -14.03
N ASP C 42 -36.89 14.27 -13.01
CA ASP C 42 -36.04 15.47 -12.79
C ASP C 42 -34.85 15.26 -11.84
N GLU C 43 -34.87 14.13 -11.15
CA GLU C 43 -33.75 13.68 -10.33
C GLU C 43 -33.88 12.19 -10.06
N VAL C 44 -32.72 11.61 -9.75
CA VAL C 44 -32.55 10.23 -9.42
C VAL C 44 -31.74 10.15 -8.13
N LEU C 45 -32.40 9.69 -7.06
CA LEU C 45 -31.77 9.49 -5.75
C LEU C 45 -31.65 8.03 -5.30
N GLU C 46 -30.80 7.77 -4.32
CA GLU C 46 -30.58 6.38 -3.81
C GLU C 46 -30.94 6.29 -2.37
N GLY C 47 -31.36 5.11 -1.96
CA GLY C 47 -31.53 4.81 -0.56
C GLY C 47 -31.12 3.36 -0.38
N TYR C 48 -30.72 3.02 0.85
CA TYR C 48 -30.20 1.69 1.18
C TYR C 48 -30.78 1.22 2.50
N TRP C 49 -31.02 -0.08 2.55
CA TRP C 49 -31.34 -0.70 3.76
C TRP C 49 -30.22 -0.53 4.82
N GLN C 50 -29.03 -0.97 4.45
CA GLN C 50 -27.91 -1.14 5.40
C GLN C 50 -26.78 -0.08 5.34
N GLN C 51 -27.04 1.03 4.71
CA GLN C 51 -26.14 2.19 4.79
C GLN C 51 -26.89 3.46 4.43
N GLU C 52 -26.19 4.59 4.59
CA GLU C 52 -26.65 5.88 4.14
C GLU C 52 -26.34 6.06 2.69
N PRO C 53 -27.25 6.69 2.01
CA PRO C 53 -28.54 7.25 2.41
C PRO C 53 -29.55 6.15 2.80
N GLY C 54 -30.19 6.25 3.96
CA GLY C 54 -30.97 5.13 4.58
C GLY C 54 -32.44 5.24 4.18
N LEU C 55 -33.23 4.19 4.47
CA LEU C 55 -34.66 4.11 4.04
C LEU C 55 -35.50 5.18 4.72
N ARG C 56 -35.18 5.32 6.00
CA ARG C 56 -35.75 6.34 6.87
C ARG C 56 -35.41 7.77 6.45
N GLN C 57 -34.35 7.97 5.69
CA GLN C 57 -33.89 9.32 5.34
C GLN C 57 -34.24 9.68 3.96
N VAL C 58 -34.66 8.74 3.11
CA VAL C 58 -34.62 9.05 1.69
C VAL C 58 -35.74 9.99 1.27
N LEU C 59 -36.90 9.90 1.88
CA LEU C 59 -37.99 10.84 1.51
C LEU C 59 -37.80 12.27 2.01
N ARG C 60 -37.05 12.46 3.09
CA ARG C 60 -36.53 13.78 3.48
C ARG C 60 -35.63 14.34 2.40
N THR C 61 -35.08 13.51 1.51
CA THR C 61 -34.12 14.10 0.57
C THR C 61 -34.67 14.38 -0.84
N VAL C 62 -35.92 14.00 -1.09
CA VAL C 62 -36.45 14.15 -2.43
C VAL C 62 -36.85 15.59 -2.66
N ALA C 63 -36.55 16.11 -3.85
CA ALA C 63 -36.79 17.51 -4.14
C ALA C 63 -38.22 17.82 -4.50
N TYR C 64 -39.04 16.79 -4.84
CA TYR C 64 -40.30 17.01 -5.53
C TYR C 64 -41.44 16.24 -4.82
N SER C 65 -42.68 16.58 -5.13
CA SER C 65 -43.81 16.05 -4.35
C SER C 65 -44.31 14.71 -4.93
N ASP C 66 -43.77 14.32 -6.08
CA ASP C 66 -44.18 13.10 -6.77
C ASP C 66 -42.98 12.19 -6.84
N VAL C 67 -43.08 11.06 -6.18
CA VAL C 67 -41.93 10.13 -6.08
C VAL C 67 -42.28 8.70 -6.49
N THR C 68 -41.37 8.10 -7.25
CA THR C 68 -41.46 6.68 -7.57
C THR C 68 -40.29 5.94 -6.99
N VAL C 69 -40.58 4.89 -6.22
CA VAL C 69 -39.53 4.09 -5.59
C VAL C 69 -39.41 2.67 -6.15
N VAL C 70 -38.27 2.36 -6.71
CA VAL C 70 -38.00 1.06 -7.30
C VAL C 70 -36.91 0.33 -6.54
N PRO C 71 -37.23 -0.86 -6.07
CA PRO C 71 -36.27 -1.74 -5.48
C PRO C 71 -35.31 -2.47 -6.37
N VAL C 72 -34.03 -2.26 -6.17
CA VAL C 72 -33.08 -2.81 -7.08
C VAL C 72 -32.70 -4.12 -6.43
N PHE C 73 -33.63 -5.07 -6.48
CA PHE C 73 -33.48 -6.37 -5.82
C PHE C 73 -34.04 -7.38 -6.84
N LEU C 74 -33.54 -8.61 -6.80
CA LEU C 74 -33.87 -9.65 -7.80
C LEU C 74 -34.85 -10.70 -7.25
N SER C 75 -35.14 -10.70 -5.95
CA SER C 75 -36.20 -11.55 -5.40
C SER C 75 -37.32 -10.74 -4.80
N GLU C 76 -38.47 -11.38 -4.66
CA GLU C 76 -39.71 -10.79 -4.18
C GLU C 76 -40.01 -11.55 -2.94
N GLY C 77 -39.79 -10.95 -1.77
CA GLY C 77 -40.04 -11.64 -0.50
C GLY C 77 -39.84 -10.79 0.75
N TYR C 78 -39.23 -11.36 1.77
CA TYR C 78 -39.05 -10.67 3.08
C TYR C 78 -38.63 -9.20 2.96
N VAL C 79 -37.47 -8.98 2.37
CA VAL C 79 -36.90 -7.64 2.29
C VAL C 79 -37.83 -6.71 1.53
N THR C 80 -38.32 -7.15 0.38
CA THR C 80 -39.10 -6.24 -0.45
C THR C 80 -40.53 -6.06 -0.02
N GLU C 81 -41.11 -7.08 0.65
CA GLU C 81 -42.51 -7.06 0.99
C GLU C 81 -42.76 -6.64 2.47
N THR C 82 -41.82 -6.95 3.34
CA THR C 82 -41.87 -6.51 4.74
C THR C 82 -40.92 -5.29 5.05
N VAL C 83 -39.62 -5.45 4.80
CA VAL C 83 -38.64 -4.58 5.45
C VAL C 83 -38.75 -3.22 4.78
N LEU C 84 -38.69 -3.16 3.45
CA LEU C 84 -38.61 -1.87 2.80
C LEU C 84 -39.85 -1.03 2.92
N PRO C 85 -41.06 -1.62 2.77
CA PRO C 85 -42.23 -0.72 2.98
C PRO C 85 -42.42 -0.26 4.44
N ARG C 86 -42.06 -1.11 5.40
CA ARG C 86 -42.11 -0.77 6.81
C ARG C 86 -41.16 0.39 7.11
N GLU C 87 -39.91 0.33 6.62
CA GLU C 87 -38.95 1.38 6.92
C GLU C 87 -39.24 2.66 6.19
N LEU C 88 -39.81 2.53 5.00
CA LEU C 88 -40.29 3.65 4.25
C LEU C 88 -41.55 4.29 4.76
N GLY C 89 -42.30 3.61 5.63
CA GLY C 89 -43.47 4.22 6.21
C GLY C 89 -44.68 4.11 5.32
N LEU C 90 -44.70 3.08 4.49
CA LEU C 90 -45.75 2.90 3.47
C LEU C 90 -46.93 2.15 3.99
N GLY C 91 -46.82 1.56 5.16
CA GLY C 91 -47.92 0.87 5.76
C GLY C 91 -48.53 -0.15 4.81
N HIS C 92 -47.74 -1.17 4.46
CA HIS C 92 -48.11 -2.24 3.55
C HIS C 92 -47.25 -3.43 3.88
N GLN C 93 -47.84 -4.60 3.77
CA GLN C 93 -47.10 -5.86 4.00
C GLN C 93 -47.59 -6.90 3.01
N GLY C 94 -46.72 -7.80 2.62
CA GLY C 94 -47.07 -8.92 1.75
C GLY C 94 -46.87 -8.54 0.30
N PRO C 95 -47.39 -9.37 -0.62
CA PRO C 95 -47.28 -9.19 -2.06
C PRO C 95 -47.64 -7.83 -2.59
N VAL C 96 -46.72 -7.27 -3.33
CA VAL C 96 -46.95 -5.93 -3.92
C VAL C 96 -47.83 -6.04 -5.21
N PRO C 97 -48.89 -5.21 -5.34
CA PRO C 97 -49.68 -5.29 -6.59
C PRO C 97 -48.81 -4.96 -7.80
N THR C 98 -49.17 -5.54 -8.94
CA THR C 98 -48.39 -5.26 -10.15
C THR C 98 -48.47 -3.79 -10.33
N GLY C 99 -47.53 -3.04 -10.74
CA GLY C 99 -48.22 -1.62 -10.74
C GLY C 99 -47.99 -0.79 -9.45
N GLY C 100 -47.87 -1.48 -8.29
CA GLY C 100 -47.14 -0.94 -7.12
C GLY C 100 -48.02 -0.49 -5.99
N VAL C 101 -47.39 -0.07 -4.90
CA VAL C 101 -48.15 0.47 -3.74
C VAL C 101 -48.20 2.00 -3.86
N VAL C 102 -49.40 2.59 -3.89
CA VAL C 102 -49.55 4.03 -3.97
C VAL C 102 -49.98 4.63 -2.62
N ARG C 103 -49.22 5.63 -2.15
CA ARG C 103 -49.47 6.26 -0.86
C ARG C 103 -49.35 7.75 -0.95
N VAL C 104 -49.91 8.38 0.07
CA VAL C 104 -49.72 9.80 0.29
C VAL C 104 -49.00 9.99 1.64
N LEU C 105 -47.67 10.19 1.63
CA LEU C 105 -46.91 10.53 2.86
C LEU C 105 -45.91 11.72 2.76
N GLY C 106 -45.94 12.55 3.80
CA GLY C 106 -45.39 13.91 3.75
C GLY C 106 -46.43 14.77 3.03
N GLY C 107 -45.95 15.73 2.26
CA GLY C 107 -46.79 16.36 1.24
C GLY C 107 -46.45 15.69 -0.07
N ARG C 108 -46.56 14.35 -0.14
CA ARG C 108 -45.99 13.60 -1.28
C ARG C 108 -46.80 12.37 -1.79
N ARG C 109 -47.01 12.31 -3.11
CA ARG C 109 -47.42 11.08 -3.78
C ARG C 109 -46.20 10.15 -3.94
N VAL C 110 -46.26 9.01 -3.29
CA VAL C 110 -45.20 7.99 -3.34
C VAL C 110 -45.78 6.70 -3.94
N ARG C 111 -45.06 6.07 -4.85
CA ARG C 111 -45.48 4.76 -5.46
C ARG C 111 -44.26 3.85 -5.39
N TYR C 112 -44.40 2.72 -4.71
CA TYR C 112 -43.37 1.77 -4.46
C TYR C 112 -43.62 0.61 -5.42
N THR C 113 -42.67 0.30 -6.29
CA THR C 113 -42.88 -0.72 -7.32
C THR C 113 -42.47 -2.10 -6.86
N ARG C 114 -42.90 -3.09 -7.67
CA ARG C 114 -42.28 -4.40 -7.67
C ARG C 114 -40.81 -4.27 -7.92
N PRO C 115 -40.04 -5.23 -7.45
CA PRO C 115 -38.67 -5.27 -7.62
C PRO C 115 -38.21 -5.56 -9.03
N LEU C 116 -36.99 -5.14 -9.25
CA LEU C 116 -36.32 -5.24 -10.54
C LEU C 116 -36.44 -6.65 -11.14
N GLY C 117 -36.22 -7.68 -10.32
CA GLY C 117 -36.20 -9.06 -10.76
C GLY C 117 -37.50 -9.62 -11.30
N ALA C 118 -38.60 -8.98 -10.95
CA ALA C 118 -39.91 -9.28 -11.42
C ALA C 118 -40.22 -8.83 -12.83
N HIS C 119 -39.49 -7.85 -13.37
CA HIS C 119 -39.87 -7.31 -14.68
C HIS C 119 -39.37 -8.21 -15.87
N PRO C 120 -40.24 -8.46 -16.85
CA PRO C 120 -39.86 -9.32 -18.02
C PRO C 120 -38.65 -8.91 -18.76
N GLY C 121 -38.36 -7.61 -18.77
CA GLY C 121 -37.16 -7.07 -19.34
C GLY C 121 -35.92 -7.65 -18.72
N MET C 122 -36.01 -8.24 -17.51
CA MET C 122 -34.82 -8.96 -17.00
C MET C 122 -34.35 -10.13 -17.88
N ALA C 123 -35.26 -10.75 -18.61
CA ALA C 123 -34.89 -11.79 -19.58
C ALA C 123 -33.96 -11.22 -20.67
N ASP C 124 -34.30 -10.06 -21.19
CA ASP C 124 -33.41 -9.34 -22.15
C ASP C 124 -32.02 -8.95 -21.57
N ALA C 125 -31.98 -8.57 -20.31
CA ALA C 125 -30.77 -8.11 -19.70
C ALA C 125 -29.86 -9.37 -19.51
N ILE C 126 -30.45 -10.47 -19.11
CA ILE C 126 -29.70 -11.73 -18.92
C ILE C 126 -28.98 -12.17 -20.24
N ALA C 127 -29.77 -12.18 -21.28
CA ALA C 127 -29.35 -12.58 -22.63
C ALA C 127 -28.27 -11.68 -23.15
N ALA C 128 -28.41 -10.40 -22.88
CA ALA C 128 -27.36 -9.43 -23.22
C ALA C 128 -26.06 -9.62 -22.46
N GLN C 129 -26.16 -9.85 -21.16
CA GLN C 129 -25.01 -10.23 -20.36
C GLN C 129 -24.33 -11.49 -20.97
N ALA C 130 -25.11 -12.47 -21.35
CA ALA C 130 -24.61 -13.75 -21.82
C ALA C 130 -23.84 -13.56 -23.14
N ARG C 131 -24.47 -12.93 -24.11
CA ARG C 131 -23.82 -12.57 -25.37
C ARG C 131 -22.54 -11.72 -25.18
N ASP C 132 -22.52 -10.82 -24.22
CA ASP C 132 -21.34 -10.02 -23.94
C ASP C 132 -20.20 -10.79 -23.22
N THR C 133 -20.50 -12.00 -22.76
CA THR C 133 -19.54 -12.79 -21.97
C THR C 133 -18.79 -13.78 -22.87
N LEU C 134 -19.43 -14.08 -24.00
CA LEU C 134 -18.87 -14.90 -25.07
C LEU C 134 -17.62 -14.32 -25.79
N PRO C 135 -16.98 -15.17 -26.62
CA PRO C 135 -15.84 -14.68 -27.39
C PRO C 135 -16.27 -14.33 -28.79
N GLU C 136 -15.48 -13.46 -29.41
CA GLU C 136 -15.94 -12.72 -30.60
C GLU C 136 -16.63 -13.49 -31.71
N GLY C 137 -16.40 -14.78 -31.85
CA GLY C 137 -17.01 -15.48 -32.98
C GLY C 137 -18.28 -16.29 -32.79
N THR C 138 -18.78 -16.40 -31.56
CA THR C 138 -19.53 -17.60 -31.18
C THR C 138 -21.02 -17.52 -31.41
N ASP C 139 -21.58 -18.53 -32.05
CA ASP C 139 -23.01 -18.56 -32.28
C ASP C 139 -23.66 -19.04 -30.94
N PRO C 140 -24.48 -18.18 -30.31
CA PRO C 140 -25.31 -18.55 -29.16
C PRO C 140 -26.11 -19.80 -29.35
N ALA C 141 -26.36 -20.15 -30.62
CA ALA C 141 -27.02 -21.38 -30.97
C ALA C 141 -26.21 -22.58 -30.46
N ASP C 142 -24.88 -22.44 -30.35
CA ASP C 142 -23.98 -23.52 -29.88
C ASP C 142 -23.68 -23.43 -28.40
N VAL C 143 -24.30 -22.48 -27.71
CA VAL C 143 -24.00 -22.20 -26.33
C VAL C 143 -25.20 -22.47 -25.44
N THR C 144 -24.97 -23.23 -24.36
CA THR C 144 -26.00 -23.48 -23.36
C THR C 144 -25.94 -22.42 -22.24
N LEU C 145 -27.13 -21.89 -21.90
CA LEU C 145 -27.22 -20.78 -20.93
C LEU C 145 -27.54 -21.32 -19.58
N LEU C 146 -26.64 -21.10 -18.66
CA LEU C 146 -26.80 -21.46 -17.25
C LEU C 146 -27.14 -20.22 -16.40
N LEU C 147 -28.30 -20.21 -15.73
CA LEU C 147 -28.75 -19.10 -14.90
C LEU C 147 -28.62 -19.39 -13.44
N LEU C 148 -27.74 -18.69 -12.74
CA LEU C 148 -27.42 -19.01 -11.30
C LEU C 148 -28.33 -18.28 -10.34
N ALA C 149 -29.18 -19.05 -9.67
CA ALA C 149 -30.06 -18.52 -8.64
C ALA C 149 -29.33 -18.38 -7.34
N ALA C 150 -29.72 -17.39 -6.56
CA ALA C 150 -29.22 -17.25 -5.20
C ALA C 150 -29.94 -18.19 -4.23
N ARG C 151 -31.24 -18.42 -4.46
CA ARG C 151 -32.03 -19.35 -3.63
C ARG C 151 -32.91 -20.27 -4.48
N PRO C 152 -33.37 -21.39 -3.90
CA PRO C 152 -34.21 -22.41 -4.49
C PRO C 152 -35.43 -22.03 -5.35
N GLY C 153 -36.39 -21.31 -4.79
CA GLY C 153 -37.62 -21.02 -5.56
C GLY C 153 -37.76 -19.57 -5.98
N ASN C 154 -36.93 -19.11 -6.92
CA ASN C 154 -37.09 -17.74 -7.44
C ASN C 154 -38.01 -17.88 -8.61
N ALA C 155 -39.26 -17.56 -8.37
CA ALA C 155 -40.32 -17.79 -9.32
C ALA C 155 -40.12 -16.93 -10.56
N ALA C 156 -39.70 -15.70 -10.34
CA ALA C 156 -39.35 -14.82 -11.41
C ALA C 156 -38.24 -15.38 -12.27
N LEU C 157 -37.17 -15.89 -11.69
CA LEU C 157 -36.11 -16.41 -12.50
C LEU C 157 -36.60 -17.58 -13.44
N GLU C 158 -37.34 -18.52 -12.91
CA GLU C 158 -37.93 -19.59 -13.69
C GLU C 158 -38.73 -19.09 -14.86
N THR C 159 -39.51 -18.04 -14.63
CA THR C 159 -40.20 -17.31 -15.72
C THR C 159 -39.30 -16.72 -16.79
N HIS C 160 -38.24 -16.04 -16.39
CA HIS C 160 -37.27 -15.51 -17.34
C HIS C 160 -36.60 -16.63 -18.14
N ALA C 161 -36.33 -17.73 -17.43
CA ALA C 161 -35.66 -18.86 -18.04
C ALA C 161 -36.55 -19.45 -19.12
N GLN C 162 -37.83 -19.56 -18.86
CA GLN C 162 -38.75 -20.12 -19.83
C GLN C 162 -39.00 -19.14 -21.00
N ALA C 163 -39.08 -17.84 -20.73
CA ALA C 163 -39.05 -16.84 -21.81
C ALA C 163 -37.86 -16.95 -22.73
N LEU C 164 -36.67 -17.11 -22.19
CA LEU C 164 -35.48 -17.23 -23.02
C LEU C 164 -35.35 -18.58 -23.81
N ARG C 165 -35.88 -19.65 -23.21
CA ARG C 165 -36.03 -20.98 -23.87
C ARG C 165 -36.89 -20.84 -25.11
N GLU C 166 -38.07 -20.29 -24.92
CA GLU C 166 -39.01 -20.05 -25.99
C GLU C 166 -38.45 -19.13 -27.07
N ARG C 167 -37.67 -18.11 -26.71
CA ARG C 167 -37.16 -17.15 -27.70
C ARG C 167 -36.07 -17.81 -28.55
N GLY C 168 -35.48 -18.83 -27.96
CA GLY C 168 -34.73 -19.84 -28.69
C GLY C 168 -33.37 -19.48 -29.22
N GLN C 169 -32.71 -18.47 -28.68
CA GLN C 169 -31.42 -18.06 -29.25
C GLN C 169 -30.21 -18.78 -28.62
N PHE C 170 -30.49 -19.64 -27.65
CA PHE C 170 -29.45 -20.42 -26.98
C PHE C 170 -29.74 -21.86 -27.33
N ALA C 171 -28.72 -22.68 -27.19
CA ALA C 171 -28.89 -24.11 -27.42
C ALA C 171 -29.86 -24.67 -26.37
N GLY C 172 -29.86 -24.03 -25.20
CA GLY C 172 -30.72 -24.46 -24.10
C GLY C 172 -30.52 -23.47 -22.96
N VAL C 173 -31.43 -23.53 -22.00
CA VAL C 173 -31.35 -22.70 -20.81
C VAL C 173 -31.59 -23.56 -19.60
N GLU C 174 -30.68 -23.55 -18.63
CA GLU C 174 -30.88 -24.27 -17.34
C GLU C 174 -30.75 -23.25 -16.18
N VAL C 175 -31.59 -23.37 -15.16
CA VAL C 175 -31.37 -22.75 -13.85
C VAL C 175 -30.45 -23.62 -12.99
N VAL C 176 -29.36 -23.03 -12.51
CA VAL C 176 -28.40 -23.72 -11.64
C VAL C 176 -28.42 -23.06 -10.26
N LEU C 177 -27.99 -23.84 -9.27
CA LEU C 177 -28.05 -23.44 -7.86
C LEU C 177 -26.84 -23.98 -7.19
N GLU C 178 -26.15 -23.23 -6.32
CA GLU C 178 -25.04 -23.87 -5.66
C GLU C 178 -25.67 -24.63 -4.47
N SER C 179 -24.98 -25.66 -3.93
CA SER C 179 -25.50 -26.36 -2.74
C SER C 179 -25.57 -25.40 -1.53
N ARG C 180 -25.68 -26.01 -0.31
CA ARG C 180 -25.94 -25.56 1.15
C ARG C 180 -25.17 -24.46 1.94
N GLU C 181 -24.07 -24.82 2.65
CA GLU C 181 -23.20 -23.92 3.48
C GLU C 181 -23.86 -23.50 4.81
N SER C 191 -37.22 -28.32 -8.96
CA SER C 191 -35.82 -28.50 -8.61
C SER C 191 -34.88 -27.94 -9.69
N ALA C 192 -33.99 -27.03 -9.28
CA ALA C 192 -32.95 -26.49 -10.13
C ALA C 192 -31.73 -27.40 -10.12
N VAL C 193 -30.98 -27.42 -11.22
CA VAL C 193 -29.74 -28.23 -11.34
C VAL C 193 -28.51 -27.76 -10.54
N PRO C 194 -27.91 -28.66 -9.72
CA PRO C 194 -26.68 -28.24 -9.00
C PRO C 194 -25.59 -27.74 -9.95
N LEU C 195 -25.01 -26.58 -9.60
CA LEU C 195 -23.95 -26.04 -10.43
C LEU C 195 -22.81 -27.05 -10.56
N SER C 196 -22.51 -27.76 -9.47
CA SER C 196 -21.43 -28.77 -9.45
C SER C 196 -21.67 -29.89 -10.48
N GLU C 197 -22.84 -29.95 -11.09
CA GLU C 197 -23.17 -30.95 -12.09
C GLU C 197 -23.35 -30.41 -13.51
N TRP C 198 -23.04 -29.12 -13.72
CA TRP C 198 -23.53 -28.47 -14.96
C TRP C 198 -23.23 -29.28 -16.23
N PRO C 199 -22.04 -29.96 -16.34
CA PRO C 199 -21.75 -30.65 -17.61
C PRO C 199 -22.61 -31.84 -17.92
N SER C 200 -23.32 -32.36 -16.93
CA SER C 200 -24.27 -33.40 -17.16
C SER C 200 -25.45 -32.92 -18.00
N ARG C 201 -25.54 -31.59 -18.24
CA ARG C 201 -26.70 -31.05 -18.94
C ARG C 201 -26.33 -30.42 -20.26
N VAL C 202 -25.06 -30.47 -20.62
CA VAL C 202 -24.58 -29.78 -21.80
C VAL C 202 -23.96 -30.83 -22.70
N GLU C 203 -24.75 -31.39 -23.59
CA GLU C 203 -24.30 -32.56 -24.35
C GLU C 203 -23.29 -32.22 -25.46
N ALA C 204 -23.40 -31.00 -26.01
CA ALA C 204 -22.50 -30.50 -27.05
C ALA C 204 -22.31 -29.00 -26.93
N GLY C 205 -21.28 -28.47 -27.57
CA GLY C 205 -21.03 -27.03 -27.64
C GLY C 205 -20.35 -26.45 -26.44
N GLN C 206 -20.78 -25.24 -26.05
CA GLN C 206 -20.22 -24.57 -24.90
C GLN C 206 -21.35 -24.20 -23.96
N ALA C 207 -20.96 -23.66 -22.82
CA ALA C 207 -21.88 -23.09 -21.85
C ALA C 207 -21.49 -21.66 -21.50
N VAL C 208 -22.46 -20.91 -20.98
CA VAL C 208 -22.18 -19.58 -20.40
C VAL C 208 -23.00 -19.45 -19.15
N LEU C 209 -22.36 -18.96 -18.09
CA LEU C 209 -23.00 -18.73 -16.83
C LEU C 209 -23.24 -17.22 -16.54
N VAL C 210 -24.50 -16.92 -16.24
CA VAL C 210 -24.96 -15.59 -15.79
C VAL C 210 -25.56 -15.75 -14.40
N PRO C 211 -24.92 -15.19 -13.35
CA PRO C 211 -25.48 -15.02 -12.03
C PRO C 211 -26.69 -14.06 -12.03
N PHE C 212 -27.83 -14.53 -11.53
CA PHE C 212 -28.99 -13.68 -11.36
C PHE C 212 -28.90 -13.04 -10.00
N LEU C 213 -28.02 -12.06 -9.95
CA LEU C 213 -27.54 -11.42 -8.73
C LEU C 213 -27.33 -9.94 -8.99
N THR C 214 -27.53 -9.08 -8.00
CA THR C 214 -27.22 -7.64 -8.20
C THR C 214 -25.74 -7.45 -8.19
N HIS C 215 -25.04 -8.31 -7.45
CA HIS C 215 -23.60 -8.23 -7.34
C HIS C 215 -23.15 -9.58 -6.80
N LEU C 216 -21.83 -9.72 -6.67
CA LEU C 216 -21.20 -10.93 -6.18
C LEU C 216 -20.12 -10.66 -5.13
N GLY C 217 -20.48 -10.81 -3.85
CA GLY C 217 -19.55 -10.62 -2.74
C GLY C 217 -18.49 -11.72 -2.66
N LYS C 218 -17.48 -11.59 -1.79
CA LYS C 218 -16.41 -12.61 -1.94
C LYS C 218 -16.70 -14.03 -1.44
N HIS C 219 -17.39 -14.18 -0.34
CA HIS C 219 -17.83 -15.51 0.06
C HIS C 219 -18.65 -16.17 -1.06
N ALA C 220 -19.67 -15.46 -1.56
CA ALA C 220 -20.48 -15.91 -2.70
C ALA C 220 -19.68 -16.31 -3.94
N ALA C 221 -18.64 -15.55 -4.24
CA ALA C 221 -17.80 -15.83 -5.37
C ALA C 221 -17.00 -17.15 -5.15
N GLU C 222 -16.71 -17.47 -3.88
CA GLU C 222 -15.92 -18.64 -3.51
C GLU C 222 -16.77 -19.90 -3.56
N ARG C 223 -17.99 -19.82 -3.03
CA ARG C 223 -18.99 -20.85 -3.20
C ARG C 223 -19.13 -21.21 -4.67
N LEU C 224 -19.24 -20.19 -5.53
CA LEU C 224 -19.37 -20.36 -6.97
C LEU C 224 -18.16 -21.06 -7.61
N GLN C 225 -16.95 -20.62 -7.32
CA GLN C 225 -15.75 -21.21 -7.97
C GLN C 225 -15.44 -22.62 -7.47
N GLN C 226 -15.87 -22.91 -6.24
CA GLN C 226 -15.77 -24.25 -5.70
C GLN C 226 -16.75 -25.19 -6.43
N ALA C 227 -18.02 -24.80 -6.49
CA ALA C 227 -18.97 -25.48 -7.34
C ALA C 227 -18.38 -25.80 -8.70
N LEU C 228 -17.72 -24.84 -9.34
CA LEU C 228 -17.18 -25.06 -10.69
C LEU C 228 -15.99 -25.95 -10.71
N ALA C 229 -15.16 -25.86 -9.69
CA ALA C 229 -14.03 -26.78 -9.51
C ALA C 229 -14.51 -28.23 -9.27
N GLN C 230 -15.60 -28.40 -8.53
CA GLN C 230 -16.21 -29.76 -8.37
C GLN C 230 -16.68 -30.30 -9.69
N ALA C 231 -17.35 -29.47 -10.47
CA ALA C 231 -17.78 -29.84 -11.80
C ALA C 231 -16.62 -30.32 -12.67
N ALA C 232 -15.51 -29.62 -12.58
CA ALA C 232 -14.38 -29.88 -13.44
C ALA C 232 -13.60 -31.10 -12.97
N GLU C 233 -13.62 -31.39 -11.69
CA GLU C 233 -12.95 -32.56 -11.19
C GLU C 233 -13.79 -33.79 -11.67
N ARG C 234 -15.10 -33.76 -11.46
CA ARG C 234 -16.02 -34.80 -11.94
C ARG C 234 -15.98 -35.02 -13.46
N PHE C 235 -15.82 -33.93 -14.22
CA PHE C 235 -15.89 -33.95 -15.69
C PHE C 235 -14.70 -33.26 -16.29
N PRO C 236 -13.55 -33.96 -16.31
CA PRO C 236 -12.33 -33.27 -16.69
C PRO C 236 -12.18 -32.85 -18.14
N GLN C 237 -13.07 -33.22 -19.02
CA GLN C 237 -12.96 -32.75 -20.43
C GLN C 237 -14.21 -32.00 -20.83
N ALA C 238 -14.92 -31.46 -19.80
CA ALA C 238 -16.21 -30.74 -20.00
C ALA C 238 -16.07 -29.62 -20.99
N PRO C 239 -17.20 -29.21 -21.61
CA PRO C 239 -17.26 -28.08 -22.52
C PRO C 239 -16.59 -26.82 -21.99
N PRO C 240 -16.15 -25.97 -22.92
CA PRO C 240 -15.68 -24.68 -22.47
C PRO C 240 -16.87 -23.91 -21.85
N LEU C 241 -16.63 -23.34 -20.69
CA LEU C 241 -17.60 -22.55 -19.93
C LEU C 241 -17.05 -21.14 -19.87
N HIS C 242 -17.89 -20.19 -20.23
CA HIS C 242 -17.57 -18.77 -20.09
C HIS C 242 -18.40 -18.20 -18.93
N VAL C 243 -17.76 -17.66 -17.90
CA VAL C 243 -18.46 -17.19 -16.70
C VAL C 243 -18.66 -15.67 -16.75
N GLY C 244 -19.94 -15.26 -16.75
CA GLY C 244 -20.28 -13.83 -16.75
C GLY C 244 -20.35 -13.17 -15.40
N GLY C 245 -20.37 -11.85 -15.43
CA GLY C 245 -20.64 -11.08 -14.22
C GLY C 245 -22.12 -11.12 -13.88
N PRO C 246 -22.47 -10.69 -12.66
CA PRO C 246 -23.85 -10.67 -12.24
C PRO C 246 -24.67 -9.79 -13.13
N VAL C 247 -25.82 -10.27 -13.55
CA VAL C 247 -26.68 -9.50 -14.42
C VAL C 247 -26.97 -8.07 -13.87
N GLY C 248 -26.98 -7.89 -12.56
CA GLY C 248 -27.27 -6.57 -11.96
C GLY C 248 -26.34 -5.42 -12.37
N GLU C 249 -25.19 -5.74 -12.96
CA GLU C 249 -24.22 -4.73 -13.40
C GLU C 249 -24.27 -4.50 -14.88
N HIS C 250 -25.17 -5.17 -15.59
CA HIS C 250 -25.22 -4.92 -17.01
C HIS C 250 -26.00 -3.58 -17.27
N PRO C 251 -25.57 -2.79 -18.26
CA PRO C 251 -26.21 -1.53 -18.68
C PRO C 251 -27.68 -1.60 -18.96
N ALA C 252 -28.16 -2.73 -19.47
CA ALA C 252 -29.58 -2.96 -19.73
C ALA C 252 -30.52 -2.87 -18.55
N VAL C 253 -30.02 -3.07 -17.35
CA VAL C 253 -30.88 -3.00 -16.18
C VAL C 253 -31.51 -1.57 -16.04
N ALA C 254 -30.80 -0.55 -16.45
CA ALA C 254 -31.36 0.79 -16.37
C ALA C 254 -32.60 0.96 -17.20
N GLU C 255 -32.61 0.41 -18.40
CA GLU C 255 -33.87 0.38 -19.20
C GLU C 255 -34.96 -0.40 -18.49
N VAL C 256 -34.62 -1.51 -17.85
CA VAL C 256 -35.65 -2.25 -17.13
C VAL C 256 -36.20 -1.43 -15.96
N VAL C 257 -35.29 -0.74 -15.26
CA VAL C 257 -35.74 0.15 -14.15
C VAL C 257 -36.73 1.22 -14.63
N LEU C 258 -36.48 1.80 -15.79
CA LEU C 258 -37.42 2.77 -16.39
C LEU C 258 -38.77 2.22 -16.73
N ALA C 259 -38.80 0.99 -17.24
CA ALA C 259 -40.10 0.33 -17.55
C ALA C 259 -40.88 0.03 -16.30
N LEU C 260 -40.20 -0.53 -15.29
CA LEU C 260 -40.82 -0.72 -14.00
C LEU C 260 -41.38 0.53 -13.37
N ALA C 261 -40.58 1.58 -13.37
CA ALA C 261 -41.01 2.87 -12.86
C ALA C 261 -42.32 3.40 -13.51
N ALA C 262 -42.57 3.11 -14.79
CA ALA C 262 -43.77 3.64 -15.46
C ALA C 262 -44.99 2.81 -15.23
N GLU C 263 -44.83 1.48 -15.27
CA GLU C 263 -45.96 0.55 -15.23
C GLU C 263 -46.67 0.76 -13.91
N GLY C 264 -47.96 1.01 -13.96
CA GLY C 264 -48.75 1.21 -12.71
C GLY C 264 -49.00 2.68 -12.32
N ARG C 265 -48.35 3.60 -13.01
CA ARG C 265 -48.57 4.98 -12.74
C ARG C 265 -50.07 5.32 -12.91
N GLU C 266 -50.62 6.10 -11.98
CA GLU C 266 -52.02 6.43 -11.91
C GLU C 266 -52.30 7.85 -12.36
N ASP C 267 -51.37 8.75 -12.09
CA ASP C 267 -51.59 10.17 -12.36
C ASP C 267 -50.42 10.65 -13.17
N GLU C 268 -50.70 11.46 -14.18
CA GLU C 268 -49.72 11.84 -15.16
C GLU C 268 -49.30 13.28 -14.98
N ARG C 269 -49.82 13.94 -13.96
CA ARG C 269 -49.61 15.37 -13.75
C ARG C 269 -48.17 15.74 -13.25
N GLY C 270 -47.48 14.79 -12.60
CA GLY C 270 -46.24 15.10 -11.90
C GLY C 270 -46.57 15.92 -10.65
N GLY C 271 -45.52 16.40 -9.99
CA GLY C 271 -45.70 17.10 -8.75
C GLY C 271 -45.08 18.46 -8.85
N ASP C 272 -44.91 19.03 -7.67
CA ASP C 272 -44.22 20.31 -7.56
C ASP C 272 -42.99 20.25 -6.68
N ILE C 273 -42.28 21.36 -6.60
CA ILE C 273 -41.12 21.36 -5.76
C ILE C 273 -41.56 21.30 -4.28
N ASP C 274 -40.80 20.60 -3.45
CA ASP C 274 -41.07 20.55 -2.02
C ASP C 274 -40.44 21.80 -1.38
N GLN C 275 -41.26 22.64 -0.73
CA GLN C 275 -40.71 23.97 -0.29
C GLN C 275 -39.69 23.91 0.85
N ALA C 276 -39.93 23.07 1.80
CA ALA C 276 -38.99 22.93 2.90
C ALA C 276 -37.62 22.54 2.39
N HIS C 277 -37.61 21.62 1.46
CA HIS C 277 -36.38 21.11 0.90
C HIS C 277 -35.68 22.22 0.14
N ALA C 278 -36.46 22.98 -0.62
CA ALA C 278 -35.85 24.01 -1.43
C ALA C 278 -35.26 25.06 -0.51
N GLU C 279 -35.89 25.31 0.63
CA GLU C 279 -35.41 26.35 1.55
C GLU C 279 -34.09 25.96 2.15
N ALA C 280 -33.97 24.68 2.49
CA ALA C 280 -32.74 24.13 3.04
C ALA C 280 -31.54 24.31 2.05
N TRP C 281 -31.77 24.05 0.77
CA TRP C 281 -30.74 24.08 -0.23
C TRP C 281 -30.39 25.52 -0.58
N ALA C 282 -31.36 26.43 -0.53
CA ALA C 282 -31.06 27.86 -0.69
C ALA C 282 -30.12 28.33 0.42
N ALA C 283 -30.33 27.87 1.65
CA ALA C 283 -29.44 28.17 2.76
C ALA C 283 -28.06 27.60 2.55
N LEU C 284 -28.03 26.38 2.03
CA LEU C 284 -26.79 25.75 1.71
C LEU C 284 -26.03 26.58 0.65
N ARG C 285 -26.69 27.03 -0.43
CA ARG C 285 -26.10 27.85 -1.47
C ARG C 285 -25.55 29.15 -0.92
N HIS C 286 -26.30 29.82 -0.03
CA HIS C 286 -25.83 31.06 0.61
C HIS C 286 -24.55 30.83 1.39
N LEU C 287 -24.41 29.70 2.06
CA LEU C 287 -23.19 29.35 2.77
C LEU C 287 -21.97 29.00 1.93
N ALA C 288 -22.23 28.27 0.86
CA ALA C 288 -21.23 27.88 -0.10
C ALA C 288 -20.65 29.14 -0.73
N GLU C 289 -21.50 30.12 -0.98
CA GLU C 289 -21.09 31.36 -1.59
C GLU C 289 -20.22 32.27 -0.74
N ARG C 290 -20.41 32.22 0.56
CA ARG C 290 -19.55 32.90 1.54
C ARG C 290 -18.30 32.08 1.78
N GLY C 291 -18.36 30.80 1.49
CA GLY C 291 -17.34 29.90 1.95
C GLY C 291 -17.85 29.47 3.30
N GLY C 292 -17.55 28.27 3.69
CA GLY C 292 -18.02 27.76 4.92
C GLY C 292 -17.56 26.32 5.09
N ARG C 293 -17.86 25.78 6.25
CA ARG C 293 -17.40 24.46 6.60
C ARG C 293 -18.58 23.62 7.04
N LEU C 294 -18.59 22.37 6.66
CA LEU C 294 -19.68 21.44 6.98
C LEU C 294 -19.05 20.11 7.30
N GLY C 295 -19.25 19.66 8.53
CA GLY C 295 -18.55 18.46 8.96
C GLY C 295 -17.04 18.58 8.88
N GLU C 296 -16.42 17.62 8.19
CA GLU C 296 -14.99 17.62 7.88
C GLU C 296 -14.69 18.16 6.50
N VAL C 297 -15.63 18.91 5.94
CA VAL C 297 -15.51 19.41 4.57
C VAL C 297 -15.51 20.97 4.57
N LEU C 298 -14.53 21.46 3.86
CA LEU C 298 -14.36 22.86 3.51
C LEU C 298 -14.92 23.14 2.09
N LEU C 299 -15.82 24.11 2.01
CA LEU C 299 -16.44 24.58 0.77
C LEU C 299 -15.94 25.97 0.42
N THR C 300 -15.43 26.17 -0.79
CA THR C 300 -14.75 27.42 -1.19
C THR C 300 -15.25 27.86 -2.61
N PRO C 301 -15.85 29.06 -2.73
CA PRO C 301 -16.21 29.51 -4.12
C PRO C 301 -14.97 29.69 -4.91
N TYR C 302 -14.97 29.26 -6.14
CA TYR C 302 -13.74 29.17 -6.94
C TYR C 302 -14.04 29.66 -8.30
N GLY C 303 -13.99 30.96 -8.46
CA GLY C 303 -14.65 31.61 -9.55
C GLY C 303 -16.15 31.36 -9.60
N GLY C 304 -16.52 30.72 -10.69
CA GLY C 304 -17.88 30.36 -10.96
C GLY C 304 -18.14 28.92 -10.58
N LEU C 305 -17.16 28.28 -9.96
CA LEU C 305 -17.29 26.91 -9.45
C LEU C 305 -17.23 26.87 -7.88
N PHE C 306 -17.35 25.67 -7.34
CA PHE C 306 -17.17 25.44 -5.90
C PHE C 306 -16.15 24.34 -5.73
N GLU C 307 -15.14 24.55 -4.89
CA GLU C 307 -14.19 23.49 -4.48
C GLU C 307 -14.60 22.90 -3.13
N LEU C 308 -14.38 21.61 -2.98
CA LEU C 308 -14.59 20.91 -1.73
C LEU C 308 -13.33 20.17 -1.48
N ARG C 309 -12.92 20.13 -0.20
CA ARG C 309 -11.85 19.29 0.24
C ARG C 309 -12.04 19.04 1.74
N HIS C 310 -11.24 18.15 2.27
CA HIS C 310 -11.25 17.89 3.72
C HIS C 310 -10.67 19.10 4.45
N THR C 311 -11.25 19.47 5.57
CA THR C 311 -10.76 20.60 6.35
C THR C 311 -9.29 20.36 6.77
N LEU C 312 -8.92 19.11 7.01
CA LEU C 312 -7.50 18.79 7.36
C LEU C 312 -6.54 19.11 6.26
N ASP C 313 -7.08 19.23 5.04
CA ASP C 313 -6.27 19.45 3.84
C ASP C 313 -6.27 20.95 3.38
N GLU C 314 -6.86 21.81 4.16
CA GLU C 314 -6.77 23.23 3.99
C GLU C 314 -5.35 23.65 3.78
N GLY C 315 -5.12 24.40 2.70
CA GLY C 315 -3.78 24.92 2.32
C GLY C 315 -2.86 23.96 1.59
N ARG C 316 -3.28 22.70 1.41
CA ARG C 316 -2.46 21.66 0.84
C ARG C 316 -2.38 21.85 -0.70
N ALA C 317 -1.24 21.52 -1.26
CA ALA C 317 -0.99 21.80 -2.66
C ALA C 317 -1.91 21.01 -3.55
N THR C 318 -2.43 21.65 -4.61
CA THR C 318 -3.38 21.03 -5.56
C THR C 318 -2.85 19.67 -6.10
N LEU C 319 -1.57 19.64 -6.47
CA LEU C 319 -1.06 18.42 -7.09
C LEU C 319 -0.71 17.39 -6.05
N ASP C 320 -0.85 17.69 -4.76
CA ASP C 320 -0.75 16.69 -3.69
C ASP C 320 -2.12 16.11 -3.32
N LEU C 321 -3.11 16.36 -4.17
CA LEU C 321 -4.47 15.90 -3.97
C LEU C 321 -4.95 15.22 -5.24
N GLN C 322 -5.92 14.29 -5.09
CA GLN C 322 -6.61 13.68 -6.24
C GLN C 322 -7.86 14.42 -6.57
N THR C 323 -7.93 15.03 -7.75
CA THR C 323 -9.07 15.92 -8.07
C THR C 323 -10.16 15.12 -8.86
N VAL C 324 -11.41 15.37 -8.51
CA VAL C 324 -12.59 14.95 -9.25
C VAL C 324 -13.49 16.13 -9.64
N VAL C 325 -14.31 15.96 -10.68
CA VAL C 325 -15.16 17.05 -11.13
C VAL C 325 -16.62 16.67 -11.28
N THR C 326 -16.99 15.49 -10.75
CA THR C 326 -18.41 15.02 -10.67
C THR C 326 -18.84 14.64 -9.26
N PRO C 327 -20.13 14.80 -8.91
CA PRO C 327 -20.70 14.32 -7.64
C PRO C 327 -20.41 12.85 -7.38
N GLU C 328 -20.53 12.03 -8.44
CA GLU C 328 -20.19 10.61 -8.37
C GLU C 328 -18.76 10.27 -8.06
N GLY C 329 -17.81 11.00 -8.63
CA GLY C 329 -16.41 10.77 -8.29
C GLY C 329 -16.07 11.20 -6.87
N LEU C 330 -16.71 12.26 -6.40
CA LEU C 330 -16.60 12.72 -4.98
C LEU C 330 -17.14 11.62 -4.01
N ARG C 331 -18.34 11.07 -4.32
CA ARG C 331 -18.91 9.93 -3.60
C ARG C 331 -17.98 8.76 -3.50
N ASP C 332 -17.40 8.39 -4.62
CA ASP C 332 -16.52 7.26 -4.68
C ASP C 332 -15.27 7.48 -3.82
N LEU C 333 -14.65 8.64 -3.97
CA LEU C 333 -13.42 8.97 -3.17
C LEU C 333 -13.63 9.02 -1.63
N THR C 334 -14.87 9.25 -1.21
CA THR C 334 -15.25 9.39 0.20
C THR C 334 -15.94 8.16 0.80
N ALA C 335 -16.07 7.10 0.02
CA ALA C 335 -16.77 5.85 0.43
C ALA C 335 -16.01 5.00 1.42
N ARG C 336 -14.69 5.14 1.46
CA ARG C 336 -13.88 4.39 2.38
C ARG C 336 -12.98 5.34 3.20
N ASP C 337 -12.62 4.94 4.40
CA ASP C 337 -11.71 5.70 5.26
C ASP C 337 -10.27 5.48 4.82
N GLU C 338 -9.32 6.03 5.56
CA GLU C 338 -7.90 5.90 5.20
C GLU C 338 -7.28 4.50 5.26
N ALA C 339 -7.90 3.57 5.98
CA ALA C 339 -7.50 2.15 6.01
C ALA C 339 -8.16 1.35 4.90
N GLY C 340 -9.05 1.99 4.12
CA GLY C 340 -9.79 1.32 3.05
C GLY C 340 -11.05 0.64 3.45
N ARG C 341 -11.57 0.98 4.61
CA ARG C 341 -12.72 0.28 5.17
C ARG C 341 -13.94 1.08 4.81
N TRP C 342 -15.05 0.38 4.53
CA TRP C 342 -16.28 1.03 4.06
C TRP C 342 -16.80 2.01 5.13
N ARG C 343 -17.48 3.07 4.66
CA ARG C 343 -18.11 4.03 5.55
C ARG C 343 -19.61 4.04 5.38
N PRO C 344 -20.33 3.16 6.08
CA PRO C 344 -21.78 3.11 5.90
C PRO C 344 -22.53 4.33 6.43
N ILE C 345 -22.02 4.94 7.53
CA ILE C 345 -22.54 6.17 8.11
C ILE C 345 -21.54 7.29 7.73
N ARG C 346 -21.98 8.07 6.76
CA ARG C 346 -21.14 9.05 6.17
C ARG C 346 -20.84 10.27 7.09
N THR C 347 -21.56 10.44 8.18
CA THR C 347 -21.22 11.49 9.16
C THR C 347 -20.23 11.02 10.16
N TRP C 348 -19.73 9.79 10.06
CA TRP C 348 -18.65 9.40 10.94
C TRP C 348 -17.41 10.26 10.69
N ARG C 349 -16.67 10.52 11.76
CA ARG C 349 -15.48 11.36 11.74
C ARG C 349 -14.24 10.59 11.15
N THR C 350 -14.44 10.04 9.95
CA THR C 350 -13.52 9.13 9.31
C THR C 350 -13.30 9.49 7.83
N LEU C 351 -13.80 10.68 7.43
CA LEU C 351 -13.65 11.13 6.02
C LEU C 351 -12.19 11.05 5.70
N PRO C 352 -11.80 10.43 4.57
CA PRO C 352 -10.40 10.34 4.21
C PRO C 352 -9.84 11.69 3.74
N ARG C 353 -8.56 11.87 3.94
CA ARG C 353 -7.84 13.00 3.36
C ARG C 353 -7.37 12.65 1.91
N GLY C 354 -6.93 13.67 1.16
CA GLY C 354 -6.20 13.43 -0.09
C GLY C 354 -6.89 13.85 -1.39
N TRP C 355 -8.09 14.39 -1.32
CA TRP C 355 -8.98 14.58 -2.45
C TRP C 355 -9.35 16.06 -2.58
N ARG C 356 -9.89 16.40 -3.74
CA ARG C 356 -10.42 17.71 -4.06
C ARG C 356 -11.51 17.50 -5.04
N ALA C 357 -12.62 18.21 -4.89
CA ALA C 357 -13.69 18.21 -5.88
C ALA C 357 -13.96 19.62 -6.37
N VAL C 358 -14.04 19.75 -7.70
CA VAL C 358 -14.40 21.01 -8.34
C VAL C 358 -15.67 20.79 -9.04
N LEU C 359 -16.70 21.49 -8.59
CA LEU C 359 -18.07 21.26 -8.94
C LEU C 359 -18.75 22.49 -9.49
N SER C 360 -19.58 22.29 -10.51
CA SER C 360 -20.38 23.36 -11.02
C SER C 360 -21.46 23.75 -10.06
N PRO C 361 -21.96 25.01 -10.16
CA PRO C 361 -23.15 25.30 -9.41
C PRO C 361 -24.30 24.33 -9.55
N ALA C 362 -24.54 23.80 -10.77
CA ALA C 362 -25.57 22.80 -11.01
C ALA C 362 -25.39 21.47 -10.28
N ASP C 363 -24.15 21.08 -10.07
CA ASP C 363 -23.75 19.81 -9.50
C ASP C 363 -23.50 19.89 -7.99
N LEU C 364 -23.42 21.09 -7.41
CA LEU C 364 -23.21 21.17 -5.97
C LEU C 364 -24.21 20.39 -5.09
N ARG C 365 -25.48 20.45 -5.41
CA ARG C 365 -26.44 19.78 -4.56
C ARG C 365 -26.29 18.27 -4.56
N LEU C 366 -26.16 17.65 -5.74
CA LEU C 366 -25.99 16.20 -5.82
C LEU C 366 -24.64 15.82 -5.14
N GLY C 367 -23.64 16.66 -5.29
CA GLY C 367 -22.35 16.44 -4.67
C GLY C 367 -22.45 16.33 -3.19
N LEU C 368 -23.10 17.29 -2.57
CA LEU C 368 -23.29 17.24 -1.10
C LEU C 368 -24.24 16.17 -0.63
N GLU C 369 -25.29 15.93 -1.39
CA GLU C 369 -26.27 14.91 -1.05
C GLU C 369 -25.66 13.53 -1.10
N LEU C 370 -24.76 13.30 -2.02
CA LEU C 370 -24.06 12.01 -2.06
C LEU C 370 -22.95 11.92 -0.99
N LEU C 371 -22.25 13.06 -0.72
CA LEU C 371 -21.16 13.09 0.31
C LEU C 371 -21.65 12.93 1.73
N TYR C 372 -22.70 13.68 2.02
CA TYR C 372 -23.33 13.69 3.36
C TYR C 372 -24.84 13.56 3.26
N PRO C 373 -25.36 12.36 2.93
CA PRO C 373 -26.78 12.22 2.81
C PRO C 373 -27.61 12.63 4.05
N ALA C 374 -28.68 13.35 3.75
CA ALA C 374 -29.70 13.86 4.69
C ALA C 374 -29.28 15.04 5.64
N VAL C 375 -28.00 15.36 5.64
CA VAL C 375 -27.46 16.33 6.58
C VAL C 375 -27.99 17.75 6.29
N ILE C 376 -28.03 18.17 5.03
CA ILE C 376 -28.44 19.54 4.70
C ILE C 376 -29.90 19.69 5.22
N GLU C 377 -30.76 18.74 4.88
CA GLU C 377 -32.18 18.90 5.20
C GLU C 377 -32.45 18.70 6.69
N GLU C 378 -31.79 17.75 7.37
CA GLU C 378 -32.10 17.51 8.77
C GLU C 378 -31.54 18.70 9.62
N SER C 379 -30.35 19.16 9.26
CA SER C 379 -29.74 20.32 9.91
C SER C 379 -30.57 21.57 9.83
N TYR C 380 -31.07 21.87 8.63
CA TYR C 380 -31.92 23.03 8.40
C TYR C 380 -33.25 22.92 9.19
N ALA C 381 -33.84 21.76 9.13
CA ALA C 381 -35.00 21.52 9.94
C ALA C 381 -34.72 21.70 11.47
N HIS C 382 -33.63 21.13 11.98
CA HIS C 382 -33.28 21.35 13.38
C HIS C 382 -33.01 22.83 13.68
N GLU C 383 -32.27 23.52 12.81
CA GLU C 383 -31.96 24.95 12.98
C GLU C 383 -33.24 25.69 13.28
N HIS C 384 -34.29 25.33 12.56
CA HIS C 384 -35.57 26.01 12.72
C HIS C 384 -36.53 25.23 13.60
N ARG C 385 -36.00 24.44 14.54
CA ARG C 385 -36.74 23.65 15.51
C ARG C 385 -37.91 22.89 14.91
N ARG C 386 -37.78 22.34 13.69
CA ARG C 386 -38.86 21.47 13.18
C ARG C 386 -38.38 20.08 12.75
N LEU C 387 -37.28 19.64 13.33
CA LEU C 387 -36.85 18.30 13.11
C LEU C 387 -37.53 17.45 14.18
N HIS C 388 -38.39 16.55 13.76
CA HIS C 388 -38.96 15.66 14.74
C HIS C 388 -38.21 14.36 14.73
N TRP C 389 -37.81 13.88 15.89
CA TRP C 389 -36.99 12.70 15.97
C TRP C 389 -37.75 11.55 16.53
N THR C 390 -37.17 10.36 16.45
CA THR C 390 -37.86 9.10 16.85
C THR C 390 -37.15 8.45 17.99
N PRO C 391 -37.86 8.19 19.13
CA PRO C 391 -37.30 7.49 20.26
C PRO C 391 -36.86 6.10 19.93
N TRP C 392 -35.88 5.65 20.70
CA TRP C 392 -35.32 4.36 20.55
C TRP C 392 -36.46 3.30 20.48
N MET C 393 -37.50 3.49 21.27
CA MET C 393 -38.46 2.40 21.47
C MET C 393 -39.28 2.18 20.24
N SER C 394 -39.71 3.27 19.65
CA SER C 394 -40.33 3.31 18.34
C SER C 394 -39.47 2.61 17.26
N THR C 395 -38.15 2.84 17.28
CA THR C 395 -37.22 2.21 16.31
C THR C 395 -37.06 0.72 16.56
N ALA C 396 -36.84 0.37 17.83
CA ALA C 396 -36.66 -1.01 18.24
C ALA C 396 -37.91 -1.85 17.93
N ARG C 397 -39.07 -1.27 18.20
CA ARG C 397 -40.34 -1.97 17.99
C ARG C 397 -40.65 -2.27 16.52
N ARG C 398 -40.09 -1.50 15.59
CA ARG C 398 -40.24 -1.75 14.16
C ARG C 398 -39.44 -2.94 13.64
N GLN C 399 -38.37 -3.31 14.34
CA GLN C 399 -37.39 -4.23 13.79
C GLN C 399 -37.94 -5.65 13.81
N THR C 400 -37.60 -6.40 12.77
CA THR C 400 -38.00 -7.82 12.61
C THR C 400 -36.70 -8.63 12.43
N GLY C 401 -36.80 -9.92 12.20
CA GLY C 401 -35.63 -10.75 12.01
C GLY C 401 -34.78 -10.76 13.25
N THR C 402 -33.48 -11.06 13.09
CA THR C 402 -32.45 -10.95 14.17
C THR C 402 -32.43 -9.62 14.90
N LEU C 403 -32.87 -8.57 14.22
CA LEU C 403 -32.90 -7.29 14.84
C LEU C 403 -34.07 -7.09 15.80
N ALA C 404 -35.04 -7.99 15.84
CA ALA C 404 -36.15 -7.76 16.75
C ALA C 404 -35.66 -7.80 18.21
N ARG C 405 -34.67 -8.65 18.47
CA ARG C 405 -33.99 -8.78 19.78
C ARG C 405 -33.51 -7.46 20.44
N VAL C 406 -33.28 -6.41 19.65
CA VAL C 406 -32.92 -5.09 20.23
C VAL C 406 -34.03 -4.58 21.17
N GLN C 407 -35.25 -5.09 20.97
CA GLN C 407 -36.41 -4.76 21.84
C GLN C 407 -36.21 -5.15 23.34
N ARG C 408 -35.36 -6.12 23.61
CA ARG C 408 -35.14 -6.46 25.00
C ARG C 408 -33.87 -5.81 25.57
N ALA C 409 -33.31 -4.78 24.91
CA ALA C 409 -32.18 -4.01 25.48
C ALA C 409 -32.69 -3.10 26.59
N THR C 410 -32.03 -3.13 27.74
CA THR C 410 -32.33 -2.16 28.81
C THR C 410 -31.84 -0.75 28.41
N PRO C 411 -32.49 0.30 28.98
CA PRO C 411 -32.07 1.67 28.65
C PRO C 411 -30.64 1.93 29.03
N ASP C 412 -30.12 1.18 30.02
CA ASP C 412 -28.72 1.20 30.36
C ASP C 412 -27.91 0.57 29.27
N GLN C 413 -28.43 -0.51 28.69
CA GLN C 413 -27.68 -1.18 27.63
C GLN C 413 -27.61 -0.28 26.41
N VAL C 414 -28.70 0.41 26.07
CA VAL C 414 -28.68 1.26 24.89
C VAL C 414 -27.77 2.48 25.08
N ASP C 415 -27.78 3.05 26.27
CA ASP C 415 -26.91 4.20 26.56
C ASP C 415 -25.48 3.86 26.52
N THR C 416 -25.15 2.68 27.00
CA THR C 416 -23.77 2.24 27.07
C THR C 416 -23.19 1.98 25.67
N VAL C 417 -23.95 1.25 24.85
CA VAL C 417 -23.61 1.02 23.48
C VAL C 417 -23.62 2.32 22.68
N ALA C 418 -24.64 3.14 22.81
CA ALA C 418 -24.66 4.40 22.08
C ALA C 418 -23.44 5.32 22.38
N ALA C 419 -23.01 5.37 23.68
CA ALA C 419 -21.81 6.14 24.08
C ALA C 419 -20.63 5.69 23.25
N GLN C 420 -20.47 4.38 23.08
CA GLN C 420 -19.34 3.88 22.35
C GLN C 420 -19.46 4.08 20.82
N VAL C 421 -20.62 3.79 20.26
CA VAL C 421 -20.79 3.86 18.82
C VAL C 421 -20.77 5.28 18.31
N CYS C 422 -21.62 6.08 18.94
CA CYS C 422 -21.87 7.41 18.48
C CYS C 422 -20.71 8.37 18.70
N ALA C 423 -19.75 8.00 19.56
CA ALA C 423 -18.47 8.72 19.68
C ALA C 423 -17.72 8.86 18.40
N SER C 424 -17.87 7.94 17.47
CA SER C 424 -17.29 8.05 16.14
C SER C 424 -18.00 9.02 15.18
N CYS C 425 -19.15 9.52 15.57
CA CYS C 425 -20.03 10.23 14.67
C CYS C 425 -20.05 11.74 14.93
N LEU C 426 -20.25 12.54 13.89
CA LEU C 426 -20.38 13.97 14.01
C LEU C 426 -21.72 14.40 14.55
N ARG C 427 -22.77 13.60 14.36
CA ARG C 427 -24.13 13.94 14.79
C ARG C 427 -24.30 13.92 16.28
N THR C 428 -25.33 14.57 16.75
CA THR C 428 -25.72 14.60 18.16
C THR C 428 -27.07 13.91 18.30
N ARG C 429 -27.13 12.86 19.14
CA ARG C 429 -28.22 11.88 19.28
C ARG C 429 -29.39 12.47 20.04
N LEU C 430 -30.14 13.27 19.32
CA LEU C 430 -31.31 13.93 19.86
C LEU C 430 -32.38 12.96 20.43
N TRP C 431 -32.46 11.78 19.84
CA TRP C 431 -33.41 10.69 20.21
C TRP C 431 -33.06 10.05 21.53
N ALA C 432 -31.84 10.26 22.02
CA ALA C 432 -31.42 9.82 23.33
C ALA C 432 -31.41 10.96 24.35
N GLY C 433 -32.07 12.07 24.05
CA GLY C 433 -32.03 13.21 24.97
C GLY C 433 -30.85 14.19 24.92
N HIS C 434 -29.84 13.95 24.08
CA HIS C 434 -28.79 14.94 23.89
C HIS C 434 -29.39 16.17 23.19
N THR C 435 -28.78 17.35 23.35
CA THR C 435 -29.30 18.55 22.73
C THR C 435 -28.28 19.17 21.81
N LEU C 436 -28.78 19.92 20.83
CA LEU C 436 -27.95 20.60 19.87
C LEU C 436 -28.52 21.97 19.66
N GLY C 437 -27.73 22.96 20.06
CA GLY C 437 -28.10 24.33 19.96
C GLY C 437 -27.80 25.19 18.74
N GLN C 438 -26.65 24.96 18.10
CA GLN C 438 -26.37 25.55 16.81
C GLN C 438 -26.06 24.41 15.85
N THR C 439 -26.15 24.71 14.57
CA THR C 439 -25.93 23.73 13.51
C THR C 439 -24.94 24.31 12.53
N ILE C 440 -24.58 23.55 11.49
CA ILE C 440 -23.83 24.04 10.31
C ILE C 440 -24.38 25.33 9.68
N PHE C 441 -25.65 25.60 9.88
CA PHE C 441 -26.32 26.77 9.35
C PHE C 441 -26.30 27.98 10.27
N SER C 442 -25.83 27.81 11.49
CA SER C 442 -25.54 28.93 12.37
C SER C 442 -24.10 28.81 12.91
N GLY C 443 -23.19 28.50 11.98
CA GLY C 443 -21.74 28.69 12.10
C GLY C 443 -20.88 27.56 12.58
N VAL C 444 -21.47 26.41 12.93
CA VAL C 444 -20.78 25.40 13.73
C VAL C 444 -20.58 24.18 12.82
N PRO C 445 -19.33 23.96 12.34
CA PRO C 445 -19.12 22.84 11.41
C PRO C 445 -19.55 21.48 11.91
N GLY C 446 -19.34 21.21 13.20
CA GLY C 446 -19.69 19.92 13.79
C GLY C 446 -21.06 19.78 14.41
N GLY C 447 -21.96 20.70 14.06
CA GLY C 447 -23.31 20.78 14.59
C GLY C 447 -24.31 20.16 13.63
N LEU C 448 -24.53 18.87 13.84
CA LEU C 448 -25.41 18.06 12.98
C LEU C 448 -26.31 17.22 13.85
N PRO C 449 -27.63 17.27 13.58
CA PRO C 449 -28.57 16.46 14.33
C PRO C 449 -28.61 14.95 13.92
N CYS C 450 -28.79 14.05 14.90
CA CYS C 450 -29.23 12.69 14.63
C CYS C 450 -30.69 12.54 15.09
N ALA C 451 -31.54 12.25 14.12
CA ALA C 451 -32.97 12.05 14.37
C ALA C 451 -33.40 10.68 14.80
N GLU C 452 -32.57 9.66 14.63
CA GLU C 452 -33.00 8.32 14.92
C GLU C 452 -31.79 7.41 14.99
N ALA C 453 -31.80 6.46 15.88
CA ALA C 453 -30.82 5.38 15.94
C ALA C 453 -30.58 4.73 14.58
N CYS C 454 -29.31 4.58 14.18
CA CYS C 454 -29.00 4.18 12.81
C CYS C 454 -28.79 2.65 12.72
N THR C 455 -28.60 2.15 11.52
CA THR C 455 -28.41 0.72 11.39
C THR C 455 -27.15 0.21 12.05
N VAL C 456 -26.09 1.01 12.11
CA VAL C 456 -24.86 0.56 12.82
C VAL C 456 -25.09 0.52 14.32
N LEU C 457 -25.81 1.50 14.84
CA LEU C 457 -26.19 1.44 16.29
C LEU C 457 -27.08 0.20 16.65
N LEU C 458 -28.11 -0.05 15.84
CA LEU C 458 -29.00 -1.21 16.06
C LEU C 458 -28.27 -2.52 16.09
N ALA C 459 -27.35 -2.76 15.17
CA ALA C 459 -26.55 -3.97 15.16
C ALA C 459 -25.66 -4.09 16.37
N ALA C 460 -25.14 -2.96 16.86
CA ALA C 460 -24.29 -3.00 18.02
C ALA C 460 -25.09 -3.31 19.25
N VAL C 461 -26.31 -2.81 19.35
CA VAL C 461 -27.19 -3.14 20.47
C VAL C 461 -27.57 -4.65 20.44
N ARG C 462 -27.94 -5.12 19.26
CA ARG C 462 -28.09 -6.53 19.03
C ARG C 462 -26.96 -7.34 19.56
N ASP C 463 -25.72 -7.04 19.15
CA ASP C 463 -24.58 -7.76 19.64
C ASP C 463 -24.46 -7.67 21.14
N GLU C 464 -24.74 -6.51 21.73
CA GLU C 464 -24.58 -6.37 23.18
C GLU C 464 -25.60 -7.25 23.89
N VAL C 465 -26.81 -7.30 23.35
CA VAL C 465 -27.91 -8.02 23.96
C VAL C 465 -27.67 -9.53 23.90
N GLY C 466 -27.06 -9.99 22.80
CA GLY C 466 -26.71 -11.41 22.62
C GLY C 466 -25.47 -11.89 23.36
N ARG C 467 -24.59 -10.95 23.75
CA ARG C 467 -23.44 -11.26 24.61
C ARG C 467 -23.87 -11.82 25.99
N GLU C 468 -25.12 -11.52 26.40
CA GLU C 468 -25.68 -11.97 27.68
C GLU C 468 -24.94 -11.34 28.86
N GLY D 1 48.84 3.37 10.94
CA GLY D 1 49.15 1.92 10.82
C GLY D 1 48.43 1.17 11.91
N ALA D 2 48.79 -0.10 12.09
CA ALA D 2 47.99 -1.03 12.89
C ALA D 2 46.52 -0.88 12.51
N LEU D 3 46.20 -1.24 11.26
CA LEU D 3 44.86 -1.13 10.68
C LEU D 3 44.41 -2.52 10.33
N ARG D 4 43.22 -2.87 10.84
CA ARG D 4 42.60 -4.18 10.61
C ARG D 4 41.16 -4.05 10.05
N SER D 5 40.75 -5.03 9.22
CA SER D 5 39.39 -5.16 8.65
C SER D 5 38.70 -6.44 9.19
N LEU D 6 37.44 -6.31 9.61
CA LEU D 6 36.64 -7.44 9.95
C LEU D 6 35.62 -7.63 8.80
N VAL D 7 35.45 -8.89 8.41
CA VAL D 7 34.48 -9.31 7.40
C VAL D 7 33.58 -10.40 7.96
N LEU D 8 32.28 -10.16 7.84
CA LEU D 8 31.28 -11.11 8.27
C LEU D 8 30.60 -11.75 7.05
N ILE D 9 30.50 -13.07 7.03
CA ILE D 9 29.94 -13.74 5.91
C ILE D 9 28.64 -14.35 6.28
N GLY D 10 27.59 -13.99 5.51
CA GLY D 10 26.30 -14.61 5.60
C GLY D 10 25.82 -15.38 4.41
N HIS D 11 24.73 -16.13 4.58
CA HIS D 11 24.25 -17.04 3.53
C HIS D 11 23.68 -16.20 2.33
N GLY D 12 22.89 -15.20 2.63
CA GLY D 12 22.22 -14.40 1.62
C GLY D 12 21.08 -15.15 0.96
N SER D 13 20.43 -14.47 0.03
CA SER D 13 19.27 -15.03 -0.66
C SER D 13 19.00 -14.28 -1.96
N HIS D 14 18.44 -14.99 -2.94
CA HIS D 14 17.89 -14.39 -4.16
C HIS D 14 16.55 -13.78 -3.95
N HIS D 15 15.80 -14.31 -2.99
CA HIS D 15 14.38 -13.97 -2.82
C HIS D 15 13.96 -13.40 -1.42
N HIS D 16 14.69 -13.71 -0.38
CA HIS D 16 14.27 -13.42 0.99
C HIS D 16 15.24 -12.51 1.73
N GLY D 17 14.72 -11.50 2.40
CA GLY D 17 15.59 -10.60 3.13
C GLY D 17 16.15 -11.06 4.47
N GLU D 18 15.59 -12.11 5.05
CA GLU D 18 15.84 -12.43 6.46
C GLU D 18 17.23 -13.01 6.59
N SER D 19 17.61 -13.74 5.54
CA SER D 19 18.82 -14.57 5.49
C SER D 19 20.12 -13.75 5.34
N ALA D 20 19.91 -12.42 5.30
CA ALA D 20 20.93 -11.37 5.30
C ALA D 20 20.87 -10.58 6.59
N ARG D 21 19.76 -10.72 7.35
CA ARG D 21 19.52 -9.80 8.47
C ARG D 21 20.44 -10.00 9.68
N ALA D 22 20.73 -11.25 10.04
CA ALA D 22 21.60 -11.50 11.17
C ALA D 22 22.92 -10.81 10.93
N THR D 23 23.47 -10.91 9.72
CA THR D 23 24.82 -10.37 9.43
C THR D 23 24.82 -8.85 9.39
N GLN D 24 23.82 -8.31 8.72
CA GLN D 24 23.63 -6.88 8.63
C GLN D 24 23.51 -6.29 10.04
N GLN D 25 22.74 -6.94 10.89
CA GLN D 25 22.59 -6.49 12.29
C GLN D 25 23.89 -6.42 13.06
N VAL D 26 24.62 -7.52 13.09
CA VAL D 26 25.88 -7.56 13.84
C VAL D 26 26.88 -6.56 13.28
N ALA D 27 27.06 -6.56 11.96
CA ALA D 27 27.95 -5.58 11.36
C ALA D 27 27.71 -4.13 11.80
N GLU D 28 26.45 -3.71 11.75
CA GLU D 28 26.11 -2.36 12.14
C GLU D 28 26.37 -2.09 13.66
N ALA D 29 26.04 -3.04 14.51
CA ALA D 29 26.31 -2.97 15.95
C ALA D 29 27.79 -2.76 16.17
N LEU D 30 28.60 -3.55 15.46
CA LEU D 30 30.04 -3.51 15.69
C LEU D 30 30.65 -2.19 15.21
N ARG D 31 30.11 -1.65 14.11
CA ARG D 31 30.55 -0.34 13.61
C ARG D 31 30.13 0.76 14.62
N GLY D 32 29.06 0.53 15.35
CA GLY D 32 28.64 1.41 16.45
C GLY D 32 29.70 1.60 17.52
N ARG D 33 30.38 0.52 17.86
CA ARG D 33 31.44 0.50 18.84
C ARG D 33 32.72 1.10 18.31
N GLY D 34 32.97 0.97 17.02
CA GLY D 34 34.07 1.67 16.38
C GLY D 34 33.89 3.18 16.48
N LEU D 35 32.64 3.65 16.35
CA LEU D 35 32.32 5.04 16.67
C LEU D 35 32.64 5.33 18.12
N ALA D 36 31.93 4.66 19.04
CA ALA D 36 32.15 4.80 20.50
C ALA D 36 33.62 4.71 20.97
N GLY D 37 34.49 4.12 20.15
CA GLY D 37 35.90 3.90 20.48
C GLY D 37 36.20 2.52 21.04
N HIS D 38 35.32 1.55 20.85
CA HIS D 38 35.43 0.20 21.47
C HIS D 38 35.44 -1.00 20.51
N LEU D 39 36.23 -0.89 19.43
CA LEU D 39 36.33 -1.99 18.47
C LEU D 39 37.78 -2.20 18.07
N PRO D 40 38.29 -3.45 18.17
CA PRO D 40 39.63 -3.77 17.62
C PRO D 40 39.80 -3.71 16.08
N TYR D 41 38.87 -3.08 15.32
CA TYR D 41 38.85 -3.08 13.84
C TYR D 41 38.54 -1.71 13.33
N ASP D 42 39.17 -1.34 12.23
CA ASP D 42 38.97 -0.03 11.60
C ASP D 42 37.77 0.00 10.61
N GLU D 43 37.23 -1.17 10.30
CA GLU D 43 36.06 -1.29 9.43
C GLU D 43 35.47 -2.67 9.53
N VAL D 44 34.17 -2.76 9.24
CA VAL D 44 33.43 -4.00 9.21
C VAL D 44 32.67 -4.06 7.90
N LEU D 45 32.96 -5.10 7.12
CA LEU D 45 32.37 -5.33 5.83
C LEU D 45 31.61 -6.63 5.86
N GLU D 46 30.86 -6.86 4.78
CA GLU D 46 29.88 -7.94 4.66
C GLU D 46 30.10 -8.66 3.36
N GLY D 47 29.90 -9.96 3.37
CA GLY D 47 29.88 -10.76 2.13
C GLY D 47 28.89 -11.88 2.27
N TYR D 48 28.36 -12.31 1.13
CA TYR D 48 27.28 -13.25 1.14
C TYR D 48 27.53 -14.25 0.07
N TRP D 49 27.04 -15.45 0.29
CA TRP D 49 27.11 -16.45 -0.77
C TRP D 49 26.15 -16.11 -1.91
N GLN D 50 24.87 -15.85 -1.56
CA GLN D 50 23.77 -15.79 -2.55
C GLN D 50 23.27 -14.38 -2.90
N GLN D 51 24.02 -13.36 -2.54
CA GLN D 51 23.68 -11.98 -2.92
C GLN D 51 24.95 -11.13 -2.90
N GLU D 52 24.90 -9.95 -3.52
CA GLU D 52 25.97 -9.01 -3.32
C GLU D 52 25.89 -8.28 -1.98
N PRO D 53 27.03 -8.01 -1.40
CA PRO D 53 28.40 -8.24 -1.87
C PRO D 53 28.84 -9.73 -1.84
N GLY D 54 29.32 -10.29 -2.93
CA GLY D 54 29.48 -11.75 -3.02
C GLY D 54 30.83 -12.24 -2.53
N LEU D 55 30.97 -13.55 -2.33
CA LEU D 55 32.22 -14.17 -1.83
C LEU D 55 33.44 -13.88 -2.69
N ARG D 56 33.22 -13.88 -4.00
CA ARG D 56 34.29 -13.64 -4.97
C ARG D 56 34.62 -12.16 -5.09
N GLN D 57 33.77 -11.25 -4.59
CA GLN D 57 34.00 -9.79 -4.65
C GLN D 57 34.52 -9.23 -3.31
N VAL D 58 34.24 -9.90 -2.20
CA VAL D 58 34.31 -9.24 -0.89
C VAL D 58 35.72 -8.77 -0.56
N LEU D 59 36.74 -9.63 -0.75
CA LEU D 59 38.13 -9.20 -0.42
C LEU D 59 38.63 -7.95 -1.15
N ARG D 60 38.19 -7.69 -2.37
CA ARG D 60 38.69 -6.47 -3.05
C ARG D 60 38.10 -5.19 -2.47
N THR D 61 37.02 -5.32 -1.71
CA THR D 61 36.44 -4.18 -1.04
C THR D 61 37.10 -3.88 0.30
N VAL D 62 38.02 -4.73 0.74
CA VAL D 62 38.68 -4.44 2.02
C VAL D 62 39.85 -3.45 1.91
N ALA D 63 39.81 -2.50 2.83
CA ALA D 63 40.67 -1.34 2.78
C ALA D 63 42.07 -1.63 3.33
N TYR D 64 42.18 -2.62 4.21
CA TYR D 64 43.45 -2.86 4.96
C TYR D 64 44.11 -4.20 4.59
N SER D 65 45.35 -4.42 5.07
CA SER D 65 46.14 -5.61 4.65
C SER D 65 45.99 -6.75 5.63
N ASP D 66 45.35 -6.50 6.76
CA ASP D 66 45.08 -7.53 7.75
C ASP D 66 43.55 -7.70 7.90
N VAL D 67 43.03 -8.88 7.61
CA VAL D 67 41.58 -9.12 7.62
C VAL D 67 41.22 -10.46 8.29
N THR D 68 40.10 -10.43 9.01
CA THR D 68 39.59 -11.58 9.69
C THR D 68 38.18 -11.73 9.15
N VAL D 69 37.80 -13.00 8.91
CA VAL D 69 36.62 -13.37 8.20
C VAL D 69 35.87 -14.35 9.05
N VAL D 70 34.74 -13.90 9.58
CA VAL D 70 33.88 -14.71 10.44
C VAL D 70 32.60 -15.11 9.70
N PRO D 71 32.34 -16.44 9.61
CA PRO D 71 31.05 -16.93 9.16
C PRO D 71 29.94 -16.79 10.23
N VAL D 72 28.90 -16.04 9.84
CA VAL D 72 27.70 -15.84 10.64
C VAL D 72 26.73 -16.98 10.26
N PHE D 73 27.14 -18.18 10.69
CA PHE D 73 26.47 -19.45 10.36
C PHE D 73 26.45 -20.24 11.66
N LEU D 74 25.38 -21.00 11.88
CA LEU D 74 25.22 -21.83 13.10
C LEU D 74 25.47 -23.33 12.85
N SER D 75 25.57 -23.71 11.58
CA SER D 75 26.12 -25.01 11.11
C SER D 75 27.65 -24.99 10.98
N GLU D 76 28.24 -26.16 11.16
CA GLU D 76 29.65 -26.40 10.82
C GLU D 76 29.57 -27.56 9.86
N GLY D 77 29.68 -27.27 8.57
CA GLY D 77 29.24 -28.21 7.54
C GLY D 77 29.76 -27.90 6.16
N TYR D 78 29.03 -28.39 5.16
CA TYR D 78 29.41 -28.20 3.74
C TYR D 78 29.69 -26.76 3.35
N VAL D 79 28.72 -25.90 3.65
CA VAL D 79 28.90 -24.50 3.33
C VAL D 79 30.13 -23.93 4.02
N THR D 80 30.24 -24.04 5.35
CA THR D 80 31.31 -23.34 6.05
C THR D 80 32.68 -23.94 5.82
N GLU D 81 32.70 -25.25 5.56
CA GLU D 81 33.95 -25.99 5.38
C GLU D 81 34.31 -26.11 3.92
N THR D 82 33.33 -26.23 3.03
CA THR D 82 33.64 -26.36 1.58
C THR D 82 33.40 -25.11 0.79
N VAL D 83 32.15 -24.66 0.79
CA VAL D 83 31.72 -23.59 -0.13
C VAL D 83 32.40 -22.24 0.13
N LEU D 84 32.28 -21.71 1.37
CA LEU D 84 32.73 -20.36 1.63
C LEU D 84 34.21 -20.25 1.33
N PRO D 85 35.03 -21.18 1.88
CA PRO D 85 36.43 -21.10 1.63
C PRO D 85 36.83 -21.18 0.14
N ARG D 86 36.13 -22.00 -0.60
CA ARG D 86 36.35 -22.15 -2.04
C ARG D 86 36.12 -20.85 -2.77
N GLU D 87 34.94 -20.28 -2.57
CA GLU D 87 34.58 -19.07 -3.27
C GLU D 87 35.37 -17.88 -2.83
N LEU D 88 35.81 -17.85 -1.57
CA LEU D 88 36.70 -16.79 -1.08
C LEU D 88 38.13 -16.89 -1.60
N GLY D 89 38.52 -18.08 -2.05
CA GLY D 89 39.89 -18.30 -2.55
C GLY D 89 40.88 -18.71 -1.49
N LEU D 90 40.42 -19.35 -0.42
CA LEU D 90 41.32 -19.67 0.71
C LEU D 90 41.99 -21.03 0.62
N GLY D 91 41.53 -21.90 -0.27
CA GLY D 91 42.25 -23.17 -0.45
C GLY D 91 42.34 -23.95 0.84
N HIS D 92 41.18 -24.43 1.29
CA HIS D 92 41.07 -25.19 2.49
C HIS D 92 39.75 -25.87 2.41
N GLN D 93 39.76 -27.18 2.62
CA GLN D 93 38.54 -27.98 2.66
C GLN D 93 38.55 -28.68 4.00
N GLY D 94 37.39 -29.06 4.50
CA GLY D 94 37.31 -29.79 5.77
C GLY D 94 37.24 -28.91 7.01
N PRO D 95 37.04 -29.55 8.18
CA PRO D 95 37.01 -28.87 9.47
C PRO D 95 38.03 -27.76 9.69
N VAL D 96 37.53 -26.59 10.06
CA VAL D 96 38.39 -25.46 10.39
C VAL D 96 38.83 -25.66 11.84
N PRO D 97 40.14 -25.54 12.12
CA PRO D 97 40.62 -25.71 13.52
C PRO D 97 40.38 -24.50 14.36
N THR D 98 40.60 -24.64 15.68
CA THR D 98 40.49 -23.49 16.59
C THR D 98 41.58 -22.52 16.16
N GLY D 99 41.28 -21.24 16.20
CA GLY D 99 42.19 -20.18 15.70
C GLY D 99 42.15 -19.98 14.19
N GLY D 100 41.34 -20.78 13.50
CA GLY D 100 41.01 -20.53 12.08
C GLY D 100 42.08 -20.97 11.08
N VAL D 101 42.09 -20.31 9.93
CA VAL D 101 42.90 -20.67 8.76
C VAL D 101 43.50 -19.38 8.24
N VAL D 102 44.82 -19.31 8.25
CA VAL D 102 45.50 -18.13 7.75
C VAL D 102 46.03 -18.33 6.32
N ARG D 103 45.76 -17.37 5.46
CA ARG D 103 46.31 -17.32 4.12
C ARG D 103 46.70 -15.88 3.78
N VAL D 104 47.52 -15.74 2.74
CA VAL D 104 47.86 -14.43 2.17
C VAL D 104 47.30 -14.38 0.74
N LEU D 105 46.38 -13.45 0.49
CA LEU D 105 45.83 -13.23 -0.85
C LEU D 105 45.51 -11.75 -1.09
N GLY D 106 45.72 -11.31 -2.33
CA GLY D 106 45.90 -9.88 -2.59
C GLY D 106 47.03 -9.46 -1.68
N GLY D 107 47.19 -8.19 -1.39
CA GLY D 107 48.25 -7.82 -0.45
C GLY D 107 47.70 -7.88 0.97
N ARG D 108 47.01 -8.99 1.31
CA ARG D 108 46.33 -9.11 2.60
C ARG D 108 46.57 -10.46 3.27
N ARG D 109 46.84 -10.42 4.57
CA ARG D 109 46.84 -11.60 5.38
C ARG D 109 45.42 -11.82 5.91
N VAL D 110 44.92 -13.03 5.67
CA VAL D 110 43.53 -13.36 5.83
C VAL D 110 43.35 -14.55 6.74
N ARG D 111 42.61 -14.34 7.82
CA ARG D 111 42.25 -15.37 8.72
C ARG D 111 40.75 -15.67 8.76
N TYR D 112 40.41 -16.92 8.43
CA TYR D 112 39.06 -17.42 8.33
C TYR D 112 38.79 -18.25 9.58
N THR D 113 37.80 -17.84 10.38
CA THR D 113 37.51 -18.46 11.69
C THR D 113 36.57 -19.64 11.60
N ARG D 114 36.40 -20.33 12.75
CA ARG D 114 35.32 -21.31 12.92
C ARG D 114 33.99 -20.55 12.86
N PRO D 115 32.93 -21.22 12.42
CA PRO D 115 31.68 -20.46 12.34
C PRO D 115 31.19 -20.03 13.73
N LEU D 116 30.24 -19.12 13.71
CA LEU D 116 29.65 -18.56 14.89
C LEU D 116 29.11 -19.66 15.81
N GLY D 117 28.46 -20.68 15.25
CA GLY D 117 27.83 -21.71 16.02
C GLY D 117 28.82 -22.53 16.81
N ALA D 118 30.07 -22.55 16.36
CA ALA D 118 31.10 -23.38 16.98
C ALA D 118 31.58 -22.80 18.30
N HIS D 119 31.54 -21.48 18.48
CA HIS D 119 32.14 -20.87 19.66
C HIS D 119 31.35 -21.14 20.98
N PRO D 120 32.08 -21.37 22.08
CA PRO D 120 31.36 -21.58 23.36
C PRO D 120 30.51 -20.39 23.89
N GLY D 121 30.87 -19.17 23.50
CA GLY D 121 30.07 -17.96 23.79
C GLY D 121 28.61 -18.01 23.33
N MET D 122 28.28 -18.92 22.43
CA MET D 122 26.91 -19.12 22.02
C MET D 122 25.95 -19.50 23.16
N ALA D 123 26.49 -20.16 24.20
CA ALA D 123 25.75 -20.46 25.43
C ALA D 123 25.12 -19.22 26.08
N ASP D 124 25.93 -18.20 26.30
CA ASP D 124 25.47 -16.90 26.77
C ASP D 124 24.39 -16.27 25.88
N ALA D 125 24.65 -16.28 24.57
CA ALA D 125 23.73 -15.74 23.62
C ALA D 125 22.41 -16.47 23.67
N ILE D 126 22.44 -17.79 23.87
CA ILE D 126 21.16 -18.57 24.00
C ILE D 126 20.35 -18.19 25.26
N ALA D 127 21.08 -17.98 26.35
CA ALA D 127 20.47 -17.60 27.62
C ALA D 127 19.91 -16.18 27.55
N ALA D 128 20.62 -15.24 26.93
CA ALA D 128 20.07 -13.88 26.73
C ALA D 128 18.81 -13.82 25.85
N GLN D 129 18.72 -14.68 24.83
CA GLN D 129 17.50 -14.83 24.07
C GLN D 129 16.32 -15.41 24.93
N ALA D 130 16.59 -16.43 25.74
CA ALA D 130 15.55 -17.04 26.56
C ALA D 130 15.00 -15.99 27.52
N ARG D 131 15.87 -15.36 28.26
CA ARG D 131 15.52 -14.31 29.21
C ARG D 131 14.69 -13.16 28.55
N ASP D 132 15.15 -12.71 27.38
CA ASP D 132 14.42 -11.68 26.60
C ASP D 132 13.06 -12.11 26.01
N THR D 133 12.80 -13.41 26.01
CA THR D 133 11.54 -14.00 25.53
C THR D 133 10.51 -14.10 26.69
N LEU D 134 11.01 -14.20 27.91
CA LEU D 134 10.16 -14.49 29.05
C LEU D 134 9.27 -13.31 29.41
N PRO D 135 8.01 -13.56 29.76
CA PRO D 135 7.12 -12.49 30.14
C PRO D 135 7.75 -11.67 31.26
N GLU D 136 7.96 -10.43 31.05
CA GLU D 136 8.52 -9.62 32.11
C GLU D 136 8.21 -10.12 33.50
N GLY D 137 9.30 -10.28 34.22
CA GLY D 137 9.25 -10.68 35.60
C GLY D 137 9.55 -12.15 35.83
N THR D 138 9.11 -13.01 34.91
CA THR D 138 9.28 -14.48 35.05
C THR D 138 10.69 -14.78 35.52
N ASP D 139 10.81 -15.84 36.30
CA ASP D 139 12.09 -16.33 36.80
C ASP D 139 12.56 -17.67 36.12
N PRO D 140 13.81 -17.70 35.61
CA PRO D 140 14.40 -18.77 34.80
C PRO D 140 14.39 -20.15 35.44
N ALA D 141 14.60 -20.19 36.75
CA ALA D 141 14.63 -21.46 37.50
C ALA D 141 13.30 -22.22 37.39
N ASP D 142 12.24 -21.48 37.06
CA ASP D 142 10.88 -22.05 36.90
C ASP D 142 10.55 -22.41 35.45
N VAL D 143 11.57 -22.36 34.59
CA VAL D 143 11.38 -22.61 33.17
C VAL D 143 12.38 -23.64 32.68
N THR D 144 11.87 -24.61 31.93
CA THR D 144 12.71 -25.52 31.14
C THR D 144 13.09 -24.86 29.81
N LEU D 145 14.39 -24.85 29.49
CA LEU D 145 14.96 -24.27 28.27
C LEU D 145 15.03 -25.28 27.12
N LEU D 146 14.16 -25.13 26.12
CA LEU D 146 14.16 -25.99 24.93
C LEU D 146 14.97 -25.36 23.79
N LEU D 147 15.86 -26.17 23.20
CA LEU D 147 16.75 -25.69 22.14
C LEU D 147 16.41 -26.39 20.83
N LEU D 148 15.95 -25.59 19.85
CA LEU D 148 15.48 -26.11 18.57
C LEU D 148 16.62 -26.21 17.56
N ALA D 149 16.87 -27.45 17.13
CA ALA D 149 17.89 -27.80 16.14
C ALA D 149 17.23 -28.07 14.78
N ALA D 150 17.93 -27.67 13.72
CA ALA D 150 17.51 -28.01 12.37
C ALA D 150 17.85 -29.47 12.09
N ARG D 151 19.09 -29.64 12.53
CA ARG D 151 19.86 -30.78 12.43
C ARG D 151 20.08 -31.63 13.67
N PRO D 152 19.49 -32.73 13.40
CA PRO D 152 19.89 -34.02 13.93
C PRO D 152 21.42 -34.16 13.97
N GLY D 153 21.97 -34.24 15.18
CA GLY D 153 23.42 -34.44 15.37
C GLY D 153 24.30 -33.21 15.57
N ASN D 154 23.71 -32.07 15.97
CA ASN D 154 24.50 -30.85 16.18
C ASN D 154 25.37 -30.90 17.43
N ALA D 155 26.63 -31.30 17.24
CA ALA D 155 27.58 -31.43 18.34
C ALA D 155 27.72 -30.15 19.12
N ALA D 156 28.04 -29.09 18.37
CA ALA D 156 28.20 -27.74 18.93
C ALA D 156 27.02 -27.38 19.84
N LEU D 157 25.81 -27.59 19.33
CA LEU D 157 24.59 -27.31 20.11
C LEU D 157 24.49 -28.14 21.41
N GLU D 158 24.85 -29.43 21.34
CA GLU D 158 24.80 -30.31 22.52
C GLU D 158 25.86 -29.93 23.56
N THR D 159 26.99 -29.44 23.07
CA THR D 159 27.96 -28.76 23.91
C THR D 159 27.34 -27.57 24.65
N HIS D 160 26.69 -26.67 23.92
CA HIS D 160 26.11 -25.45 24.50
C HIS D 160 25.00 -25.79 25.50
N ALA D 161 24.15 -26.77 25.14
CA ALA D 161 23.11 -27.36 26.05
C ALA D 161 23.63 -27.81 27.43
N GLN D 162 24.81 -28.44 27.43
CA GLN D 162 25.46 -28.96 28.61
C GLN D 162 26.03 -27.82 29.46
N ALA D 163 26.74 -26.90 28.81
CA ALA D 163 27.24 -25.69 29.49
C ALA D 163 26.13 -24.87 30.13
N LEU D 164 24.95 -24.89 29.54
CA LEU D 164 23.80 -24.18 30.11
C LEU D 164 23.30 -24.93 31.37
N ARG D 165 23.26 -26.25 31.29
CA ARG D 165 23.01 -27.12 32.45
C ARG D 165 23.89 -26.79 33.66
N GLU D 166 25.22 -26.72 33.47
CA GLU D 166 26.17 -26.50 34.59
C GLU D 166 25.93 -25.18 35.31
N ARG D 167 25.68 -24.12 34.55
CA ARG D 167 25.32 -22.86 35.17
C ARG D 167 24.01 -22.97 35.94
N GLY D 168 23.11 -23.81 35.43
CA GLY D 168 21.82 -24.07 36.06
C GLY D 168 20.98 -22.85 36.37
N GLN D 169 20.94 -21.87 35.47
CA GLN D 169 20.01 -20.73 35.61
C GLN D 169 18.54 -21.15 35.35
N PHE D 170 18.35 -22.32 34.71
CA PHE D 170 17.04 -22.81 34.29
C PHE D 170 16.66 -24.14 34.93
N ALA D 171 15.36 -24.33 35.10
CA ALA D 171 14.82 -25.62 35.57
C ALA D 171 15.53 -26.79 34.86
N GLY D 172 15.62 -26.71 33.55
CA GLY D 172 16.27 -27.76 32.79
C GLY D 172 16.58 -27.27 31.39
N VAL D 173 17.21 -28.16 30.60
CA VAL D 173 17.74 -27.81 29.29
C VAL D 173 17.67 -29.01 28.36
N GLU D 174 16.79 -28.97 27.36
CA GLU D 174 16.58 -30.08 26.42
C GLU D 174 16.54 -29.65 24.95
N VAL D 175 17.20 -30.44 24.09
CA VAL D 175 17.27 -30.18 22.64
C VAL D 175 16.15 -30.88 21.87
N VAL D 176 15.48 -30.16 20.97
CA VAL D 176 14.39 -30.74 20.16
C VAL D 176 14.64 -30.47 18.68
N LEU D 177 14.05 -31.28 17.81
CA LEU D 177 14.31 -31.23 16.37
C LEU D 177 13.18 -30.62 15.54
N GLU D 178 13.56 -29.88 14.50
CA GLU D 178 12.61 -29.38 13.49
C GLU D 178 11.82 -30.52 12.78
N SER D 179 10.83 -30.16 11.97
CA SER D 179 10.04 -31.12 11.18
C SER D 179 9.94 -30.72 9.68
N ALA D 192 17.00 -37.09 20.97
CA ALA D 192 16.55 -35.70 20.92
C ALA D 192 15.16 -35.63 20.32
N VAL D 193 14.15 -35.75 21.17
CA VAL D 193 12.77 -35.78 20.68
C VAL D 193 12.55 -34.67 19.67
N PRO D 194 11.65 -34.90 18.71
CA PRO D 194 11.21 -33.80 17.86
C PRO D 194 10.40 -32.79 18.64
N LEU D 195 10.36 -31.56 18.13
CA LEU D 195 9.62 -30.47 18.78
C LEU D 195 8.17 -30.83 19.09
N SER D 196 7.51 -31.54 18.19
CA SER D 196 6.08 -31.89 18.40
C SER D 196 5.81 -32.84 19.59
N GLU D 197 6.86 -33.29 20.26
CA GLU D 197 6.70 -34.11 21.44
C GLU D 197 7.37 -33.40 22.62
N TRP D 198 7.61 -32.11 22.47
CA TRP D 198 8.37 -31.24 23.44
C TRP D 198 7.92 -31.38 24.92
N PRO D 199 6.64 -31.61 25.25
CA PRO D 199 6.28 -31.73 26.66
C PRO D 199 6.91 -32.96 27.29
N SER D 200 7.14 -34.01 26.50
CA SER D 200 7.82 -35.20 27.02
C SER D 200 9.07 -34.72 27.76
N ARG D 201 9.82 -33.84 27.17
CA ARG D 201 11.07 -33.33 27.73
C ARG D 201 10.96 -32.15 28.69
N VAL D 202 9.75 -31.91 29.27
CA VAL D 202 9.57 -30.77 30.22
C VAL D 202 9.03 -31.17 31.63
N GLU D 203 9.66 -30.62 32.71
CA GLU D 203 9.22 -30.92 34.09
C GLU D 203 8.83 -29.68 34.85
N ALA D 204 9.40 -28.52 34.49
CA ALA D 204 9.06 -27.24 35.10
C ALA D 204 7.60 -26.89 34.79
N GLY D 205 7.11 -25.81 35.40
CA GLY D 205 5.75 -25.37 35.12
C GLY D 205 5.71 -24.71 33.75
N GLN D 206 6.83 -24.12 33.32
CA GLN D 206 6.94 -23.41 32.05
C GLN D 206 8.10 -23.91 31.16
N ALA D 207 8.02 -23.56 29.88
CA ALA D 207 9.08 -23.86 28.90
C ALA D 207 9.34 -22.60 28.04
N VAL D 208 10.58 -22.48 27.56
CA VAL D 208 10.98 -21.40 26.64
C VAL D 208 11.74 -22.06 25.46
N LEU D 209 11.28 -21.79 24.25
CA LEU D 209 11.86 -22.32 23.06
C LEU D 209 12.77 -21.29 22.41
N VAL D 210 14.06 -21.64 22.25
CA VAL D 210 15.00 -20.80 21.54
C VAL D 210 15.56 -21.55 20.30
N PRO D 211 15.15 -21.13 19.09
CA PRO D 211 15.66 -21.72 17.87
C PRO D 211 17.14 -21.41 17.66
N PHE D 212 17.96 -22.46 17.53
CA PHE D 212 19.36 -22.35 17.16
C PHE D 212 19.37 -22.08 15.65
N LEU D 213 18.73 -21.00 15.23
CA LEU D 213 18.90 -20.72 13.82
C LEU D 213 19.37 -19.28 13.63
N THR D 214 19.92 -18.95 12.47
CA THR D 214 20.31 -17.55 12.25
C THR D 214 19.06 -16.75 11.95
N HIS D 215 18.03 -17.41 11.44
CA HIS D 215 16.82 -16.73 11.08
C HIS D 215 15.74 -17.75 10.83
N LEU D 216 14.49 -17.30 10.82
CA LEU D 216 13.33 -18.16 10.66
C LEU D 216 12.41 -17.59 9.58
N GLY D 217 12.57 -18.15 8.39
CA GLY D 217 11.80 -17.79 7.20
C GLY D 217 10.33 -18.20 7.33
N LYS D 218 9.57 -17.94 6.28
CA LYS D 218 8.14 -18.26 6.31
C LYS D 218 7.85 -19.73 6.41
N HIS D 219 8.49 -20.63 5.66
CA HIS D 219 8.19 -22.06 5.78
C HIS D 219 8.68 -22.66 7.08
N ALA D 220 9.87 -22.26 7.51
CA ALA D 220 10.43 -22.73 8.76
C ALA D 220 9.47 -22.30 9.85
N ALA D 221 9.02 -21.06 9.79
CA ALA D 221 8.06 -20.54 10.80
C ALA D 221 6.77 -21.37 10.79
N GLU D 222 6.25 -21.61 9.62
CA GLU D 222 5.06 -22.43 9.36
C GLU D 222 5.12 -23.80 10.00
N ARG D 223 6.21 -24.49 9.68
CA ARG D 223 6.42 -25.84 10.17
C ARG D 223 6.58 -25.86 11.68
N LEU D 224 7.28 -24.86 12.18
CA LEU D 224 7.47 -24.66 13.64
C LEU D 224 6.10 -24.58 14.31
N GLN D 225 5.20 -23.80 13.70
CA GLN D 225 3.83 -23.68 14.23
C GLN D 225 3.07 -25.00 14.04
N GLN D 226 3.18 -25.61 12.84
CA GLN D 226 2.54 -26.91 12.61
C GLN D 226 2.88 -27.90 13.70
N ALA D 227 4.17 -27.91 14.07
CA ALA D 227 4.69 -28.79 15.13
C ALA D 227 4.07 -28.47 16.50
N LEU D 228 3.83 -27.19 16.75
CA LEU D 228 3.29 -26.74 18.03
C LEU D 228 1.80 -27.04 18.19
N ALA D 229 1.05 -27.06 17.09
CA ALA D 229 -0.39 -27.36 17.09
C ALA D 229 -0.55 -28.86 17.40
N GLN D 230 0.34 -29.66 16.79
CA GLN D 230 0.39 -31.13 16.98
C GLN D 230 0.76 -31.46 18.41
N ALA D 231 1.67 -30.68 18.99
CA ALA D 231 2.07 -30.87 20.39
C ALA D 231 0.85 -30.53 21.27
N ALA D 232 0.02 -29.56 20.83
CA ALA D 232 -1.19 -29.14 21.57
C ALA D 232 -2.21 -30.26 21.65
N GLU D 233 -2.41 -31.02 20.57
CA GLU D 233 -3.34 -32.15 20.66
C GLU D 233 -2.66 -33.22 21.51
N ARG D 234 -1.54 -33.72 21.00
CA ARG D 234 -0.77 -34.74 21.70
C ARG D 234 -0.68 -34.46 23.18
N PHE D 235 -0.86 -33.20 23.57
CA PHE D 235 -0.80 -32.86 24.98
C PHE D 235 -1.72 -31.71 25.34
N PRO D 236 -3.03 -31.99 25.46
CA PRO D 236 -4.02 -30.96 25.78
C PRO D 236 -3.88 -30.38 27.20
N GLN D 237 -2.87 -30.84 27.92
CA GLN D 237 -2.66 -30.51 29.34
C GLN D 237 -1.33 -29.78 29.56
N ALA D 238 -0.64 -29.48 28.45
CA ALA D 238 0.76 -29.02 28.47
C ALA D 238 0.94 -27.64 29.12
N PRO D 239 2.09 -27.42 29.79
CA PRO D 239 2.45 -26.14 30.40
C PRO D 239 2.66 -25.00 29.38
N PRO D 240 2.86 -23.75 29.87
CA PRO D 240 3.08 -22.63 28.95
C PRO D 240 4.46 -22.63 28.26
N LEU D 241 4.42 -22.69 26.93
CA LEU D 241 5.58 -22.51 26.11
C LEU D 241 5.67 -21.07 25.58
N HIS D 242 6.76 -20.38 25.96
CA HIS D 242 7.10 -19.09 25.36
C HIS D 242 8.05 -19.29 24.16
N VAL D 243 7.64 -18.83 22.99
CA VAL D 243 8.43 -19.03 21.78
C VAL D 243 9.32 -17.83 21.45
N GLY D 244 10.63 -18.08 21.52
CA GLY D 244 11.64 -17.05 21.27
C GLY D 244 11.96 -16.95 19.81
N GLY D 245 12.52 -15.81 19.40
CA GLY D 245 13.03 -15.71 18.04
C GLY D 245 14.39 -16.39 17.86
N PRO D 246 14.81 -16.56 16.60
CA PRO D 246 16.08 -17.24 16.30
C PRO D 246 17.26 -16.59 17.02
N VAL D 247 18.10 -17.40 17.66
CA VAL D 247 19.21 -16.84 18.45
C VAL D 247 20.22 -15.98 17.63
N GLY D 248 20.38 -16.23 16.33
CA GLY D 248 21.34 -15.45 15.51
C GLY D 248 20.98 -13.98 15.27
N GLU D 249 19.74 -13.61 15.59
CA GLU D 249 19.29 -12.23 15.44
C GLU D 249 19.36 -11.50 16.75
N HIS D 250 19.80 -12.17 17.83
CA HIS D 250 19.95 -11.51 19.13
C HIS D 250 21.22 -10.66 19.25
N PRO D 251 21.09 -9.44 19.82
CA PRO D 251 22.22 -8.51 20.00
C PRO D 251 23.49 -9.10 20.61
N ALA D 252 23.32 -10.08 21.48
CA ALA D 252 24.43 -10.80 22.15
C ALA D 252 25.36 -11.62 21.25
N VAL D 253 24.95 -11.99 20.05
CA VAL D 253 25.91 -12.67 19.17
C VAL D 253 27.08 -11.75 18.77
N ALA D 254 26.92 -10.43 18.84
CA ALA D 254 28.04 -9.52 18.54
C ALA D 254 29.30 -9.87 19.36
N GLU D 255 29.10 -10.17 20.64
CA GLU D 255 30.20 -10.55 21.54
C GLU D 255 30.79 -11.90 21.14
N VAL D 256 29.99 -12.83 20.68
CA VAL D 256 30.53 -14.12 20.26
C VAL D 256 31.39 -13.92 19.00
N VAL D 257 30.87 -13.15 18.04
CA VAL D 257 31.61 -12.78 16.84
C VAL D 257 32.96 -12.16 17.22
N LEU D 258 33.01 -11.27 18.20
CA LEU D 258 34.27 -10.66 18.59
C LEU D 258 35.29 -11.62 19.22
N ALA D 259 34.80 -12.60 19.97
CA ALA D 259 35.60 -13.72 20.54
C ALA D 259 36.26 -14.49 19.45
N LEU D 260 35.49 -14.80 18.42
CA LEU D 260 35.97 -15.61 17.30
C LEU D 260 36.96 -14.86 16.46
N ALA D 261 36.75 -13.56 16.30
CA ALA D 261 37.72 -12.76 15.59
C ALA D 261 39.05 -12.70 16.36
N ALA D 262 38.97 -12.68 17.69
CA ALA D 262 40.17 -12.55 18.54
C ALA D 262 40.90 -13.87 18.68
N GLU D 263 40.16 -14.97 18.54
CA GLU D 263 40.67 -16.34 18.79
C GLU D 263 41.84 -16.74 17.87
N GLY D 264 43.07 -16.73 18.39
CA GLY D 264 44.26 -17.10 17.61
C GLY D 264 45.05 -15.90 17.11
N ARG D 265 44.55 -14.70 17.39
CA ARG D 265 45.25 -13.46 17.05
C ARG D 265 46.59 -13.39 17.85
N GLU D 266 47.76 -13.42 17.15
CA GLU D 266 49.15 -13.27 17.71
C GLU D 266 49.14 -12.04 18.55
N ASP D 267 48.30 -11.05 18.29
CA ASP D 267 48.19 -9.97 19.20
C ASP D 267 49.38 -9.31 19.00
N GLU D 268 49.41 -7.97 18.76
CA GLU D 268 50.77 -7.36 18.59
C GLU D 268 51.00 -6.89 17.20
N ARG D 269 50.08 -7.22 16.30
CA ARG D 269 50.25 -6.98 14.87
C ARG D 269 49.06 -6.20 14.26
N GLY D 270 49.32 -5.43 13.20
CA GLY D 270 48.25 -4.75 12.45
C GLY D 270 48.57 -4.82 10.98
N GLY D 271 47.87 -4.00 10.19
CA GLY D 271 48.11 -3.84 8.74
C GLY D 271 48.30 -2.40 8.29
N ASP D 272 48.53 -2.24 6.99
CA ASP D 272 48.54 -0.94 6.36
C ASP D 272 47.33 -0.84 5.43
N ILE D 273 47.17 0.34 4.85
CA ILE D 273 46.15 0.53 3.82
C ILE D 273 46.57 -0.23 2.54
N ASP D 274 45.60 -0.92 1.93
CA ASP D 274 45.76 -1.49 0.57
C ASP D 274 45.81 -0.39 -0.51
N GLN D 275 46.94 -0.27 -1.19
CA GLN D 275 47.13 0.85 -2.14
C GLN D 275 46.15 0.84 -3.34
N ALA D 276 45.82 -0.35 -3.85
CA ALA D 276 44.94 -0.47 -5.01
C ALA D 276 43.51 0.01 -4.68
N HIS D 277 43.01 -0.39 -3.52
CA HIS D 277 41.72 0.01 -3.00
C HIS D 277 41.71 1.51 -2.82
N ALA D 278 42.75 2.00 -2.13
CA ALA D 278 42.86 3.39 -1.78
C ALA D 278 42.83 4.28 -3.03
N GLU D 279 43.48 3.81 -4.09
CA GLU D 279 43.48 4.49 -5.40
C GLU D 279 42.11 4.57 -6.06
N ALA D 280 41.44 3.45 -6.17
CA ALA D 280 40.06 3.45 -6.69
C ALA D 280 39.20 4.46 -5.90
N TRP D 281 39.35 4.52 -4.58
CA TRP D 281 38.45 5.38 -3.77
C TRP D 281 38.80 6.86 -3.80
N ALA D 282 40.08 7.14 -3.98
CA ALA D 282 40.57 8.50 -4.26
C ALA D 282 39.97 9.05 -5.57
N ALA D 283 39.86 8.20 -6.59
CA ALA D 283 39.24 8.59 -7.86
C ALA D 283 37.74 8.79 -7.69
N LEU D 284 37.13 7.94 -6.87
CA LEU D 284 35.73 8.12 -6.55
C LEU D 284 35.52 9.47 -5.82
N ARG D 285 36.35 9.81 -4.84
CA ARG D 285 36.24 11.10 -4.17
C ARG D 285 36.36 12.28 -5.13
N HIS D 286 37.19 12.17 -6.15
CA HIS D 286 37.38 13.30 -7.09
C HIS D 286 36.09 13.50 -7.84
N LEU D 287 35.56 12.40 -8.35
CA LEU D 287 34.30 12.41 -9.06
C LEU D 287 33.18 12.92 -8.14
N ALA D 288 33.10 12.39 -6.90
CA ALA D 288 32.11 12.86 -5.91
C ALA D 288 32.18 14.38 -5.73
N GLU D 289 33.40 14.93 -5.69
CA GLU D 289 33.58 16.36 -5.45
C GLU D 289 33.21 17.24 -6.69
N ARG D 290 33.24 16.66 -7.87
CA ARG D 290 32.75 17.35 -9.06
C ARG D 290 31.26 17.20 -9.27
N GLY D 291 30.65 16.18 -8.64
CA GLY D 291 29.28 15.78 -9.00
C GLY D 291 29.44 14.69 -10.06
N GLY D 292 28.50 13.78 -10.13
CA GLY D 292 28.56 12.76 -11.16
C GLY D 292 27.42 11.80 -11.01
N ARG D 293 27.46 10.82 -11.89
CA ARG D 293 26.41 9.80 -12.03
C ARG D 293 27.08 8.44 -12.10
N LEU D 294 26.64 7.51 -11.24
CA LEU D 294 27.11 6.13 -11.21
C LEU D 294 25.87 5.32 -11.37
N GLY D 295 25.75 4.55 -12.44
CA GLY D 295 24.60 3.67 -12.64
C GLY D 295 23.32 4.45 -12.60
N GLU D 296 22.39 4.08 -11.69
CA GLU D 296 21.17 4.84 -11.58
C GLU D 296 21.19 5.89 -10.45
N VAL D 297 22.36 6.29 -10.00
CA VAL D 297 22.48 7.16 -8.84
C VAL D 297 23.19 8.48 -9.19
N LEU D 298 22.63 9.59 -8.70
CA LEU D 298 23.17 10.91 -8.84
C LEU D 298 23.87 11.32 -7.58
N LEU D 299 25.11 11.74 -7.71
CA LEU D 299 25.98 12.05 -6.57
C LEU D 299 26.33 13.52 -6.61
N THR D 300 26.00 14.27 -5.56
CA THR D 300 26.12 15.76 -5.55
C THR D 300 26.80 16.28 -4.26
N PRO D 301 27.82 17.13 -4.41
CA PRO D 301 28.35 17.77 -3.21
C PRO D 301 27.39 18.86 -2.71
N TYR D 302 27.18 18.83 -1.40
CA TYR D 302 26.07 19.48 -0.70
C TYR D 302 26.74 20.09 0.57
N GLY D 303 27.33 21.27 0.37
CA GLY D 303 28.22 21.86 1.35
C GLY D 303 29.45 21.02 1.56
N GLY D 304 29.63 20.59 2.81
CA GLY D 304 30.66 19.63 3.15
C GLY D 304 30.20 18.18 3.22
N LEU D 305 28.96 17.91 2.79
CA LEU D 305 28.38 16.56 2.76
C LEU D 305 28.25 16.07 1.30
N PHE D 306 27.62 14.90 1.13
CA PHE D 306 27.32 14.36 -0.18
C PHE D 306 25.85 13.89 -0.20
N GLU D 307 25.09 14.30 -1.21
CA GLU D 307 23.77 13.80 -1.45
C GLU D 307 23.86 12.72 -2.54
N LEU D 308 23.09 11.65 -2.33
CA LEU D 308 22.82 10.62 -3.35
C LEU D 308 21.31 10.53 -3.50
N ARG D 309 20.83 10.35 -4.71
CA ARG D 309 19.42 10.02 -4.98
C ARG D 309 19.36 9.26 -6.31
N HIS D 310 18.20 8.67 -6.62
CA HIS D 310 17.98 8.09 -7.97
C HIS D 310 18.05 9.21 -9.05
N THR D 311 18.74 8.95 -10.19
CA THR D 311 18.82 9.95 -11.27
C THR D 311 17.45 10.38 -11.78
N LEU D 312 16.46 9.51 -11.71
CA LEU D 312 15.10 9.86 -12.14
C LEU D 312 14.36 10.86 -11.23
N ASP D 313 14.87 10.95 -10.01
CA ASP D 313 14.43 11.86 -8.96
C ASP D 313 15.24 13.14 -8.91
N GLU D 314 16.11 13.35 -9.88
CA GLU D 314 16.80 14.63 -10.00
C GLU D 314 15.73 15.73 -10.02
N GLY D 315 15.97 16.84 -9.33
CA GLY D 315 15.04 17.96 -9.21
C GLY D 315 13.88 17.78 -8.23
N ARG D 316 13.67 16.57 -7.73
CA ARG D 316 12.49 16.29 -6.96
C ARG D 316 12.57 16.97 -5.59
N ALA D 317 11.47 17.58 -5.16
CA ALA D 317 11.45 18.25 -3.83
C ALA D 317 11.91 17.32 -2.67
N THR D 318 12.75 17.85 -1.80
CA THR D 318 13.31 17.09 -0.67
C THR D 318 12.28 16.45 0.22
N LEU D 319 11.17 17.17 0.56
CA LEU D 319 10.13 16.53 1.38
C LEU D 319 9.23 15.51 0.65
N ASP D 320 9.40 15.38 -0.66
CA ASP D 320 8.78 14.32 -1.41
C ASP D 320 9.63 13.06 -1.44
N LEU D 321 10.75 13.09 -0.76
CA LEU D 321 11.66 11.90 -0.62
C LEU D 321 11.82 11.41 0.85
N GLN D 322 12.36 10.20 1.06
CA GLN D 322 12.66 9.65 2.38
C GLN D 322 14.14 9.73 2.56
N THR D 323 14.61 10.62 3.46
CA THR D 323 16.03 10.89 3.63
C THR D 323 16.63 9.96 4.68
N VAL D 324 17.81 9.44 4.35
CA VAL D 324 18.67 8.76 5.28
C VAL D 324 19.94 9.49 5.43
N VAL D 325 20.55 9.30 6.60
CA VAL D 325 21.82 9.85 6.87
C VAL D 325 22.91 8.84 7.28
N THR D 326 22.66 7.54 7.20
CA THR D 326 23.71 6.54 7.41
C THR D 326 23.84 5.62 6.21
N PRO D 327 25.03 5.01 6.03
CA PRO D 327 25.18 3.99 4.98
C PRO D 327 24.14 2.88 5.08
N GLU D 328 23.81 2.47 6.30
CA GLU D 328 22.98 1.30 6.56
C GLU D 328 21.54 1.60 6.17
N GLY D 329 21.11 2.83 6.40
CA GLY D 329 19.76 3.24 5.98
C GLY D 329 19.67 3.32 4.45
N LEU D 330 20.67 3.87 3.79
CA LEU D 330 20.79 3.79 2.32
C LEU D 330 20.71 2.34 1.79
N ARG D 331 21.50 1.42 2.35
CA ARG D 331 21.38 -0.02 2.02
C ARG D 331 19.92 -0.54 2.19
N ASP D 332 19.30 -0.24 3.31
CA ASP D 332 17.98 -0.77 3.59
C ASP D 332 16.93 -0.23 2.56
N LEU D 333 16.97 1.05 2.24
CA LEU D 333 16.01 1.67 1.28
C LEU D 333 16.17 1.17 -0.17
N THR D 334 17.34 0.65 -0.49
CA THR D 334 17.71 0.14 -1.81
C THR D 334 17.79 -1.36 -1.92
N ALA D 335 17.42 -2.07 -0.84
CA ALA D 335 17.42 -3.53 -0.85
C ALA D 335 16.34 -4.23 -1.68
N ARG D 336 15.21 -3.54 -1.89
CA ARG D 336 14.11 -4.10 -2.68
C ARG D 336 13.71 -3.11 -3.76
N ASP D 337 13.18 -3.63 -4.87
CA ASP D 337 12.66 -2.79 -5.95
C ASP D 337 11.28 -2.26 -5.52
N GLU D 338 10.72 -1.42 -6.39
CA GLU D 338 9.39 -0.79 -6.20
C GLU D 338 8.23 -1.81 -6.04
N ALA D 339 8.40 -3.07 -6.46
CA ALA D 339 7.42 -4.15 -6.20
C ALA D 339 7.66 -4.86 -4.86
N GLY D 340 8.64 -4.33 -4.15
CA GLY D 340 9.05 -4.85 -2.86
C GLY D 340 9.77 -6.16 -3.06
N ARG D 341 10.30 -6.45 -4.23
CA ARG D 341 11.05 -7.68 -4.42
C ARG D 341 12.55 -7.46 -4.10
N TRP D 342 13.16 -8.47 -3.51
CA TRP D 342 14.56 -8.40 -3.10
C TRP D 342 15.46 -8.23 -4.31
N ARG D 343 16.52 -7.49 -4.13
CA ARG D 343 17.52 -7.14 -5.17
C ARG D 343 18.88 -7.76 -4.83
N PRO D 344 19.06 -9.06 -5.13
CA PRO D 344 20.33 -9.70 -4.85
C PRO D 344 21.54 -9.16 -5.64
N ILE D 345 21.32 -8.79 -6.90
CA ILE D 345 22.36 -8.13 -7.76
C ILE D 345 21.99 -6.62 -7.77
N ARG D 346 22.83 -5.81 -7.10
CA ARG D 346 22.57 -4.42 -6.92
C ARG D 346 22.81 -3.57 -8.13
N THR D 347 23.44 -4.16 -9.14
CA THR D 347 23.58 -3.52 -10.46
C THR D 347 22.42 -3.70 -11.38
N TRP D 348 21.40 -4.48 -10.97
CA TRP D 348 20.20 -4.47 -11.76
C TRP D 348 19.50 -3.11 -11.85
N ARG D 349 18.90 -2.90 -13.00
CA ARG D 349 18.27 -1.64 -13.37
C ARG D 349 16.87 -1.53 -12.72
N THR D 350 16.85 -1.72 -11.39
CA THR D 350 15.60 -1.86 -10.61
C THR D 350 15.68 -1.09 -9.31
N LEU D 351 16.59 -0.12 -9.26
CA LEU D 351 16.86 0.61 -8.07
C LEU D 351 15.57 1.42 -7.80
N PRO D 352 15.04 1.38 -6.57
CA PRO D 352 13.77 2.11 -6.39
C PRO D 352 13.96 3.61 -6.38
N ARG D 353 12.91 4.34 -6.72
CA ARG D 353 12.92 5.79 -6.48
C ARG D 353 12.41 6.15 -5.11
N GLY D 354 12.46 7.44 -4.83
CA GLY D 354 11.84 8.03 -3.63
C GLY D 354 12.71 8.30 -2.41
N TRP D 355 13.96 7.92 -2.46
CA TRP D 355 14.88 8.06 -1.39
C TRP D 355 15.91 9.15 -1.66
N ARG D 356 16.59 9.58 -0.60
CA ARG D 356 17.82 10.36 -0.64
C ARG D 356 18.67 10.13 0.59
N ALA D 357 19.95 10.16 0.33
CA ALA D 357 20.97 10.00 1.32
C ALA D 357 21.79 11.26 1.49
N VAL D 358 22.00 11.70 2.73
CA VAL D 358 22.99 12.75 2.97
C VAL D 358 24.12 12.15 3.81
N LEU D 359 25.30 12.05 3.23
CA LEU D 359 26.41 11.37 3.86
C LEU D 359 27.62 12.30 4.10
N SER D 360 28.22 12.11 5.27
CA SER D 360 29.48 12.71 5.60
C SER D 360 30.55 12.13 4.70
N PRO D 361 31.65 12.87 4.49
CA PRO D 361 32.75 12.37 3.70
C PRO D 361 33.28 11.11 4.31
N ALA D 362 33.18 10.99 5.64
CA ALA D 362 33.63 9.78 6.30
C ALA D 362 32.76 8.61 5.95
N ASP D 363 31.48 8.84 5.68
CA ASP D 363 30.52 7.74 5.41
C ASP D 363 30.30 7.39 3.94
N LEU D 364 30.83 8.19 3.05
CA LEU D 364 30.65 8.00 1.63
C LEU D 364 31.04 6.61 1.11
N ARG D 365 32.22 6.13 1.50
CA ARG D 365 32.72 4.89 1.03
C ARG D 365 31.81 3.71 1.40
N LEU D 366 31.49 3.59 2.68
CA LEU D 366 30.63 2.49 3.17
C LEU D 366 29.24 2.57 2.52
N GLY D 367 28.72 3.79 2.45
CA GLY D 367 27.47 4.03 1.71
C GLY D 367 27.48 3.50 0.29
N LEU D 368 28.47 3.92 -0.50
CA LEU D 368 28.58 3.44 -1.92
C LEU D 368 28.89 1.94 -2.01
N GLU D 369 29.65 1.43 -1.06
CA GLU D 369 30.03 0.04 -1.11
C GLU D 369 28.85 -0.88 -0.75
N LEU D 370 27.97 -0.42 0.13
CA LEU D 370 26.75 -1.18 0.48
C LEU D 370 25.63 -0.98 -0.61
N LEU D 371 25.64 0.17 -1.25
CA LEU D 371 24.73 0.50 -2.32
C LEU D 371 24.99 -0.30 -3.62
N TYR D 372 26.24 -0.32 -4.05
CA TYR D 372 26.66 -0.95 -5.26
C TYR D 372 27.93 -1.75 -4.94
N PRO D 373 27.80 -2.88 -4.32
CA PRO D 373 29.03 -3.57 -3.98
C PRO D 373 29.96 -3.93 -5.17
N ALA D 374 31.22 -3.60 -4.98
CA ALA D 374 32.29 -4.02 -5.84
C ALA D 374 32.34 -3.22 -7.12
N VAL D 375 31.46 -2.25 -7.32
CA VAL D 375 31.42 -1.51 -8.55
C VAL D 375 32.55 -0.50 -8.68
N ILE D 376 32.84 0.25 -7.61
CA ILE D 376 33.94 1.24 -7.64
C ILE D 376 35.30 0.54 -7.99
N GLU D 377 35.59 -0.57 -7.29
CA GLU D 377 36.86 -1.25 -7.37
C GLU D 377 36.98 -1.87 -8.76
N GLU D 378 35.98 -2.62 -9.20
CA GLU D 378 36.01 -3.26 -10.52
C GLU D 378 36.01 -2.24 -11.64
N SER D 379 35.30 -1.13 -11.45
CA SER D 379 35.20 -0.16 -12.54
C SER D 379 36.56 0.53 -12.71
N TYR D 380 37.25 0.79 -11.60
CA TYR D 380 38.53 1.52 -11.59
C TYR D 380 39.57 0.65 -12.23
N ALA D 381 39.61 -0.60 -11.79
CA ALA D 381 40.46 -1.63 -12.39
C ALA D 381 40.28 -1.81 -13.89
N HIS D 382 39.06 -1.82 -14.39
CA HIS D 382 38.80 -1.91 -15.81
C HIS D 382 39.14 -0.63 -16.56
N GLU D 383 38.92 0.52 -15.93
CA GLU D 383 39.30 1.78 -16.51
C GLU D 383 40.80 1.73 -16.89
N HIS D 384 41.62 1.18 -15.98
CA HIS D 384 43.08 1.00 -16.17
C HIS D 384 43.49 -0.39 -16.67
N ARG D 385 42.56 -1.05 -17.35
CA ARG D 385 42.78 -2.31 -18.01
C ARG D 385 43.49 -3.31 -17.15
N ARG D 386 43.12 -3.40 -15.88
CA ARG D 386 43.66 -4.42 -15.02
C ARG D 386 42.62 -5.23 -14.26
N LEU D 387 41.44 -5.38 -14.86
CA LEU D 387 40.42 -6.25 -14.30
C LEU D 387 40.46 -7.63 -14.96
N HIS D 388 40.79 -8.64 -14.19
CA HIS D 388 40.83 -9.99 -14.70
C HIS D 388 39.44 -10.58 -14.69
N TRP D 389 38.98 -11.12 -15.80
CA TRP D 389 37.68 -11.79 -15.82
C TRP D 389 37.77 -13.32 -15.86
N THR D 390 36.73 -13.99 -15.36
CA THR D 390 36.69 -15.44 -15.24
C THR D 390 35.78 -16.03 -16.31
N PRO D 391 36.33 -16.90 -17.19
CA PRO D 391 35.57 -17.64 -18.19
C PRO D 391 34.39 -18.39 -17.57
N TRP D 392 33.27 -18.48 -18.28
CA TRP D 392 32.10 -19.22 -17.81
C TRP D 392 32.48 -20.60 -17.18
N MET D 393 33.32 -21.35 -17.88
CA MET D 393 33.52 -22.77 -17.52
C MET D 393 34.30 -22.89 -16.25
N SER D 394 35.22 -21.95 -16.03
CA SER D 394 35.88 -21.85 -14.76
C SER D 394 34.86 -21.64 -13.58
N THR D 395 33.86 -20.77 -13.77
CA THR D 395 32.89 -20.53 -12.71
C THR D 395 32.07 -21.79 -12.55
N ALA D 396 31.71 -22.43 -13.66
CA ALA D 396 30.75 -23.52 -13.59
C ALA D 396 31.39 -24.69 -12.89
N ARG D 397 32.67 -24.95 -13.23
CA ARG D 397 33.39 -26.09 -12.67
C ARG D 397 33.60 -26.02 -11.16
N ARG D 398 33.64 -24.80 -10.57
CA ARG D 398 33.70 -24.68 -9.08
C ARG D 398 32.43 -25.15 -8.37
N GLN D 399 31.31 -25.06 -9.06
CA GLN D 399 30.02 -25.27 -8.42
C GLN D 399 29.79 -26.71 -7.99
N THR D 400 29.12 -26.86 -6.85
CA THR D 400 28.79 -28.15 -6.26
C THR D 400 27.30 -28.28 -6.04
N GLY D 401 26.85 -29.43 -5.54
CA GLY D 401 25.44 -29.64 -5.27
C GLY D 401 24.56 -29.67 -6.51
N THR D 402 23.39 -29.06 -6.43
CA THR D 402 22.47 -28.92 -7.59
C THR D 402 23.06 -28.05 -8.68
N LEU D 403 23.83 -27.06 -8.26
CA LEU D 403 24.45 -26.16 -9.20
C LEU D 403 25.46 -26.88 -10.08
N ALA D 404 25.93 -28.07 -9.71
CA ALA D 404 26.93 -28.76 -10.52
C ALA D 404 26.54 -29.03 -11.99
N ARG D 405 25.25 -29.20 -12.25
CA ARG D 405 24.71 -29.40 -13.60
C ARG D 405 24.95 -28.25 -14.58
N VAL D 406 25.13 -27.02 -14.10
CA VAL D 406 25.41 -25.87 -15.03
C VAL D 406 26.62 -26.15 -15.93
N GLN D 407 27.55 -27.00 -15.48
CA GLN D 407 28.73 -27.42 -16.29
C GLN D 407 28.37 -28.09 -17.61
N ARG D 408 27.23 -28.74 -17.64
CA ARG D 408 26.66 -29.40 -18.85
C ARG D 408 25.97 -28.47 -19.84
N ALA D 409 25.66 -27.24 -19.45
CA ALA D 409 25.00 -26.31 -20.33
C ALA D 409 25.89 -26.15 -21.58
N THR D 410 25.26 -26.19 -22.75
CA THR D 410 25.93 -25.85 -24.01
C THR D 410 26.11 -24.34 -24.12
N PRO D 411 27.07 -23.89 -24.95
CA PRO D 411 27.26 -22.47 -25.26
C PRO D 411 25.95 -21.81 -25.65
N ASP D 412 25.20 -22.44 -26.56
CA ASP D 412 23.92 -21.84 -26.94
C ASP D 412 23.03 -21.69 -25.69
N GLN D 413 22.91 -22.70 -24.78
CA GLN D 413 22.10 -22.56 -23.57
C GLN D 413 22.56 -21.36 -22.70
N VAL D 414 23.87 -21.18 -22.51
CA VAL D 414 24.33 -20.07 -21.66
C VAL D 414 24.13 -18.71 -22.32
N ASP D 415 24.38 -18.60 -23.62
CA ASP D 415 24.26 -17.31 -24.34
C ASP D 415 22.78 -16.84 -24.35
N THR D 416 21.87 -17.81 -24.50
CA THR D 416 20.42 -17.61 -24.53
C THR D 416 19.88 -17.16 -23.17
N VAL D 417 20.34 -17.82 -22.13
CA VAL D 417 19.95 -17.47 -20.77
C VAL D 417 20.61 -16.10 -20.41
N ALA D 418 21.90 -15.93 -20.69
CA ALA D 418 22.52 -14.68 -20.32
C ALA D 418 21.82 -13.50 -21.03
N ALA D 419 21.41 -13.64 -22.30
CA ALA D 419 20.71 -12.57 -22.98
C ALA D 419 19.43 -12.14 -22.27
N GLN D 420 18.75 -13.09 -21.66
CA GLN D 420 17.49 -12.78 -20.94
C GLN D 420 17.78 -12.24 -19.53
N VAL D 421 18.69 -12.88 -18.80
CA VAL D 421 18.98 -12.45 -17.40
C VAL D 421 19.74 -11.12 -17.28
N CYS D 422 20.85 -11.07 -17.99
CA CYS D 422 21.78 -9.93 -17.95
C CYS D 422 21.22 -8.66 -18.55
N ALA D 423 20.17 -8.80 -19.37
CA ALA D 423 19.35 -7.68 -19.91
C ALA D 423 18.88 -6.70 -18.79
N SER D 424 18.62 -7.24 -17.61
CA SER D 424 18.24 -6.47 -16.43
C SER D 424 19.35 -5.70 -15.73
N CYS D 425 20.60 -5.97 -16.12
CA CYS D 425 21.77 -5.63 -15.37
C CYS D 425 22.43 -4.42 -16.01
N LEU D 426 22.97 -3.52 -15.21
CA LEU D 426 23.76 -2.42 -15.78
C LEU D 426 25.13 -2.85 -16.35
N ARG D 427 25.61 -4.01 -15.90
CA ARG D 427 27.01 -4.42 -16.19
C ARG D 427 27.13 -5.04 -17.60
N THR D 428 28.36 -5.02 -18.10
CA THR D 428 28.65 -5.57 -19.43
C THR D 428 29.45 -6.87 -19.19
N ARG D 429 28.92 -8.01 -19.69
CA ARG D 429 29.49 -9.37 -19.45
C ARG D 429 30.81 -9.64 -20.22
N LEU D 430 31.87 -9.00 -19.73
CA LEU D 430 33.29 -9.21 -20.15
C LEU D 430 33.70 -10.68 -20.34
N TRP D 431 33.25 -11.50 -19.41
CA TRP D 431 33.49 -12.95 -19.40
C TRP D 431 32.86 -13.65 -20.61
N ALA D 432 31.93 -12.97 -21.29
CA ALA D 432 31.31 -13.50 -22.52
C ALA D 432 31.84 -12.81 -23.80
N GLY D 433 32.99 -12.20 -23.72
CA GLY D 433 33.51 -11.51 -24.85
C GLY D 433 32.88 -10.15 -25.17
N HIS D 434 31.91 -9.66 -24.37
CA HIS D 434 31.38 -8.35 -24.61
C HIS D 434 32.47 -7.40 -24.18
N THR D 435 32.67 -6.33 -24.89
CA THR D 435 33.63 -5.33 -24.43
C THR D 435 33.00 -4.03 -23.84
N LEU D 436 33.81 -3.31 -23.08
CA LEU D 436 33.37 -2.09 -22.45
C LEU D 436 34.51 -1.11 -22.59
N GLY D 437 34.31 -0.08 -23.41
CA GLY D 437 35.32 0.94 -23.58
C GLY D 437 35.32 1.81 -22.35
N GLN D 438 34.42 2.77 -22.30
CA GLN D 438 34.35 3.70 -21.17
C GLN D 438 33.56 3.15 -19.93
N THR D 439 33.90 3.70 -18.77
CA THR D 439 33.35 3.36 -17.49
C THR D 439 32.74 4.60 -16.84
N ILE D 440 32.17 4.40 -15.66
CA ILE D 440 31.76 5.47 -14.74
C ILE D 440 32.90 6.46 -14.45
N PHE D 441 34.14 5.95 -14.53
CA PHE D 441 35.34 6.79 -14.39
C PHE D 441 35.77 7.54 -15.63
N SER D 442 35.19 7.29 -16.78
CA SER D 442 35.45 8.11 -17.94
C SER D 442 34.10 8.62 -18.50
N GLY D 443 33.20 8.93 -17.56
CA GLY D 443 32.01 9.77 -17.86
C GLY D 443 30.74 9.09 -18.29
N VAL D 444 30.72 7.76 -18.24
CA VAL D 444 29.58 7.03 -18.74
C VAL D 444 28.87 6.37 -17.55
N PRO D 445 27.66 6.85 -17.22
CA PRO D 445 26.96 6.34 -15.98
C PRO D 445 26.70 4.85 -15.98
N GLY D 446 26.36 4.33 -17.17
CA GLY D 446 26.01 2.92 -17.36
C GLY D 446 27.17 1.96 -17.69
N GLY D 447 28.41 2.47 -17.64
CA GLY D 447 29.62 1.69 -17.94
C GLY D 447 30.24 0.98 -16.74
N LEU D 448 29.78 -0.24 -16.51
CA LEU D 448 30.17 -1.07 -15.35
C LEU D 448 30.54 -2.41 -15.87
N PRO D 449 31.70 -2.93 -15.46
CA PRO D 449 32.07 -4.24 -15.90
C PRO D 449 31.48 -5.39 -15.10
N CYS D 450 31.20 -6.48 -15.79
CA CYS D 450 30.94 -7.74 -15.12
C CYS D 450 32.14 -8.65 -15.35
N ALA D 451 32.88 -8.98 -14.28
CA ALA D 451 34.09 -9.86 -14.36
C ALA D 451 33.80 -11.38 -14.24
N GLU D 452 32.57 -11.76 -13.86
CA GLU D 452 32.22 -13.18 -13.69
C GLU D 452 30.73 -13.40 -13.61
N ALA D 453 30.26 -14.48 -14.19
CA ALA D 453 28.90 -14.98 -14.01
C ALA D 453 28.45 -14.99 -12.55
N CYS D 454 27.33 -14.36 -12.23
CA CYS D 454 26.82 -14.25 -10.87
C CYS D 454 25.88 -15.40 -10.48
N THR D 455 25.54 -15.51 -9.18
CA THR D 455 24.71 -16.62 -8.72
C THR D 455 23.31 -16.64 -9.33
N VAL D 456 22.76 -15.47 -9.64
CA VAL D 456 21.43 -15.42 -10.26
C VAL D 456 21.52 -16.03 -11.67
N LEU D 457 22.52 -15.61 -12.44
CA LEU D 457 22.73 -16.19 -13.76
C LEU D 457 23.00 -17.74 -13.72
N LEU D 458 23.80 -18.18 -12.74
CA LEU D 458 24.04 -19.62 -12.50
C LEU D 458 22.75 -20.41 -12.20
N ALA D 459 21.92 -19.87 -11.33
CA ALA D 459 20.65 -20.55 -11.05
C ALA D 459 19.72 -20.61 -12.27
N ALA D 460 19.73 -19.53 -13.05
CA ALA D 460 18.91 -19.48 -14.26
C ALA D 460 19.38 -20.50 -15.30
N VAL D 461 20.69 -20.73 -15.37
CA VAL D 461 21.23 -21.72 -16.28
C VAL D 461 20.94 -23.15 -15.79
N ARG D 462 21.02 -23.35 -14.50
CA ARG D 462 20.62 -24.62 -13.87
C ARG D 462 19.17 -24.95 -14.21
N ASP D 463 18.27 -23.99 -14.00
CA ASP D 463 16.86 -24.18 -14.35
C ASP D 463 16.66 -24.53 -15.82
N GLU D 464 17.45 -23.96 -16.69
CA GLU D 464 17.35 -24.19 -18.12
C GLU D 464 17.86 -25.60 -18.49
N VAL D 465 19.04 -25.98 -17.98
CA VAL D 465 19.57 -27.33 -18.17
C VAL D 465 18.55 -28.37 -17.65
N GLY D 466 17.91 -28.07 -16.51
CA GLY D 466 16.81 -28.88 -15.96
C GLY D 466 15.54 -29.04 -16.83
N ARG D 467 15.08 -27.95 -17.46
CA ARG D 467 13.94 -28.00 -18.41
C ARG D 467 14.26 -28.83 -19.70
N GLU D 468 15.55 -28.83 -20.06
CA GLU D 468 16.00 -29.66 -21.16
C GLU D 468 16.32 -31.09 -20.67
#